data_7AAS
#
_entry.id   7AAS
#
_cell.length_a   77.832
_cell.length_b   143.002
_cell.length_c   206.174
_cell.angle_alpha   90.000
_cell.angle_beta   90.000
_cell.angle_gamma   90.000
#
_symmetry.space_group_name_H-M   'P 21 21 21'
#
loop_
_entity.id
_entity.type
_entity.pdbx_description
1 polymer 'S-(hydroxymethyl)glutathione dehydrogenase'
2 non-polymer 'ZINC ION'
3 non-polymer DI(HYDROXYETHYL)ETHER
4 non-polymer 'CHLORIDE ION'
5 water water
#
_entity_poly.entity_id   1
_entity_poly.type   'polypeptide(L)'
_entity_poly.pdbx_seq_one_letter_code
;MSETAGKPIECKAAIAWEAKKPLEVRTVTVAPPGPGEVRVQIKATALCQTDAYTLGGLDPEGRFPCILGHEAAGVVESVG
EGVTSVKPGDHVIPCYQAYCGECKFCKHPESNLCVSVRAFTGKGVMKSDGKPRFTVDGKPIYHFMGTSTFSEYTVVHEQS
VAKIDVNAPLDKVCLLGCGVSTGWGAVFNTAKVTAGSTVAVFGLGAVGLAVIEAAKRAGASRIIAVDIDPTKFPTAKEFG
ATDCINPKDHEKPIQQVIVEMTEWGCDYTFECIGNTAVMRAALECAHRGWGTSVIVGVAAAGQEISTRPFQLVTGRRWMG
TAFGGYKSRVQVPDLVTDYMSGATLLDKYITHNMKFDQINEAFELLHAGECLRCVLTF
;
_entity_poly.pdbx_strand_id   A,B,C,D,E,F
#
loop_
_chem_comp.id
_chem_comp.type
_chem_comp.name
_chem_comp.formula
CL non-polymer 'CHLORIDE ION' 'Cl -1'
PEG non-polymer DI(HYDROXYETHYL)ETHER 'C4 H10 O3'
ZN non-polymer 'ZINC ION' 'Zn 2'
#
# COMPACT_ATOMS: atom_id res chain seq x y z
N SER A 2 43.60 10.15 4.11
CA SER A 2 42.65 10.14 5.23
C SER A 2 43.03 9.17 6.34
N GLU A 3 42.84 9.64 7.58
CA GLU A 3 43.15 8.80 8.74
C GLU A 3 42.06 7.77 8.99
N THR A 4 40.82 8.05 8.60
CA THR A 4 39.69 7.23 9.01
C THR A 4 39.21 6.25 7.95
N ALA A 5 39.50 6.50 6.67
CA ALA A 5 38.99 5.67 5.59
C ALA A 5 39.37 4.20 5.82
N GLY A 6 38.42 3.32 5.56
CA GLY A 6 38.61 1.89 5.71
C GLY A 6 38.62 1.41 7.14
N LYS A 7 38.41 2.27 8.12
CA LYS A 7 38.53 1.88 9.52
C LYS A 7 37.28 2.29 10.29
N PRO A 8 36.98 1.58 11.38
CA PRO A 8 35.87 2.01 12.23
C PRO A 8 36.15 3.36 12.88
N ILE A 9 35.08 4.10 13.14
CA ILE A 9 35.18 5.42 13.75
C ILE A 9 34.45 5.39 15.09
N GLU A 10 35.13 5.87 16.14
CA GLU A 10 34.51 6.12 17.43
C GLU A 10 34.07 7.57 17.46
N CYS A 11 32.80 7.81 17.71
CA CYS A 11 32.30 9.18 17.64
C CYS A 11 31.09 9.32 18.54
N LYS A 12 30.70 10.56 18.76
CA LYS A 12 29.57 10.85 19.62
C LYS A 12 28.24 10.60 18.91
N ALA A 13 27.28 10.03 19.65
CA ALA A 13 25.94 9.84 19.10
C ALA A 13 24.94 9.85 20.24
N ALA A 14 23.67 9.95 19.89
CA ALA A 14 22.58 9.87 20.85
C ALA A 14 21.85 8.56 20.59
N ILE A 15 21.91 7.64 21.55
CA ILE A 15 21.35 6.29 21.44
C ILE A 15 19.96 6.26 22.07
N ALA A 16 18.98 5.70 21.35
CA ALA A 16 17.68 5.35 21.90
C ALA A 16 17.74 3.86 22.28
N TRP A 17 18.07 3.60 23.55
CA TRP A 17 18.19 2.22 24.03
C TRP A 17 16.84 1.54 24.04
N GLU A 18 15.78 2.28 24.36
CA GLU A 18 14.42 1.77 24.35
C GLU A 18 13.48 2.95 24.24
N ALA A 19 12.22 2.64 24.01
CA ALA A 19 11.20 3.66 23.83
C ALA A 19 10.88 4.36 25.15
N LYS A 20 10.43 5.62 25.04
CA LYS A 20 9.92 6.42 26.16
C LYS A 20 10.99 6.67 27.23
N LYS A 21 12.26 6.62 26.86
CA LYS A 21 13.36 6.94 27.73
C LYS A 21 14.21 8.04 27.11
N PRO A 22 14.90 8.85 27.91
CA PRO A 22 15.81 9.86 27.34
C PRO A 22 16.86 9.20 26.48
N LEU A 23 17.34 9.94 25.48
CA LEU A 23 18.45 9.44 24.69
C LEU A 23 19.74 9.49 25.51
N GLU A 24 20.62 8.52 25.31
CA GLU A 24 21.93 8.59 25.93
C GLU A 24 22.93 9.11 24.92
N VAL A 25 23.55 10.25 25.25
CA VAL A 25 24.66 10.79 24.48
C VAL A 25 25.94 10.10 24.94
N ARG A 26 26.64 9.43 24.02
CA ARG A 26 27.78 8.59 24.37
C ARG A 26 28.51 8.20 23.08
N THR A 27 29.61 7.48 23.23
CA THR A 27 30.39 7.12 22.06
C THR A 27 29.81 5.86 21.40
N VAL A 28 29.89 5.81 20.07
CA VAL A 28 29.46 4.66 19.30
C VAL A 28 30.58 4.33 18.31
N THR A 29 30.57 3.09 17.84
CA THR A 29 31.49 2.60 16.81
C THR A 29 30.75 2.53 15.49
N VAL A 30 31.29 3.20 14.47
CA VAL A 30 30.67 3.30 13.16
C VAL A 30 31.56 2.56 12.18
N ALA A 31 31.06 1.42 11.66
CA ALA A 31 31.82 0.63 10.70
C ALA A 31 32.07 1.44 9.42
N PRO A 32 33.13 1.10 8.67
CA PRO A 32 33.34 1.73 7.38
C PRO A 32 32.27 1.30 6.39
N PRO A 33 32.09 2.06 5.29
CA PRO A 33 31.01 1.74 4.35
C PRO A 33 31.29 0.49 3.54
N GLY A 34 30.26 -0.36 3.43
CA GLY A 34 30.29 -1.54 2.58
C GLY A 34 29.96 -1.18 1.13
N PRO A 35 29.77 -2.18 0.28
CA PRO A 35 29.51 -1.88 -1.14
C PRO A 35 28.27 -1.00 -1.30
N GLY A 36 28.38 0.03 -2.13
CA GLY A 36 27.27 0.93 -2.42
C GLY A 36 26.86 1.82 -1.27
N GLU A 37 27.71 1.99 -0.25
CA GLU A 37 27.39 2.77 0.94
C GLU A 37 28.32 3.97 1.06
N VAL A 38 27.86 4.96 1.84
CA VAL A 38 28.57 6.24 2.01
C VAL A 38 28.59 6.58 3.49
N ARG A 39 29.77 6.89 4.02
CA ARG A 39 29.89 7.32 5.41
C ARG A 39 30.01 8.84 5.42
N VAL A 40 29.10 9.48 6.14
CA VAL A 40 28.90 10.93 6.08
C VAL A 40 29.23 11.49 7.46
N GLN A 41 30.01 12.58 7.48
CA GLN A 41 30.23 13.34 8.71
C GLN A 41 29.10 14.36 8.82
N ILE A 42 28.23 14.18 9.81
CA ILE A 42 27.08 15.06 10.01
C ILE A 42 27.57 16.38 10.58
N LYS A 43 27.28 17.49 9.89
CA LYS A 43 27.67 18.81 10.39
C LYS A 43 26.53 19.54 11.09
N ALA A 44 25.28 19.20 10.77
CA ALA A 44 24.13 19.78 11.43
C ALA A 44 22.95 18.84 11.27
N THR A 45 22.14 18.70 12.33
CA THR A 45 20.96 17.85 12.27
C THR A 45 19.85 18.48 13.08
N ALA A 46 18.63 18.43 12.53
CA ALA A 46 17.44 18.99 13.17
C ALA A 46 16.57 17.85 13.69
N LEU A 47 15.56 18.22 14.47
CA LEU A 47 14.62 17.27 15.03
C LEU A 47 13.24 17.49 14.43
N CYS A 48 12.46 16.41 14.41
CA CYS A 48 11.15 16.40 13.78
C CYS A 48 10.22 15.54 14.61
N GLN A 49 8.92 15.84 14.56
CA GLN A 49 7.94 15.01 15.25
C GLN A 49 8.06 13.53 14.87
N THR A 50 8.55 13.22 13.67
CA THR A 50 8.74 11.81 13.30
C THR A 50 9.77 11.12 14.19
N ASP A 51 10.87 11.80 14.52
CA ASP A 51 11.80 11.23 15.48
C ASP A 51 11.12 10.96 16.81
N ALA A 52 10.34 11.94 17.29
CA ALA A 52 9.67 11.79 18.59
C ALA A 52 8.62 10.69 18.57
N TYR A 53 7.93 10.53 17.43
CA TYR A 53 6.93 9.46 17.29
C TYR A 53 7.53 8.09 17.54
N THR A 54 8.69 7.80 16.92
CA THR A 54 9.31 6.51 17.12
C THR A 54 9.90 6.41 18.53
N LEU A 55 10.47 7.52 19.03
CA LEU A 55 11.03 7.53 20.38
C LEU A 55 9.96 7.29 21.43
N GLY A 56 8.73 7.73 21.18
CA GLY A 56 7.65 7.46 22.11
C GLY A 56 7.06 6.07 22.09
N GLY A 57 7.62 5.15 21.29
CA GLY A 57 7.10 3.80 21.22
C GLY A 57 5.84 3.63 20.42
N LEU A 58 5.50 4.58 19.55
CA LEU A 58 4.29 4.50 18.74
C LEU A 58 4.50 3.86 17.38
N ASP A 59 5.75 3.68 16.97
CA ASP A 59 6.05 3.22 15.62
C ASP A 59 5.91 1.70 15.54
N PRO A 60 5.08 1.17 14.64
CA PRO A 60 5.00 -0.30 14.49
C PRO A 60 6.32 -0.94 14.10
N GLU A 61 7.08 -0.28 13.23
CA GLU A 61 8.37 -0.81 12.81
C GLU A 61 9.53 -0.28 13.64
N GLY A 62 9.24 0.43 14.74
CA GLY A 62 10.29 0.89 15.62
C GLY A 62 11.15 -0.28 16.10
N ARG A 63 12.46 -0.05 16.14
CA ARG A 63 13.40 -1.11 16.48
C ARG A 63 14.46 -0.54 17.40
N PHE A 64 14.60 -1.13 18.59
CA PHE A 64 15.55 -0.63 19.55
C PHE A 64 16.56 -1.70 19.89
N PRO A 65 17.80 -1.32 20.24
CA PRO A 65 18.23 0.08 20.29
C PRO A 65 18.54 0.64 18.90
N CYS A 66 18.41 1.95 18.73
CA CYS A 66 18.62 2.56 17.44
C CYS A 66 19.10 3.99 17.61
N ILE A 67 19.62 4.54 16.51
CA ILE A 67 20.04 5.92 16.42
C ILE A 67 19.06 6.63 15.49
N LEU A 68 18.29 7.56 16.04
CA LEU A 68 17.24 8.27 15.32
C LEU A 68 17.86 9.42 14.53
N GLY A 69 17.02 10.29 13.96
CA GLY A 69 17.49 11.44 13.23
C GLY A 69 17.42 11.25 11.72
N HIS A 70 16.79 12.19 11.03
CA HIS A 70 16.69 12.08 9.56
C HIS A 70 16.76 13.41 8.83
N GLU A 71 16.87 14.54 9.51
CA GLU A 71 17.06 15.84 8.88
C GLU A 71 18.50 16.26 9.16
N ALA A 72 19.34 16.22 8.13
CA ALA A 72 20.74 16.57 8.35
C ALA A 72 21.43 17.00 7.06
N ALA A 73 22.59 17.63 7.23
CA ALA A 73 23.51 17.89 6.13
C ALA A 73 24.93 17.68 6.62
N GLY A 74 25.83 17.41 5.69
CA GLY A 74 27.20 17.10 6.09
C GLY A 74 28.12 16.88 4.90
N VAL A 75 29.21 16.18 5.17
CA VAL A 75 30.32 16.04 4.24
C VAL A 75 30.70 14.57 4.17
N VAL A 76 30.99 14.09 2.97
CA VAL A 76 31.35 12.69 2.77
C VAL A 76 32.73 12.46 3.37
N GLU A 77 32.81 11.50 4.29
CA GLU A 77 34.11 11.06 4.84
C GLU A 77 34.74 9.94 4.00
N SER A 78 33.96 8.94 3.59
CA SER A 78 34.49 7.91 2.70
C SER A 78 33.33 7.23 1.99
N VAL A 79 33.66 6.51 0.90
CA VAL A 79 32.66 5.75 0.15
C VAL A 79 33.09 4.28 0.05
N GLY A 80 32.09 3.41 -0.06
CA GLY A 80 32.33 1.98 -0.21
C GLY A 80 32.50 1.54 -1.66
N GLU A 81 32.68 0.23 -1.83
CA GLU A 81 33.02 -0.32 -3.13
C GLU A 81 31.98 0.04 -4.17
N GLY A 82 32.45 0.53 -5.33
CA GLY A 82 31.57 0.81 -6.46
C GLY A 82 30.84 2.14 -6.44
N VAL A 83 31.00 2.95 -5.39
CA VAL A 83 30.31 4.23 -5.33
C VAL A 83 31.09 5.23 -6.19
N THR A 84 30.39 5.85 -7.14
CA THR A 84 31.02 6.89 -7.94
C THR A 84 30.21 8.18 -7.98
N SER A 85 29.01 8.22 -7.42
CA SER A 85 28.21 9.44 -7.53
C SER A 85 28.64 10.53 -6.55
N VAL A 86 29.31 10.17 -5.46
CA VAL A 86 29.92 11.12 -4.54
C VAL A 86 31.32 10.62 -4.20
N LYS A 87 32.11 11.51 -3.60
CA LYS A 87 33.49 11.25 -3.24
C LYS A 87 33.80 12.00 -1.97
N PRO A 88 34.88 11.65 -1.26
CA PRO A 88 35.21 12.35 -0.01
C PRO A 88 35.31 13.86 -0.24
N GLY A 89 34.75 14.62 0.69
CA GLY A 89 34.74 16.07 0.57
C GLY A 89 33.46 16.66 -0.02
N ASP A 90 32.65 15.87 -0.73
CA ASP A 90 31.39 16.38 -1.27
C ASP A 90 30.44 16.76 -0.14
N HIS A 91 29.70 17.83 -0.32
CA HIS A 91 28.66 18.21 0.62
C HIS A 91 27.36 17.53 0.24
N VAL A 92 26.66 16.95 1.23
CA VAL A 92 25.53 16.08 0.94
C VAL A 92 24.39 16.28 1.94
N ILE A 93 23.19 15.90 1.51
CA ILE A 93 22.04 15.73 2.38
C ILE A 93 21.59 14.27 2.28
N PRO A 94 21.63 13.51 3.37
CA PRO A 94 21.09 12.15 3.33
C PRO A 94 19.56 12.21 3.47
N CYS A 95 18.87 11.41 2.66
CA CYS A 95 17.43 11.52 2.50
C CYS A 95 16.75 10.22 2.89
N TYR A 96 15.69 10.31 3.71
CA TYR A 96 14.96 9.10 4.05
C TYR A 96 14.25 8.49 2.85
N GLN A 97 13.97 9.27 1.80
CA GLN A 97 13.38 8.75 0.56
C GLN A 97 14.50 8.62 -0.46
N ALA A 98 14.82 7.38 -0.83
CA ALA A 98 15.92 7.15 -1.74
C ALA A 98 15.52 7.46 -3.18
N TYR A 99 16.52 7.45 -4.06
CA TYR A 99 16.32 7.62 -5.51
C TYR A 99 17.35 6.76 -6.23
N CYS A 100 16.89 5.78 -6.99
CA CYS A 100 17.80 4.90 -7.70
C CYS A 100 17.84 5.14 -9.19
N GLY A 101 16.81 5.78 -9.76
CA GLY A 101 16.79 6.06 -11.18
C GLY A 101 16.44 4.89 -12.07
N GLU A 102 16.23 3.69 -11.51
CA GLU A 102 16.00 2.50 -12.32
C GLU A 102 14.67 1.79 -12.06
N CYS A 103 14.08 1.95 -10.87
CA CYS A 103 12.86 1.22 -10.59
C CYS A 103 11.64 1.91 -11.24
N LYS A 104 10.49 1.23 -11.17
CA LYS A 104 9.27 1.74 -11.80
C LYS A 104 8.88 3.13 -11.29
N PHE A 105 9.13 3.39 -10.02
CA PHE A 105 8.74 4.65 -9.39
C PHE A 105 9.71 5.76 -9.75
N CYS A 106 11.01 5.47 -9.76
CA CYS A 106 11.97 6.49 -10.18
C CYS A 106 11.76 6.88 -11.65
N LYS A 107 11.32 5.94 -12.47
CA LYS A 107 11.10 6.21 -13.89
C LYS A 107 9.74 6.82 -14.20
N HIS A 108 8.88 7.03 -13.19
CA HIS A 108 7.60 7.65 -13.47
C HIS A 108 7.65 9.14 -13.16
N PRO A 109 7.15 9.99 -14.06
CA PRO A 109 7.20 11.43 -13.83
C PRO A 109 6.49 11.91 -12.58
N GLU A 110 5.53 11.15 -12.04
CA GLU A 110 4.67 11.64 -10.96
C GLU A 110 4.89 10.90 -9.65
N SER A 111 5.97 10.14 -9.51
CA SER A 111 6.22 9.47 -8.24
C SER A 111 7.67 9.66 -7.84
N ASN A 112 7.91 9.65 -6.53
CA ASN A 112 9.27 9.64 -5.97
C ASN A 112 9.47 8.43 -5.07
N LEU A 113 8.60 7.42 -5.16
CA LEU A 113 8.58 6.37 -4.13
C LEU A 113 9.49 5.20 -4.54
N CYS A 114 10.77 5.52 -4.64
CA CYS A 114 11.77 4.51 -4.98
C CYS A 114 11.70 3.33 -4.01
N VAL A 115 11.82 2.10 -4.54
CA VAL A 115 11.79 0.88 -3.74
C VAL A 115 13.16 0.22 -3.62
N SER A 116 14.24 0.91 -4.00
CA SER A 116 15.57 0.27 -4.04
C SER A 116 16.03 -0.22 -2.66
N VAL A 117 15.72 0.52 -1.58
CA VAL A 117 16.35 0.21 -0.28
C VAL A 117 15.38 0.21 0.91
N ARG A 118 14.12 0.62 0.69
CA ARG A 118 13.18 0.83 1.79
C ARG A 118 12.91 -0.44 2.59
N ALA A 119 12.98 -1.63 1.97
CA ALA A 119 12.79 -2.87 2.72
C ALA A 119 13.86 -3.03 3.80
N PHE A 120 15.06 -2.54 3.53
CA PHE A 120 16.19 -2.64 4.44
C PHE A 120 16.21 -1.50 5.43
N THR A 121 16.02 -0.27 4.95
CA THR A 121 16.01 0.86 5.87
C THR A 121 14.81 0.78 6.80
N GLY A 122 13.69 0.20 6.33
CA GLY A 122 12.54 0.02 7.20
C GLY A 122 12.83 -0.89 8.39
N LYS A 123 13.79 -1.79 8.24
CA LYS A 123 14.23 -2.68 9.33
C LYS A 123 15.50 -2.19 10.02
N GLY A 124 15.94 -0.97 9.72
CA GLY A 124 17.11 -0.44 10.40
C GLY A 124 18.44 -1.09 10.04
N VAL A 125 18.57 -1.67 8.86
CA VAL A 125 19.80 -2.30 8.41
C VAL A 125 20.16 -1.81 7.01
N MET A 126 21.32 -2.25 6.53
CA MET A 126 21.81 -1.96 5.20
C MET A 126 21.47 -3.11 4.25
N LYS A 127 21.24 -2.75 2.99
CA LYS A 127 20.91 -3.71 1.96
C LYS A 127 22.07 -4.65 1.63
N SER A 128 23.31 -4.17 1.67
CA SER A 128 24.42 -4.97 1.13
C SER A 128 24.54 -6.31 1.84
N ASP A 129 24.38 -6.31 3.18
CA ASP A 129 24.48 -7.54 3.97
C ASP A 129 23.35 -7.75 4.97
N GLY A 130 22.36 -6.88 5.03
CA GLY A 130 21.26 -7.07 5.94
C GLY A 130 21.58 -6.77 7.40
N LYS A 131 22.65 -6.05 7.67
CA LYS A 131 23.12 -5.77 9.01
C LYS A 131 23.29 -4.27 9.21
N PRO A 132 23.29 -3.81 10.47
CA PRO A 132 23.59 -2.39 10.75
C PRO A 132 25.09 -2.13 10.83
N ARG A 133 25.43 -0.84 10.86
CA ARG A 133 26.82 -0.38 10.88
C ARG A 133 27.26 0.19 12.23
N PHE A 134 26.36 0.31 13.20
CA PHE A 134 26.68 0.85 14.52
C PHE A 134 26.81 -0.28 15.53
N THR A 135 27.78 -0.15 16.43
CA THR A 135 27.90 -1.05 17.57
C THR A 135 28.30 -0.29 18.82
N VAL A 136 27.82 -0.77 19.96
CA VAL A 136 28.36 -0.39 21.27
C VAL A 136 28.82 -1.69 21.96
N ASP A 137 30.09 -1.72 22.36
CA ASP A 137 30.69 -2.91 22.96
C ASP A 137 30.46 -4.14 22.08
N GLY A 138 30.51 -3.93 20.76
CA GLY A 138 30.28 -5.00 19.79
C GLY A 138 28.84 -5.39 19.56
N LYS A 139 27.88 -4.83 20.30
CA LYS A 139 26.46 -5.11 20.16
C LYS A 139 25.81 -4.15 19.16
N PRO A 140 24.94 -4.68 18.30
CA PRO A 140 24.40 -3.86 17.20
C PRO A 140 23.44 -2.79 17.69
N ILE A 141 23.55 -1.61 17.07
CA ILE A 141 22.60 -0.51 17.21
C ILE A 141 21.97 -0.27 15.83
N TYR A 142 20.66 -0.24 15.75
CA TYR A 142 20.00 -0.25 14.45
C TYR A 142 19.83 1.16 13.90
N HIS A 143 19.70 1.25 12.58
CA HIS A 143 19.52 2.52 11.89
C HIS A 143 18.04 2.94 11.92
N PHE A 144 17.77 4.17 11.47
CA PHE A 144 16.43 4.76 11.46
C PHE A 144 16.24 5.51 10.17
N MET A 145 15.20 5.15 9.40
CA MET A 145 14.77 5.87 8.21
C MET A 145 15.85 5.93 7.13
N GLY A 146 16.82 5.01 7.22
CA GLY A 146 17.97 5.00 6.32
C GLY A 146 19.01 6.06 6.59
N THR A 147 18.85 6.89 7.61
CA THR A 147 19.69 8.06 7.79
C THR A 147 20.45 8.08 9.10
N SER A 148 19.78 7.87 10.24
CA SER A 148 20.42 7.83 11.57
C SER A 148 21.40 8.99 11.76
N THR A 149 20.87 10.22 11.71
CA THR A 149 21.72 11.41 11.69
C THR A 149 22.07 11.93 13.08
N PHE A 150 21.60 11.30 14.18
CA PHE A 150 22.00 11.69 15.54
C PHE A 150 23.32 11.03 15.94
N SER A 151 24.34 11.28 15.13
CA SER A 151 25.67 10.71 15.29
C SER A 151 26.63 11.56 14.46
N GLU A 152 27.85 11.75 14.97
CA GLU A 152 28.83 12.55 14.22
C GLU A 152 29.10 11.94 12.86
N TYR A 153 29.08 10.61 12.77
CA TYR A 153 29.26 9.89 11.51
C TYR A 153 28.16 8.85 11.37
N THR A 154 27.68 8.68 10.14
CA THR A 154 26.64 7.71 9.86
C THR A 154 26.96 7.05 8.52
N VAL A 155 26.37 5.89 8.30
CA VAL A 155 26.55 5.15 7.05
C VAL A 155 25.20 5.00 6.38
N VAL A 156 25.12 5.39 5.11
CA VAL A 156 23.85 5.39 4.39
C VAL A 156 24.04 4.77 3.01
N HIS A 157 22.93 4.37 2.41
CA HIS A 157 22.95 3.85 1.04
C HIS A 157 23.28 4.97 0.07
N GLU A 158 24.07 4.64 -0.97
CA GLU A 158 24.38 5.63 -2.01
C GLU A 158 23.10 6.24 -2.58
N GLN A 159 22.04 5.44 -2.69
CA GLN A 159 20.77 5.93 -3.25
C GLN A 159 20.11 7.01 -2.38
N SER A 160 20.56 7.18 -1.14
CA SER A 160 19.99 8.16 -0.21
C SER A 160 20.76 9.50 -0.18
N VAL A 161 21.84 9.63 -0.94
CA VAL A 161 22.78 10.72 -0.76
C VAL A 161 22.58 11.75 -1.87
N ALA A 162 22.02 12.92 -1.52
CA ALA A 162 21.90 14.01 -2.48
C ALA A 162 23.17 14.85 -2.44
N LYS A 163 23.80 15.06 -3.58
CA LYS A 163 25.01 15.88 -3.64
C LYS A 163 24.62 17.34 -3.91
N ILE A 164 25.06 18.26 -3.03
CA ILE A 164 24.55 19.62 -3.05
C ILE A 164 25.69 20.62 -3.24
N ASP A 165 25.29 21.85 -3.58
CA ASP A 165 26.19 22.98 -3.72
C ASP A 165 27.07 23.14 -2.48
N VAL A 166 28.39 23.11 -2.70
CA VAL A 166 29.38 23.24 -1.61
C VAL A 166 29.24 24.58 -0.88
N ASN A 167 28.63 25.59 -1.52
CA ASN A 167 28.48 26.91 -0.92
C ASN A 167 27.30 27.02 0.04
N ALA A 168 26.38 26.06 0.05
CA ALA A 168 25.20 26.17 0.91
C ALA A 168 25.56 26.00 2.38
N PRO A 169 24.94 26.78 3.28
CA PRO A 169 25.17 26.60 4.73
C PRO A 169 24.46 25.33 5.23
N LEU A 170 25.25 24.42 5.80
CA LEU A 170 24.75 23.10 6.16
C LEU A 170 23.76 23.16 7.31
N ASP A 171 23.82 24.19 8.15
CA ASP A 171 22.90 24.29 9.27
C ASP A 171 21.58 24.94 8.87
N LYS A 172 21.38 25.28 7.60
CA LYS A 172 20.07 25.65 7.07
C LYS A 172 19.49 24.58 6.17
N VAL A 173 20.29 24.06 5.22
CA VAL A 173 19.70 23.15 4.23
C VAL A 173 19.45 21.77 4.81
N CYS A 174 19.92 21.51 6.03
CA CYS A 174 19.59 20.26 6.69
C CYS A 174 18.08 20.07 6.83
N LEU A 175 17.27 21.13 6.64
CA LEU A 175 15.81 20.96 6.71
C LEU A 175 15.22 20.40 5.40
N LEU A 176 15.97 20.44 4.31
CA LEU A 176 15.39 20.10 3.00
C LEU A 176 15.22 18.59 2.77
N GLY A 177 15.67 17.77 3.70
CA GLY A 177 15.40 16.34 3.60
C GLY A 177 14.08 15.89 4.20
N CYS A 178 13.23 16.82 4.66
CA CYS A 178 11.97 16.41 5.24
C CYS A 178 10.90 17.50 5.16
N GLY A 179 10.44 17.99 6.31
CA GLY A 179 9.13 18.65 6.39
C GLY A 179 8.97 19.88 5.50
N VAL A 180 9.97 20.76 5.46
CA VAL A 180 9.81 21.98 4.65
C VAL A 180 9.62 21.60 3.18
N SER A 181 10.49 20.71 2.66
CA SER A 181 10.35 20.25 1.28
C SER A 181 9.02 19.54 1.06
N THR A 182 8.57 18.79 2.05
CA THR A 182 7.30 18.08 1.90
C THR A 182 6.16 19.07 1.68
N GLY A 183 6.15 20.15 2.47
CA GLY A 183 5.12 21.16 2.29
C GLY A 183 5.25 21.88 0.96
N TRP A 184 6.47 22.30 0.61
CA TRP A 184 6.66 22.96 -0.68
C TRP A 184 6.18 22.08 -1.81
N GLY A 185 6.56 20.80 -1.75
CA GLY A 185 6.25 19.89 -2.84
C GLY A 185 4.78 19.53 -2.92
N ALA A 186 4.10 19.50 -1.76
CA ALA A 186 2.65 19.33 -1.81
C ALA A 186 2.01 20.37 -2.72
N VAL A 187 2.54 21.60 -2.71
CA VAL A 187 1.97 22.67 -3.51
C VAL A 187 2.45 22.58 -4.95
N PHE A 188 3.77 22.49 -5.13
CA PHE A 188 4.35 22.62 -6.47
C PHE A 188 4.25 21.35 -7.31
N ASN A 189 4.26 20.17 -6.67
CA ASN A 189 4.28 18.87 -7.34
C ASN A 189 2.94 18.15 -7.30
N THR A 190 2.38 17.98 -6.11
CA THR A 190 1.17 17.17 -5.98
C THR A 190 -0.06 17.95 -6.44
N ALA A 191 -0.35 19.08 -5.79
CA ALA A 191 -1.50 19.91 -6.16
C ALA A 191 -1.26 20.67 -7.47
N LYS A 192 -0.03 21.12 -7.71
CA LYS A 192 0.29 22.03 -8.81
C LYS A 192 -0.57 23.31 -8.77
N VAL A 193 -0.53 23.99 -7.63
CA VAL A 193 -1.39 25.15 -7.38
C VAL A 193 -1.19 26.20 -8.48
N THR A 194 -2.30 26.75 -8.98
CA THR A 194 -2.24 27.73 -10.07
C THR A 194 -2.37 29.17 -9.55
N ALA A 195 -1.84 30.11 -10.32
CA ALA A 195 -1.91 31.50 -9.91
C ALA A 195 -3.35 31.96 -9.84
N GLY A 196 -3.67 32.76 -8.83
CA GLY A 196 -5.01 33.28 -8.59
C GLY A 196 -5.92 32.36 -7.83
N SER A 197 -5.48 31.16 -7.47
CA SER A 197 -6.36 30.20 -6.85
C SER A 197 -6.50 30.48 -5.35
N THR A 198 -7.49 29.84 -4.73
CA THR A 198 -7.72 29.92 -3.30
C THR A 198 -7.28 28.61 -2.63
N VAL A 199 -6.74 28.74 -1.42
CA VAL A 199 -6.06 27.65 -0.71
C VAL A 199 -6.47 27.67 0.76
N ALA A 200 -6.71 26.51 1.32
CA ALA A 200 -6.84 26.37 2.77
C ALA A 200 -5.82 25.36 3.28
N VAL A 201 -5.25 25.65 4.46
CA VAL A 201 -4.16 24.86 5.01
C VAL A 201 -4.53 24.53 6.45
N PHE A 202 -4.64 23.24 6.75
CA PHE A 202 -5.09 22.78 8.07
C PHE A 202 -3.86 22.28 8.83
N GLY A 203 -3.52 22.96 9.93
CA GLY A 203 -2.36 22.62 10.75
C GLY A 203 -1.15 23.50 10.46
N LEU A 204 -0.61 24.21 11.46
CA LEU A 204 0.35 25.28 11.24
C LEU A 204 1.70 25.05 11.92
N GLY A 205 2.18 23.80 11.91
CA GLY A 205 3.59 23.54 12.18
C GLY A 205 4.45 23.88 10.97
N ALA A 206 5.70 23.41 10.99
CA ALA A 206 6.62 23.68 9.89
C ALA A 206 6.04 23.24 8.52
N VAL A 207 5.38 22.07 8.48
CA VAL A 207 4.88 21.59 7.18
C VAL A 207 3.79 22.51 6.65
N GLY A 208 2.80 22.85 7.49
CA GLY A 208 1.73 23.73 7.01
C GLY A 208 2.24 25.13 6.68
N LEU A 209 3.21 25.63 7.43
CA LEU A 209 3.77 26.94 7.09
C LEU A 209 4.47 26.90 5.74
N ALA A 210 5.11 25.76 5.45
CA ALA A 210 5.74 25.60 4.14
C ALA A 210 4.71 25.51 3.03
N VAL A 211 3.57 24.83 3.27
CA VAL A 211 2.48 24.86 2.29
C VAL A 211 2.05 26.30 2.03
N ILE A 212 1.89 27.09 3.09
CA ILE A 212 1.47 28.48 2.94
C ILE A 212 2.50 29.27 2.14
N GLU A 213 3.79 29.12 2.51
CA GLU A 213 4.85 29.83 1.78
C GLU A 213 4.80 29.50 0.29
N ALA A 214 4.68 28.20 -0.03
CA ALA A 214 4.69 27.79 -1.43
C ALA A 214 3.43 28.23 -2.18
N ALA A 215 2.26 28.17 -1.53
CA ALA A 215 1.04 28.65 -2.15
C ALA A 215 1.15 30.14 -2.48
N LYS A 216 1.80 30.90 -1.60
CA LYS A 216 1.94 32.32 -1.91
C LYS A 216 2.86 32.52 -3.11
N ARG A 217 3.96 31.78 -3.14
CA ARG A 217 4.88 31.85 -4.26
C ARG A 217 4.22 31.42 -5.56
N ALA A 218 3.30 30.46 -5.48
CA ALA A 218 2.58 30.05 -6.68
C ALA A 218 1.54 31.08 -7.12
N GLY A 219 1.32 32.12 -6.35
CA GLY A 219 0.37 33.15 -6.75
C GLY A 219 -1.05 32.99 -6.25
N ALA A 220 -1.27 32.17 -5.21
CA ALA A 220 -2.60 32.04 -4.62
C ALA A 220 -3.15 33.40 -4.21
N SER A 221 -4.44 33.62 -4.47
CA SER A 221 -5.05 34.90 -4.16
C SER A 221 -5.60 34.97 -2.74
N ARG A 222 -5.88 33.82 -2.14
CA ARG A 222 -6.33 33.75 -0.77
C ARG A 222 -5.74 32.49 -0.16
N ILE A 223 -5.27 32.59 1.08
CA ILE A 223 -4.66 31.46 1.79
C ILE A 223 -5.23 31.47 3.20
N ILE A 224 -6.09 30.51 3.50
CA ILE A 224 -6.81 30.45 4.77
C ILE A 224 -6.11 29.43 5.64
N ALA A 225 -5.50 29.90 6.73
CA ALA A 225 -4.82 29.03 7.67
C ALA A 225 -5.81 28.62 8.76
N VAL A 226 -5.83 27.34 9.12
CA VAL A 226 -6.83 26.80 10.03
C VAL A 226 -6.12 26.04 11.13
N ASP A 227 -6.30 26.46 12.38
CA ASP A 227 -5.69 25.75 13.49
C ASP A 227 -6.47 26.07 14.75
N ILE A 228 -6.57 25.08 15.63
CA ILE A 228 -7.22 25.34 16.92
C ILE A 228 -6.36 26.13 17.88
N ASP A 229 -5.08 26.36 17.56
CA ASP A 229 -4.17 27.11 18.41
C ASP A 229 -3.92 28.49 17.81
N PRO A 230 -4.64 29.53 18.24
CA PRO A 230 -4.52 30.83 17.58
C PRO A 230 -3.18 31.51 17.82
N THR A 231 -2.37 31.02 18.77
CA THR A 231 -1.04 31.60 18.94
C THR A 231 -0.12 31.30 17.77
N LYS A 232 -0.50 30.38 16.89
CA LYS A 232 0.24 30.13 15.66
C LYS A 232 -0.14 31.07 14.52
N PHE A 233 -1.15 31.91 14.70
CA PHE A 233 -1.67 32.70 13.58
C PHE A 233 -0.72 33.82 13.16
N PRO A 234 -0.06 34.53 14.10
CA PRO A 234 0.88 35.56 13.62
C PRO A 234 2.00 35.00 12.75
N THR A 235 2.51 33.79 13.07
CA THR A 235 3.55 33.22 12.22
C THR A 235 2.99 32.81 10.87
N ALA A 236 1.80 32.20 10.86
CA ALA A 236 1.12 31.87 9.60
C ALA A 236 0.98 33.09 8.70
N LYS A 237 0.64 34.26 9.27
CA LYS A 237 0.53 35.46 8.43
C LYS A 237 1.89 35.91 7.90
N GLU A 238 2.96 35.73 8.69
CA GLU A 238 4.30 36.08 8.21
C GLU A 238 4.71 35.23 7.01
N PHE A 239 4.26 33.98 6.95
CA PHE A 239 4.57 33.10 5.82
C PHE A 239 3.62 33.28 4.64
N GLY A 240 2.55 34.06 4.80
CA GLY A 240 1.72 34.48 3.69
C GLY A 240 0.23 34.24 3.83
N ALA A 241 -0.24 33.76 4.98
CA ALA A 241 -1.67 33.53 5.13
C ALA A 241 -2.42 34.86 5.06
N THR A 242 -3.59 34.84 4.42
CA THR A 242 -4.44 36.02 4.32
C THR A 242 -5.59 36.03 5.31
N ASP A 243 -5.99 34.87 5.81
CA ASP A 243 -7.05 34.69 6.79
C ASP A 243 -6.58 33.62 7.75
N CYS A 244 -6.98 33.72 9.02
CA CYS A 244 -6.74 32.67 10.01
C CYS A 244 -8.04 32.30 10.69
N ILE A 245 -8.32 31.00 10.79
CA ILE A 245 -9.60 30.50 11.31
C ILE A 245 -9.34 29.50 12.43
N ASN A 246 -9.92 29.76 13.60
CA ASN A 246 -9.87 28.82 14.70
C ASN A 246 -11.18 28.05 14.73
N PRO A 247 -11.18 26.75 14.41
CA PRO A 247 -12.44 25.98 14.40
C PRO A 247 -13.24 26.07 15.70
N LYS A 248 -12.54 26.24 16.83
CA LYS A 248 -13.25 26.32 18.11
C LYS A 248 -14.09 27.58 18.23
N ASP A 249 -13.84 28.57 17.38
CA ASP A 249 -14.61 29.79 17.39
C ASP A 249 -15.96 29.66 16.68
N HIS A 250 -16.24 28.52 16.05
CA HIS A 250 -17.41 28.39 15.19
C HIS A 250 -18.25 27.23 15.63
N GLU A 251 -19.56 27.41 15.56
CA GLU A 251 -20.53 26.41 15.98
C GLU A 251 -21.11 25.63 14.82
N LYS A 252 -20.38 25.52 13.73
CA LYS A 252 -20.74 24.64 12.62
C LYS A 252 -19.49 23.91 12.20
N PRO A 253 -19.63 22.79 11.49
CA PRO A 253 -18.44 22.05 11.06
C PRO A 253 -17.49 22.95 10.26
N ILE A 254 -16.20 22.73 10.46
CA ILE A 254 -15.22 23.68 9.91
C ILE A 254 -15.29 23.73 8.39
N GLN A 255 -15.59 22.60 7.74
CA GLN A 255 -15.72 22.65 6.28
C GLN A 255 -16.87 23.55 5.85
N GLN A 256 -17.94 23.63 6.65
CA GLN A 256 -19.02 24.56 6.31
C GLN A 256 -18.57 26.00 6.46
N VAL A 257 -17.76 26.28 7.49
CA VAL A 257 -17.22 27.61 7.66
C VAL A 257 -16.40 27.99 6.43
N ILE A 258 -15.52 27.10 5.98
CA ILE A 258 -14.65 27.42 4.85
C ILE A 258 -15.48 27.58 3.57
N VAL A 259 -16.45 26.70 3.35
CA VAL A 259 -17.27 26.82 2.14
C VAL A 259 -18.04 28.13 2.14
N GLU A 260 -18.57 28.53 3.30
CA GLU A 260 -19.31 29.78 3.39
C GLU A 260 -18.41 30.99 3.08
N MET A 261 -17.16 30.97 3.57
CA MET A 261 -16.20 32.04 3.28
C MET A 261 -15.91 32.19 1.79
N THR A 262 -15.97 31.10 1.04
CA THR A 262 -15.51 31.06 -0.34
C THR A 262 -16.62 30.71 -1.32
N GLU A 263 -17.86 30.72 -0.85
CA GLU A 263 -19.05 30.29 -1.59
C GLU A 263 -19.05 28.79 -1.93
N TRP A 264 -17.98 28.25 -2.52
CA TRP A 264 -17.98 26.87 -3.01
C TRP A 264 -16.88 26.00 -2.41
N GLY A 265 -15.97 26.56 -1.64
CA GLY A 265 -14.78 25.86 -1.20
C GLY A 265 -13.54 26.49 -1.84
N CYS A 266 -12.38 25.98 -1.44
CA CYS A 266 -11.08 26.48 -1.90
C CYS A 266 -10.62 25.59 -3.05
N ASP A 267 -9.96 26.21 -4.05
CA ASP A 267 -9.47 25.43 -5.20
C ASP A 267 -8.55 24.30 -4.73
N TYR A 268 -7.77 24.56 -3.68
CA TYR A 268 -6.86 23.55 -3.11
C TYR A 268 -6.96 23.60 -1.59
N THR A 269 -6.95 22.42 -0.96
CA THR A 269 -6.82 22.33 0.50
C THR A 269 -5.75 21.31 0.87
N PHE A 270 -5.16 21.52 2.04
CA PHE A 270 -4.03 20.69 2.47
C PHE A 270 -4.22 20.35 3.94
N GLU A 271 -4.06 19.08 4.29
CA GLU A 271 -4.10 18.64 5.69
C GLU A 271 -2.68 18.30 6.11
N CYS A 272 -2.20 18.97 7.18
CA CYS A 272 -0.78 18.95 7.51
C CYS A 272 -0.50 18.42 8.90
N ILE A 273 -1.46 17.71 9.50
CA ILE A 273 -1.40 17.31 10.91
C ILE A 273 -1.39 15.79 11.05
N GLY A 274 -2.02 15.10 10.11
CA GLY A 274 -2.19 13.66 10.24
C GLY A 274 -3.46 13.25 10.95
N ASN A 275 -4.49 14.08 10.94
CA ASN A 275 -5.73 13.83 11.67
C ASN A 275 -6.82 13.48 10.65
N THR A 276 -7.36 12.24 10.74
CA THR A 276 -8.24 11.77 9.66
C THR A 276 -9.56 12.54 9.63
N ALA A 277 -10.05 12.99 10.79
CA ALA A 277 -11.26 13.81 10.77
C ALA A 277 -11.02 15.13 10.06
N VAL A 278 -9.85 15.75 10.30
CA VAL A 278 -9.52 16.98 9.58
C VAL A 278 -9.27 16.68 8.10
N MET A 279 -8.73 15.50 7.78
CA MET A 279 -8.54 15.18 6.35
C MET A 279 -9.88 15.18 5.62
N ARG A 280 -10.91 14.62 6.25
CA ARG A 280 -12.24 14.66 5.65
C ARG A 280 -12.74 16.09 5.50
N ALA A 281 -12.55 16.92 6.55
CA ALA A 281 -12.96 18.31 6.49
C ALA A 281 -12.26 19.05 5.35
N ALA A 282 -10.96 18.83 5.20
CA ALA A 282 -10.22 19.45 4.09
C ALA A 282 -10.78 19.02 2.74
N LEU A 283 -11.13 17.74 2.58
CA LEU A 283 -11.71 17.31 1.32
CA LEU A 283 -11.71 17.31 1.32
C LEU A 283 -13.04 18.01 1.08
N GLU A 284 -13.86 18.08 2.11
CA GLU A 284 -15.21 18.59 1.90
C GLU A 284 -15.28 20.11 1.77
N CYS A 285 -14.20 20.86 2.05
CA CYS A 285 -14.23 22.27 1.68
C CYS A 285 -13.31 22.57 0.49
N ALA A 286 -12.86 21.55 -0.23
CA ALA A 286 -12.33 21.79 -1.57
C ALA A 286 -13.46 22.20 -2.51
N HIS A 287 -13.12 23.03 -3.51
CA HIS A 287 -14.12 23.62 -4.39
C HIS A 287 -14.99 22.57 -5.09
N ARG A 288 -16.30 22.82 -5.09
CA ARG A 288 -17.19 22.02 -5.93
C ARG A 288 -16.66 21.98 -7.35
N GLY A 289 -16.74 20.82 -7.99
CA GLY A 289 -16.45 20.67 -9.41
C GLY A 289 -15.00 20.40 -9.77
N TRP A 290 -14.02 20.97 -9.03
CA TRP A 290 -12.62 20.78 -9.43
C TRP A 290 -11.64 20.82 -8.27
N GLY A 291 -12.11 20.95 -7.03
CA GLY A 291 -11.19 21.17 -5.92
C GLY A 291 -10.32 19.96 -5.66
N THR A 292 -9.11 20.26 -5.17
CA THR A 292 -8.10 19.25 -4.89
C THR A 292 -7.72 19.34 -3.42
N SER A 293 -7.75 18.20 -2.71
CA SER A 293 -7.32 18.13 -1.31
C SER A 293 -6.17 17.15 -1.20
N VAL A 294 -5.07 17.59 -0.58
CA VAL A 294 -3.84 16.84 -0.50
C VAL A 294 -3.59 16.51 0.97
N ILE A 295 -3.51 15.22 1.27
CA ILE A 295 -3.09 14.76 2.60
C ILE A 295 -1.56 14.83 2.68
N VAL A 296 -1.04 15.67 3.58
CA VAL A 296 0.40 15.78 3.80
C VAL A 296 0.81 15.13 5.13
N GLY A 297 -0.07 15.15 6.16
CA GLY A 297 0.27 14.55 7.45
C GLY A 297 0.05 13.03 7.50
N VAL A 298 0.65 12.41 8.51
CA VAL A 298 0.71 10.95 8.62
C VAL A 298 -0.24 10.51 9.75
N ALA A 299 -1.31 9.79 9.40
CA ALA A 299 -2.32 9.42 10.39
C ALA A 299 -1.79 8.36 11.37
N ALA A 300 -2.49 8.26 12.51
CA ALA A 300 -2.19 7.27 13.53
C ALA A 300 -2.56 5.86 13.05
N ALA A 301 -2.06 4.87 13.79
CA ALA A 301 -2.18 3.46 13.43
C ALA A 301 -3.59 2.97 13.77
N GLY A 302 -4.44 2.96 12.75
CA GLY A 302 -5.77 2.42 12.89
C GLY A 302 -6.87 3.40 12.54
N GLN A 303 -6.52 4.52 11.89
CA GLN A 303 -7.48 5.54 11.52
C GLN A 303 -7.72 5.48 10.00
N GLU A 304 -8.98 5.40 9.60
CA GLU A 304 -9.33 5.47 8.19
C GLU A 304 -9.86 6.85 7.87
N ILE A 305 -9.81 7.22 6.58
CA ILE A 305 -10.48 8.42 6.11
C ILE A 305 -11.80 7.98 5.50
N SER A 306 -12.82 8.80 5.66
CA SER A 306 -14.13 8.56 5.09
C SER A 306 -14.69 9.83 4.49
N THR A 307 -15.58 9.65 3.49
CA THR A 307 -16.46 10.71 3.01
C THR A 307 -17.64 10.06 2.30
N ARG A 308 -18.53 10.88 1.80
CA ARG A 308 -19.56 10.30 0.94
C ARG A 308 -19.12 10.37 -0.53
N PRO A 309 -19.39 9.36 -1.35
CA PRO A 309 -18.90 9.40 -2.73
C PRO A 309 -19.45 10.57 -3.55
N PHE A 310 -20.60 11.12 -3.14
CA PHE A 310 -21.10 12.36 -3.73
C PHE A 310 -20.03 13.45 -3.81
N GLN A 311 -19.16 13.52 -2.79
CA GLN A 311 -18.13 14.55 -2.74
C GLN A 311 -17.17 14.44 -3.93
N LEU A 312 -16.85 13.22 -4.35
CA LEU A 312 -15.98 12.98 -5.49
C LEU A 312 -16.74 13.03 -6.82
N VAL A 313 -17.95 12.48 -6.85
CA VAL A 313 -18.75 12.55 -8.08
C VAL A 313 -18.97 14.00 -8.46
N THR A 314 -19.11 14.90 -7.48
CA THR A 314 -19.29 16.32 -7.80
C THR A 314 -17.97 17.08 -7.82
N GLY A 315 -16.86 16.42 -8.14
CA GLY A 315 -15.72 17.11 -8.72
C GLY A 315 -14.47 17.21 -7.85
N ARG A 316 -14.54 16.83 -6.58
CA ARG A 316 -13.37 16.96 -5.71
C ARG A 316 -12.43 15.78 -5.90
N ARG A 317 -11.13 16.04 -5.71
CA ARG A 317 -10.09 15.04 -5.92
C ARG A 317 -9.29 14.87 -4.64
N TRP A 318 -9.19 13.63 -4.15
CA TRP A 318 -8.47 13.33 -2.91
C TRP A 318 -7.12 12.70 -3.25
N MET A 319 -6.05 13.32 -2.81
CA MET A 319 -4.74 12.73 -3.04
C MET A 319 -3.86 12.96 -1.82
N GLY A 320 -2.58 12.60 -1.93
CA GLY A 320 -1.67 12.75 -0.82
C GLY A 320 -0.26 12.90 -1.36
N THR A 321 0.68 13.16 -0.47
CA THR A 321 2.04 13.31 -0.95
C THR A 321 3.01 12.74 0.08
N ALA A 322 4.19 12.33 -0.40
CA ALA A 322 5.25 11.77 0.42
C ALA A 322 6.54 12.46 0.05
N PHE A 323 7.17 13.13 1.02
CA PHE A 323 8.34 13.97 0.76
C PHE A 323 8.07 14.93 -0.41
N GLY A 324 6.85 15.46 -0.47
CA GLY A 324 6.52 16.50 -1.43
C GLY A 324 6.57 16.07 -2.88
N GLY A 325 6.65 14.77 -3.13
CA GLY A 325 6.84 14.25 -4.48
C GLY A 325 8.21 14.49 -5.10
N TYR A 326 9.17 15.02 -4.34
CA TYR A 326 10.49 15.30 -4.90
C TYR A 326 11.31 14.02 -5.05
N LYS A 327 11.88 13.81 -6.24
CA LYS A 327 12.81 12.71 -6.47
C LYS A 327 14.12 13.12 -5.82
N SER A 328 14.50 12.45 -4.73
CA SER A 328 15.42 13.07 -3.76
C SER A 328 16.75 13.46 -4.38
N ARG A 329 17.49 12.49 -4.93
CA ARG A 329 18.82 12.79 -5.40
C ARG A 329 18.84 13.71 -6.62
N VAL A 330 17.75 13.75 -7.39
CA VAL A 330 17.67 14.68 -8.52
C VAL A 330 17.34 16.09 -8.04
N GLN A 331 16.31 16.22 -7.21
CA GLN A 331 15.67 17.52 -6.97
C GLN A 331 16.05 18.20 -5.67
N VAL A 332 16.51 17.46 -4.65
CA VAL A 332 17.02 18.12 -3.44
C VAL A 332 18.17 19.08 -3.79
N PRO A 333 19.12 18.72 -4.66
CA PRO A 333 20.09 19.75 -5.09
C PRO A 333 19.42 20.96 -5.72
N ASP A 334 18.33 20.76 -6.48
CA ASP A 334 17.63 21.93 -7.04
C ASP A 334 16.95 22.78 -5.98
N LEU A 335 16.44 22.16 -4.91
CA LEU A 335 15.91 22.94 -3.80
C LEU A 335 17.02 23.74 -3.12
N VAL A 336 18.20 23.14 -3.00
CA VAL A 336 19.32 23.91 -2.46
C VAL A 336 19.64 25.11 -3.35
N THR A 337 19.67 24.89 -4.66
CA THR A 337 19.93 26.00 -5.58
C THR A 337 18.86 27.08 -5.47
N ASP A 338 17.60 26.67 -5.32
CA ASP A 338 16.51 27.65 -5.14
C ASP A 338 16.70 28.46 -3.85
N TYR A 339 17.02 27.78 -2.75
CA TYR A 339 17.32 28.48 -1.50
C TYR A 339 18.50 29.46 -1.68
N MET A 340 19.55 29.00 -2.35
CA MET A 340 20.72 29.87 -2.55
C MET A 340 20.40 31.08 -3.42
N SER A 341 19.33 31.01 -4.23
CA SER A 341 18.94 32.14 -5.08
C SER A 341 18.24 33.25 -4.32
N GLY A 342 17.81 33.01 -3.09
CA GLY A 342 17.17 34.03 -2.30
C GLY A 342 15.66 34.06 -2.43
N ALA A 343 15.06 33.01 -3.00
CA ALA A 343 13.63 32.94 -3.31
C ALA A 343 12.77 32.32 -2.19
N THR A 344 13.36 31.83 -1.09
CA THR A 344 12.66 31.04 -0.09
C THR A 344 12.80 31.65 1.31
N LEU A 345 11.93 31.22 2.21
CA LEU A 345 11.98 31.61 3.62
C LEU A 345 12.58 30.50 4.49
N LEU A 346 13.43 29.64 3.91
CA LEU A 346 13.97 28.51 4.66
C LEU A 346 14.57 28.92 6.01
N ASP A 347 15.27 30.05 6.06
CA ASP A 347 15.95 30.44 7.30
C ASP A 347 14.94 30.71 8.41
N LYS A 348 13.72 31.09 8.06
CA LYS A 348 12.72 31.44 9.07
C LYS A 348 12.14 30.22 9.78
N TYR A 349 12.36 29.01 9.26
CA TYR A 349 11.89 27.82 9.97
C TYR A 349 12.75 27.45 11.17
N ILE A 350 13.95 28.00 11.30
CA ILE A 350 14.86 27.62 12.38
C ILE A 350 14.65 28.59 13.53
N THR A 351 14.06 28.10 14.62
CA THR A 351 13.81 28.96 15.77
C THR A 351 14.85 28.78 16.87
N HIS A 352 15.59 27.67 16.87
CA HIS A 352 16.56 27.37 17.91
C HIS A 352 17.81 26.74 17.30
N ASN A 353 18.98 27.09 17.84
CA ASN A 353 20.25 26.47 17.46
C ASN A 353 20.93 25.99 18.75
N MET A 354 21.07 24.67 18.90
CA MET A 354 21.56 24.10 20.15
C MET A 354 22.72 23.15 19.88
N LYS A 355 23.45 22.82 20.95
CA LYS A 355 24.52 21.85 20.87
C LYS A 355 23.96 20.43 20.98
N PHE A 356 24.64 19.49 20.31
CA PHE A 356 24.19 18.10 20.29
C PHE A 356 24.06 17.51 21.70
N ASP A 357 24.90 17.94 22.64
CA ASP A 357 24.77 17.46 24.02
C ASP A 357 23.41 17.78 24.62
N GLN A 358 22.70 18.80 24.12
CA GLN A 358 21.38 19.18 24.61
C GLN A 358 20.24 18.53 23.84
N ILE A 359 20.47 17.40 23.19
CA ILE A 359 19.43 16.84 22.31
C ILE A 359 18.17 16.53 23.10
N ASN A 360 18.31 16.06 24.35
CA ASN A 360 17.12 15.73 25.13
C ASN A 360 16.32 17.00 25.45
N GLU A 361 17.02 18.09 25.77
CA GLU A 361 16.34 19.37 25.96
C GLU A 361 15.68 19.85 24.67
N ALA A 362 16.30 19.57 23.52
CA ALA A 362 15.65 19.94 22.25
C ALA A 362 14.35 19.16 22.05
N PHE A 363 14.33 17.87 22.42
CA PHE A 363 13.10 17.11 22.32
C PHE A 363 12.02 17.63 23.25
N GLU A 364 12.40 18.14 24.42
CA GLU A 364 11.42 18.77 25.31
C GLU A 364 10.78 19.97 24.63
N LEU A 365 11.59 20.80 23.95
CA LEU A 365 11.05 21.96 23.25
C LEU A 365 10.08 21.53 22.17
N LEU A 366 10.42 20.49 21.43
CA LEU A 366 9.53 19.94 20.41
C LEU A 366 8.21 19.50 21.02
N HIS A 367 8.28 18.75 22.13
CA HIS A 367 7.06 18.26 22.78
C HIS A 367 6.22 19.42 23.31
N ALA A 368 6.86 20.45 23.84
CA ALA A 368 6.11 21.59 24.36
C ALA A 368 5.47 22.41 23.26
N GLY A 369 5.92 22.26 22.01
CA GLY A 369 5.42 23.10 20.94
C GLY A 369 6.03 24.48 20.94
N GLU A 370 7.23 24.62 21.50
CA GLU A 370 7.89 25.91 21.62
C GLU A 370 8.90 26.16 20.50
N CYS A 371 8.72 25.54 19.33
CA CYS A 371 9.72 25.72 18.28
C CYS A 371 9.16 25.18 16.98
N LEU A 372 9.66 25.72 15.87
CA LEU A 372 9.38 25.21 14.53
C LEU A 372 10.41 24.15 14.14
N ARG A 373 11.68 24.54 14.12
CA ARG A 373 12.78 23.60 13.98
C ARG A 373 13.91 23.99 14.92
N CYS A 374 14.46 22.99 15.62
CA CYS A 374 15.70 23.16 16.36
CA CYS A 374 15.70 23.14 16.38
C CYS A 374 16.82 22.45 15.62
N VAL A 375 17.92 23.16 15.37
CA VAL A 375 19.08 22.61 14.69
C VAL A 375 20.20 22.35 15.71
N LEU A 376 20.75 21.13 15.68
CA LEU A 376 21.89 20.74 16.52
C LEU A 376 23.20 20.71 15.73
N THR A 377 24.27 21.15 16.38
CA THR A 377 25.62 21.00 15.88
C THR A 377 26.50 20.38 16.98
N PHE A 378 27.57 19.73 16.58
CA PHE A 378 28.45 19.03 17.52
C PHE A 378 29.46 20.00 18.15
N GLU B 3 -39.16 26.78 12.97
CA GLU B 3 -40.49 26.48 12.45
C GLU B 3 -41.21 25.44 13.30
N THR B 4 -40.46 24.71 14.14
CA THR B 4 -41.05 23.67 14.95
C THR B 4 -41.07 24.00 16.43
N ALA B 5 -40.34 25.01 16.87
CA ALA B 5 -40.24 25.34 18.29
C ALA B 5 -41.63 25.60 18.87
N GLY B 6 -41.86 25.10 20.08
CA GLY B 6 -43.11 25.34 20.77
C GLY B 6 -44.28 24.52 20.29
N LYS B 7 -44.10 23.71 19.25
CA LYS B 7 -45.19 22.97 18.66
C LYS B 7 -44.90 21.48 18.69
N PRO B 8 -45.92 20.64 18.71
CA PRO B 8 -45.70 19.19 18.58
C PRO B 8 -45.10 18.86 17.21
N ILE B 9 -44.34 17.76 17.17
CA ILE B 9 -43.70 17.29 15.96
C ILE B 9 -44.18 15.88 15.68
N GLU B 10 -44.64 15.63 14.45
CA GLU B 10 -44.94 14.29 14.00
C GLU B 10 -43.71 13.75 13.29
N CYS B 11 -43.20 12.60 13.73
CA CYS B 11 -41.98 12.08 13.12
C CYS B 11 -41.99 10.56 13.16
N LYS B 12 -41.02 9.96 12.48
CA LYS B 12 -40.92 8.51 12.45
C LYS B 12 -40.27 8.00 13.74
N ALA B 13 -40.76 6.87 14.23
CA ALA B 13 -40.23 6.24 15.43
C ALA B 13 -40.50 4.75 15.36
N ALA B 14 -39.86 3.98 16.25
CA ALA B 14 -40.11 2.56 16.40
C ALA B 14 -40.73 2.35 17.77
N ILE B 15 -41.95 1.83 17.80
CA ILE B 15 -42.71 1.68 19.03
C ILE B 15 -42.69 0.21 19.46
N ALA B 16 -42.36 -0.02 20.73
CA ALA B 16 -42.54 -1.32 21.36
C ALA B 16 -43.93 -1.32 22.00
N TRP B 17 -44.91 -1.92 21.33
CA TRP B 17 -46.26 -1.91 21.89
C TRP B 17 -46.36 -2.84 23.10
N GLU B 18 -45.61 -3.94 23.09
CA GLU B 18 -45.57 -4.90 24.18
C GLU B 18 -44.30 -5.72 24.03
N ALA B 19 -43.97 -6.47 25.08
CA ALA B 19 -42.76 -7.29 25.07
C ALA B 19 -42.84 -8.43 24.05
N LYS B 20 -41.67 -8.87 23.60
CA LYS B 20 -41.48 -10.06 22.78
C LYS B 20 -42.13 -9.96 21.41
N LYS B 21 -42.45 -8.76 20.95
CA LYS B 21 -43.03 -8.55 19.64
C LYS B 21 -42.12 -7.63 18.83
N PRO B 22 -42.19 -7.69 17.51
CA PRO B 22 -41.39 -6.77 16.68
C PRO B 22 -41.80 -5.32 16.94
N LEU B 23 -40.82 -4.41 16.86
CA LEU B 23 -41.17 -3.01 16.90
C LEU B 23 -41.99 -2.64 15.67
N GLU B 24 -42.89 -1.67 15.84
CA GLU B 24 -43.61 -1.09 14.72
C GLU B 24 -42.99 0.26 14.37
N VAL B 25 -42.50 0.38 13.14
CA VAL B 25 -42.04 1.68 12.64
C VAL B 25 -43.23 2.47 12.11
N ARG B 26 -43.50 3.63 12.70
CA ARG B 26 -44.70 4.41 12.36
C ARG B 26 -44.52 5.83 12.88
N THR B 27 -45.52 6.68 12.64
CA THR B 27 -45.45 8.06 13.11
C THR B 27 -45.84 8.17 14.58
N VAL B 28 -45.16 9.07 15.29
CA VAL B 28 -45.48 9.39 16.67
C VAL B 28 -45.53 10.92 16.76
N THR B 29 -46.24 11.42 17.75
CA THR B 29 -46.28 12.85 18.03
C THR B 29 -45.39 13.17 19.23
N VAL B 30 -44.49 14.14 19.06
CA VAL B 30 -43.53 14.51 20.09
C VAL B 30 -43.87 15.89 20.59
N ALA B 31 -44.28 15.96 21.85
CA ALA B 31 -44.62 17.22 22.46
C ALA B 31 -43.38 18.12 22.55
N PRO B 32 -43.56 19.43 22.56
CA PRO B 32 -42.45 20.35 22.76
C PRO B 32 -41.89 20.23 24.17
N PRO B 33 -40.67 20.70 24.39
CA PRO B 33 -40.02 20.50 25.70
C PRO B 33 -40.59 21.39 26.80
N GLY B 34 -40.81 20.78 27.96
CA GLY B 34 -41.17 21.51 29.16
C GLY B 34 -39.97 22.10 29.87
N PRO B 35 -40.17 22.65 31.06
CA PRO B 35 -39.06 23.26 31.81
C PRO B 35 -37.93 22.26 32.04
N GLY B 36 -36.71 22.71 31.84
CA GLY B 36 -35.54 21.87 32.02
C GLY B 36 -35.36 20.77 31.00
N GLU B 37 -36.08 20.81 29.87
CA GLU B 37 -36.07 19.73 28.91
C GLU B 37 -35.51 20.20 27.57
N VAL B 38 -35.07 19.21 26.79
CA VAL B 38 -34.36 19.43 25.53
C VAL B 38 -34.95 18.48 24.49
N ARG B 39 -35.45 19.01 23.37
CA ARG B 39 -35.93 18.20 22.26
C ARG B 39 -34.80 18.07 21.24
N VAL B 40 -34.43 16.82 20.95
CA VAL B 40 -33.23 16.50 20.17
C VAL B 40 -33.67 15.81 18.88
N GLN B 41 -33.09 16.24 17.75
CA GLN B 41 -33.25 15.50 16.49
C GLN B 41 -32.16 14.43 16.45
N ILE B 42 -32.57 13.16 16.50
CA ILE B 42 -31.61 12.06 16.47
C ILE B 42 -31.06 11.91 15.06
N LYS B 43 -29.74 11.93 14.94
CA LYS B 43 -29.12 11.76 13.62
C LYS B 43 -28.57 10.36 13.41
N ALA B 44 -28.22 9.65 14.49
CA ALA B 44 -27.78 8.26 14.39
C ALA B 44 -28.02 7.57 15.73
N THR B 45 -28.41 6.30 15.69
CA THR B 45 -28.68 5.57 16.91
C THR B 45 -28.29 4.11 16.75
N ALA B 46 -27.64 3.55 17.76
CA ALA B 46 -27.22 2.17 17.73
C ALA B 46 -28.10 1.33 18.63
N LEU B 47 -27.93 0.02 18.53
CA LEU B 47 -28.65 -0.94 19.37
C LEU B 47 -27.65 -1.62 20.27
N CYS B 48 -28.15 -2.06 21.42
CA CYS B 48 -27.33 -2.75 22.40
C CYS B 48 -28.18 -3.79 23.13
N GLN B 49 -27.51 -4.76 23.75
CA GLN B 49 -28.21 -5.82 24.48
C GLN B 49 -29.21 -5.27 25.49
N THR B 50 -28.90 -4.12 26.09
CA THR B 50 -29.82 -3.51 27.03
C THR B 50 -31.19 -3.23 26.41
N ASP B 51 -31.21 -2.75 25.17
CA ASP B 51 -32.49 -2.56 24.49
C ASP B 51 -33.22 -3.88 24.37
N ALA B 52 -32.50 -4.94 23.97
CA ALA B 52 -33.12 -6.24 23.75
C ALA B 52 -33.63 -6.84 25.06
N TYR B 53 -32.92 -6.62 26.16
CA TYR B 53 -33.35 -7.12 27.45
C TYR B 53 -34.75 -6.61 27.80
N THR B 54 -34.98 -5.31 27.64
CA THR B 54 -36.29 -4.75 27.95
C THR B 54 -37.33 -5.20 26.92
N LEU B 55 -36.94 -5.26 25.64
CA LEU B 55 -37.87 -5.70 24.60
C LEU B 55 -38.31 -7.14 24.84
N GLY B 56 -37.44 -7.96 25.43
CA GLY B 56 -37.74 -9.35 25.71
C GLY B 56 -38.56 -9.60 26.95
N GLY B 57 -38.99 -8.55 27.65
CA GLY B 57 -39.82 -8.68 28.82
C GLY B 57 -39.10 -8.97 30.12
N LEU B 58 -37.78 -8.92 30.11
CA LEU B 58 -37.01 -9.26 31.31
C LEU B 58 -36.92 -8.11 32.30
N ASP B 59 -37.09 -6.88 31.84
CA ASP B 59 -36.85 -5.69 32.65
C ASP B 59 -37.96 -5.50 33.69
N PRO B 60 -37.66 -5.54 34.98
CA PRO B 60 -38.70 -5.24 35.98
C PRO B 60 -39.12 -3.78 35.98
N GLU B 61 -38.35 -2.90 35.35
CA GLU B 61 -38.75 -1.53 35.10
C GLU B 61 -39.50 -1.38 33.78
N GLY B 62 -39.71 -2.47 33.04
CA GLY B 62 -40.28 -2.35 31.72
C GLY B 62 -41.67 -1.75 31.78
N ARG B 63 -41.96 -0.89 30.81
CA ARG B 63 -43.26 -0.23 30.77
C ARG B 63 -43.64 -0.07 29.31
N PHE B 64 -44.74 -0.71 28.89
CA PHE B 64 -45.17 -0.65 27.51
C PHE B 64 -46.51 0.06 27.40
N PRO B 65 -46.80 0.71 26.26
CA PRO B 65 -45.94 0.87 25.08
C PRO B 65 -44.80 1.86 25.33
N CYS B 66 -43.66 1.67 24.67
CA CYS B 66 -42.54 2.58 24.90
C CYS B 66 -41.69 2.66 23.64
N ILE B 67 -40.87 3.71 23.60
CA ILE B 67 -39.83 3.87 22.60
C ILE B 67 -38.50 3.57 23.29
N LEU B 68 -37.83 2.51 22.82
CA LEU B 68 -36.53 2.07 23.32
C LEU B 68 -35.41 2.89 22.70
N GLY B 69 -34.17 2.50 22.97
CA GLY B 69 -33.03 3.19 22.36
C GLY B 69 -32.31 4.11 23.33
N HIS B 70 -31.00 3.91 23.51
CA HIS B 70 -30.25 4.74 24.44
C HIS B 70 -28.86 5.14 23.93
N GLU B 71 -28.42 4.66 22.76
CA GLU B 71 -27.13 5.03 22.18
C GLU B 71 -27.40 5.85 20.93
N ALA B 72 -27.18 7.16 21.02
CA ALA B 72 -27.47 8.02 19.87
C ALA B 72 -26.67 9.31 19.95
N ALA B 73 -26.69 10.05 18.85
CA ALA B 73 -26.17 11.40 18.82
C ALA B 73 -27.03 12.23 17.88
N GLY B 74 -27.09 13.54 18.12
CA GLY B 74 -27.99 14.37 17.35
C GLY B 74 -27.80 15.85 17.56
N VAL B 75 -28.84 16.61 17.19
CA VAL B 75 -28.78 18.06 17.15
C VAL B 75 -29.96 18.59 17.93
N VAL B 76 -29.72 19.64 18.72
CA VAL B 76 -30.78 20.23 19.53
C VAL B 76 -31.74 20.98 18.62
N GLU B 77 -33.02 20.62 18.67
CA GLU B 77 -34.04 21.35 17.92
C GLU B 77 -34.62 22.50 18.74
N SER B 78 -34.82 22.32 20.05
CA SER B 78 -35.36 23.39 20.90
C SER B 78 -35.18 23.00 22.36
N VAL B 79 -35.28 24.00 23.22
CA VAL B 79 -35.13 23.80 24.66
C VAL B 79 -36.32 24.41 25.38
N GLY B 80 -36.62 23.86 26.56
CA GLY B 80 -37.69 24.36 27.39
C GLY B 80 -37.25 25.51 28.28
N GLU B 81 -38.20 25.98 29.08
CA GLU B 81 -38.00 27.13 29.95
C GLU B 81 -36.79 26.93 30.84
N GLY B 82 -35.94 27.96 30.91
CA GLY B 82 -34.81 27.97 31.81
C GLY B 82 -33.57 27.24 31.34
N VAL B 83 -33.61 26.54 30.20
CA VAL B 83 -32.45 25.78 29.74
C VAL B 83 -31.44 26.73 29.12
N THR B 84 -30.25 26.83 29.72
CA THR B 84 -29.17 27.60 29.14
C THR B 84 -27.91 26.78 28.90
N SER B 85 -27.89 25.50 29.29
CA SER B 85 -26.67 24.72 29.12
C SER B 85 -26.46 24.29 27.67
N VAL B 86 -27.54 24.20 26.90
CA VAL B 86 -27.49 23.94 25.45
C VAL B 86 -28.55 24.80 24.78
N LYS B 87 -28.45 24.89 23.46
CA LYS B 87 -29.29 25.77 22.67
C LYS B 87 -29.53 25.13 21.31
N PRO B 88 -30.52 25.61 20.55
CA PRO B 88 -30.78 24.99 19.24
C PRO B 88 -29.53 24.99 18.37
N GLY B 89 -29.29 23.87 17.70
CA GLY B 89 -28.14 23.72 16.85
C GLY B 89 -26.94 23.05 17.48
N ASP B 90 -26.87 22.97 18.81
CA ASP B 90 -25.78 22.24 19.46
C ASP B 90 -25.82 20.76 19.07
N HIS B 91 -24.64 20.16 18.94
CA HIS B 91 -24.53 18.72 18.74
C HIS B 91 -24.39 18.05 20.11
N VAL B 92 -25.13 16.96 20.30
CA VAL B 92 -25.29 16.39 21.64
C VAL B 92 -25.35 14.86 21.60
N ILE B 93 -25.04 14.27 22.74
CA ILE B 93 -25.25 12.85 22.98
C ILE B 93 -26.14 12.73 24.21
N PRO B 94 -27.33 12.17 24.10
CA PRO B 94 -28.15 11.95 25.30
C PRO B 94 -27.65 10.72 26.04
N CYS B 95 -27.56 10.83 27.37
CA CYS B 95 -26.93 9.81 28.19
C CYS B 95 -27.94 9.24 29.19
N TYR B 96 -27.99 7.92 29.30
CA TYR B 96 -28.86 7.29 30.28
C TYR B 96 -28.41 7.56 31.71
N GLN B 97 -27.13 7.84 31.94
CA GLN B 97 -26.66 8.27 33.26
C GLN B 97 -26.59 9.79 33.26
N ALA B 98 -27.41 10.45 34.08
CA ALA B 98 -27.44 11.92 34.11
C ALA B 98 -26.25 12.49 34.89
N TYR B 99 -26.11 13.82 34.83
CA TYR B 99 -25.10 14.54 35.60
C TYR B 99 -25.69 15.90 35.99
N CYS B 100 -25.59 16.25 37.28
CA CYS B 100 -26.10 17.52 37.76
C CYS B 100 -25.05 18.38 38.46
N GLY B 101 -23.89 17.81 38.79
CA GLY B 101 -22.80 18.55 39.38
C GLY B 101 -22.86 18.73 40.88
N GLU B 102 -24.03 18.61 41.50
CA GLU B 102 -24.15 19.05 42.89
C GLU B 102 -24.79 18.05 43.85
N CYS B 103 -25.35 16.92 43.38
CA CYS B 103 -25.79 15.91 44.33
C CYS B 103 -24.55 15.20 44.90
N LYS B 104 -24.78 14.36 45.92
CA LYS B 104 -23.65 13.74 46.62
C LYS B 104 -22.79 12.91 45.67
N PHE B 105 -23.41 12.29 44.67
CA PHE B 105 -22.71 11.39 43.78
C PHE B 105 -21.96 12.16 42.69
N CYS B 106 -22.59 13.22 42.17
CA CYS B 106 -21.89 14.05 41.20
C CYS B 106 -20.67 14.74 41.81
N LYS B 107 -20.74 15.08 43.12
CA LYS B 107 -19.61 15.73 43.77
C LYS B 107 -18.47 14.77 44.01
N HIS B 108 -18.75 13.50 44.26
CA HIS B 108 -17.69 12.61 44.72
C HIS B 108 -16.81 12.15 43.57
N PRO B 109 -15.47 12.15 43.74
CA PRO B 109 -14.60 11.83 42.61
C PRO B 109 -14.73 10.39 42.15
N GLU B 110 -15.25 9.48 42.98
CA GLU B 110 -15.31 8.08 42.59
C GLU B 110 -16.72 7.60 42.25
N SER B 111 -17.68 8.50 42.03
CA SER B 111 -18.99 8.03 41.61
C SER B 111 -19.50 8.86 40.43
N ASN B 112 -20.38 8.25 39.63
CA ASN B 112 -21.11 8.96 38.59
C ASN B 112 -22.61 8.74 38.70
N LEU B 113 -23.09 8.29 39.87
CA LEU B 113 -24.48 7.82 40.03
C LEU B 113 -25.43 8.95 40.46
N CYS B 114 -25.50 9.97 39.61
CA CYS B 114 -26.38 11.11 39.83
C CYS B 114 -27.82 10.68 40.11
N VAL B 115 -28.48 11.34 41.08
CA VAL B 115 -29.87 11.01 41.43
C VAL B 115 -30.87 12.08 40.96
N SER B 116 -30.46 13.01 40.09
CA SER B 116 -31.33 14.13 39.73
C SER B 116 -32.60 13.71 38.98
N VAL B 117 -32.54 12.64 38.16
CA VAL B 117 -33.69 12.34 37.30
C VAL B 117 -34.09 10.86 37.31
N ARG B 118 -33.25 10.00 37.92
CA ARG B 118 -33.41 8.55 37.73
C ARG B 118 -34.76 8.03 38.23
N ALA B 119 -35.33 8.66 39.28
CA ALA B 119 -36.64 8.25 39.77
C ALA B 119 -37.72 8.46 38.72
N PHE B 120 -37.54 9.44 37.83
CA PHE B 120 -38.50 9.73 36.79
C PHE B 120 -38.21 8.94 35.52
N THR B 121 -36.95 8.93 35.06
CA THR B 121 -36.62 8.17 33.84
C THR B 121 -36.83 6.67 34.06
N GLY B 122 -36.66 6.19 35.29
CA GLY B 122 -36.95 4.80 35.59
C GLY B 122 -38.41 4.41 35.39
N LYS B 123 -39.32 5.38 35.44
CA LYS B 123 -40.75 5.16 35.21
C LYS B 123 -41.20 5.59 33.82
N GLY B 124 -40.26 5.94 32.94
CA GLY B 124 -40.61 6.27 31.56
C GLY B 124 -41.29 7.61 31.35
N VAL B 125 -41.12 8.56 32.28
CA VAL B 125 -41.80 9.84 32.20
C VAL B 125 -40.80 10.96 32.42
N MET B 126 -41.27 12.18 32.24
CA MET B 126 -40.49 13.39 32.45
C MET B 126 -40.73 13.92 33.84
N LYS B 127 -39.68 14.48 34.40
CA LYS B 127 -39.71 14.98 35.77
C LYS B 127 -40.67 16.15 35.92
N SER B 128 -40.75 17.05 34.92
CA SER B 128 -41.41 18.32 35.15
C SER B 128 -42.92 18.17 35.40
N ASP B 129 -43.57 17.18 34.77
CA ASP B 129 -45.00 16.95 34.97
C ASP B 129 -45.35 15.48 35.18
N GLY B 130 -44.37 14.59 35.28
CA GLY B 130 -44.69 13.21 35.54
C GLY B 130 -45.34 12.47 34.39
N LYS B 131 -45.26 13.02 33.18
CA LYS B 131 -45.85 12.44 31.98
C LYS B 131 -44.81 12.25 30.87
N PRO B 132 -45.07 11.33 29.94
CA PRO B 132 -44.21 11.20 28.76
C PRO B 132 -44.56 12.27 27.72
N ARG B 133 -43.67 12.44 26.75
CA ARG B 133 -43.83 13.43 25.70
C ARG B 133 -44.29 12.82 24.38
N PHE B 134 -44.46 11.50 24.31
CA PHE B 134 -44.86 10.81 23.10
C PHE B 134 -46.33 10.42 23.16
N THR B 135 -47.04 10.57 22.04
CA THR B 135 -48.41 10.06 21.93
C THR B 135 -48.64 9.45 20.55
N VAL B 136 -49.50 8.44 20.53
CA VAL B 136 -50.13 7.96 19.30
C VAL B 136 -51.63 8.01 19.52
N ASP B 137 -52.34 8.73 18.64
CA ASP B 137 -53.79 8.88 18.74
C ASP B 137 -54.19 9.46 20.10
N GLY B 138 -53.42 10.43 20.57
CA GLY B 138 -53.63 11.03 21.86
C GLY B 138 -53.32 10.16 23.06
N LYS B 139 -52.81 8.93 22.85
CA LYS B 139 -52.53 8.08 24.01
C LYS B 139 -51.03 8.02 24.29
N PRO B 140 -50.61 7.95 25.55
CA PRO B 140 -49.18 8.10 25.85
C PRO B 140 -48.34 6.90 25.45
N ILE B 141 -47.15 7.20 24.93
CA ILE B 141 -46.08 6.21 24.75
C ILE B 141 -44.95 6.61 25.68
N TYR B 142 -44.44 5.66 26.46
CA TYR B 142 -43.54 5.96 27.56
C TYR B 142 -42.08 5.97 27.10
N HIS B 143 -41.25 6.67 27.88
CA HIS B 143 -39.83 6.78 27.56
C HIS B 143 -39.07 5.55 28.07
N PHE B 144 -37.78 5.49 27.73
CA PHE B 144 -36.91 4.39 28.11
C PHE B 144 -35.55 4.96 28.46
N MET B 145 -35.06 4.69 29.68
CA MET B 145 -33.71 5.04 30.12
C MET B 145 -33.44 6.55 30.06
N GLY B 146 -34.49 7.35 30.00
CA GLY B 146 -34.37 8.81 29.85
C GLY B 146 -33.94 9.28 28.48
N THR B 147 -33.84 8.38 27.51
CA THR B 147 -33.28 8.70 26.20
C THR B 147 -34.28 8.47 25.05
N SER B 148 -34.90 7.29 24.98
CA SER B 148 -35.80 6.95 23.87
C SER B 148 -35.29 7.44 22.51
N THR B 149 -34.18 6.86 22.06
CA THR B 149 -33.55 7.35 20.84
C THR B 149 -34.07 6.68 19.56
N PHE B 150 -34.98 5.71 19.63
CA PHE B 150 -35.55 5.12 18.40
C PHE B 150 -36.72 5.96 17.87
N SER B 151 -36.42 7.24 17.64
CA SER B 151 -37.39 8.21 17.14
C SER B 151 -36.59 9.34 16.52
N GLU B 152 -37.13 9.90 15.43
CA GLU B 152 -36.47 11.03 14.77
C GLU B 152 -36.27 12.20 15.74
N TYR B 153 -37.21 12.39 16.65
CA TYR B 153 -37.17 13.44 17.66
C TYR B 153 -37.49 12.84 19.02
N THR B 154 -36.77 13.28 20.05
CA THR B 154 -37.03 12.81 21.39
C THR B 154 -36.87 13.98 22.35
N VAL B 155 -37.39 13.82 23.56
CA VAL B 155 -37.31 14.85 24.58
C VAL B 155 -36.66 14.24 25.81
N VAL B 156 -35.62 14.91 26.31
CA VAL B 156 -34.82 14.39 27.40
C VAL B 156 -34.62 15.50 28.43
N HIS B 157 -34.24 15.09 29.64
CA HIS B 157 -33.89 16.06 30.68
C HIS B 157 -32.55 16.72 30.35
N GLU B 158 -32.42 18.00 30.73
CA GLU B 158 -31.19 18.69 30.39
C GLU B 158 -29.99 18.08 31.10
N GLN B 159 -30.21 17.43 32.26
CA GLN B 159 -29.16 16.72 32.96
C GLN B 159 -28.63 15.51 32.18
N SER B 160 -29.32 15.09 31.14
CA SER B 160 -28.94 13.93 30.34
C SER B 160 -28.16 14.31 29.07
N VAL B 161 -27.98 15.59 28.80
CA VAL B 161 -27.51 16.07 27.51
C VAL B 161 -26.03 16.45 27.58
N ALA B 162 -25.16 15.65 26.96
CA ALA B 162 -23.77 16.01 26.81
C ALA B 162 -23.59 16.83 25.54
N LYS B 163 -23.00 18.02 25.66
CA LYS B 163 -22.76 18.86 24.48
C LYS B 163 -21.36 18.56 23.93
N ILE B 164 -21.28 18.27 22.63
CA ILE B 164 -20.05 17.74 22.07
C ILE B 164 -19.57 18.61 20.92
N ASP B 165 -18.33 18.35 20.51
CA ASP B 165 -17.65 19.02 19.40
C ASP B 165 -18.50 18.91 18.13
N VAL B 166 -18.85 20.08 17.56
CA VAL B 166 -19.72 20.10 16.38
C VAL B 166 -19.09 19.37 15.19
N ASN B 167 -17.77 19.16 15.22
CA ASN B 167 -17.08 18.52 14.11
C ASN B 167 -17.11 17.00 14.17
N ALA B 168 -17.56 16.42 15.29
CA ALA B 168 -17.51 14.97 15.42
C ALA B 168 -18.58 14.33 14.55
N PRO B 169 -18.28 13.19 13.92
CA PRO B 169 -19.29 12.47 13.12
C PRO B 169 -20.29 11.76 14.02
N LEU B 170 -21.56 12.12 13.87
CA LEU B 170 -22.59 11.66 14.79
C LEU B 170 -22.85 10.16 14.67
N ASP B 171 -22.55 9.56 13.52
CA ASP B 171 -22.78 8.12 13.36
C ASP B 171 -21.62 7.28 13.90
N LYS B 172 -20.64 7.89 14.54
CA LYS B 172 -19.59 7.20 15.27
C LYS B 172 -19.69 7.45 16.77
N VAL B 173 -19.81 8.71 17.18
CA VAL B 173 -19.81 9.02 18.61
C VAL B 173 -21.13 8.65 19.29
N CYS B 174 -22.14 8.24 18.54
CA CYS B 174 -23.37 7.75 19.16
C CYS B 174 -23.12 6.55 20.07
N LEU B 175 -21.94 5.89 19.97
CA LEU B 175 -21.60 4.78 20.84
C LEU B 175 -21.12 5.22 22.24
N LEU B 176 -20.73 6.49 22.39
CA LEU B 176 -20.02 6.93 23.60
C LEU B 176 -20.95 7.12 24.80
N GLY B 177 -22.26 6.95 24.63
CA GLY B 177 -23.16 7.00 25.75
C GLY B 177 -23.42 5.65 26.42
N CYS B 178 -22.71 4.58 26.01
CA CYS B 178 -22.95 3.31 26.67
C CYS B 178 -21.72 2.41 26.58
N GLY B 179 -21.82 1.30 25.85
CA GLY B 179 -20.92 0.17 26.08
C GLY B 179 -19.43 0.48 25.93
N VAL B 180 -19.05 1.16 24.84
CA VAL B 180 -17.61 1.39 24.62
C VAL B 180 -17.02 2.20 25.76
N SER B 181 -17.72 3.27 26.14
CA SER B 181 -17.27 4.07 27.28
C SER B 181 -17.29 3.29 28.58
N THR B 182 -18.23 2.35 28.75
CA THR B 182 -18.27 1.55 29.96
C THR B 182 -17.01 0.72 30.12
N GLY B 183 -16.58 0.04 29.03
CA GLY B 183 -15.32 -0.68 29.07
C GLY B 183 -14.11 0.22 29.26
N TRP B 184 -14.03 1.32 28.52
CA TRP B 184 -12.89 2.21 28.68
C TRP B 184 -12.77 2.70 30.12
N GLY B 185 -13.90 3.10 30.71
CA GLY B 185 -13.92 3.66 32.05
C GLY B 185 -13.64 2.64 33.13
N ALA B 186 -14.05 1.38 32.91
CA ALA B 186 -13.67 0.31 33.82
C ALA B 186 -12.16 0.30 34.04
N VAL B 187 -11.41 0.57 32.97
CA VAL B 187 -9.95 0.55 33.04
C VAL B 187 -9.43 1.88 33.61
N PHE B 188 -9.90 3.00 33.07
CA PHE B 188 -9.29 4.30 33.35
C PHE B 188 -9.76 4.92 34.67
N ASN B 189 -11.04 4.73 35.01
CA ASN B 189 -11.65 5.32 36.19
C ASN B 189 -11.76 4.36 37.37
N THR B 190 -12.28 3.16 37.14
CA THR B 190 -12.54 2.26 38.27
C THR B 190 -11.28 1.52 38.70
N ALA B 191 -10.68 0.73 37.80
CA ALA B 191 -9.46 0.01 38.12
C ALA B 191 -8.24 0.93 38.22
N LYS B 192 -8.18 1.98 37.39
CA LYS B 192 -6.99 2.84 37.25
C LYS B 192 -5.74 2.02 36.92
N VAL B 193 -5.84 1.22 35.85
CA VAL B 193 -4.78 0.30 35.45
C VAL B 193 -3.47 1.04 35.27
N THR B 194 -2.38 0.46 35.78
CA THR B 194 -1.06 1.10 35.72
C THR B 194 -0.21 0.52 34.59
N ALA B 195 0.71 1.34 34.07
CA ALA B 195 1.56 0.83 33.02
C ALA B 195 2.42 -0.31 33.56
N GLY B 196 2.64 -1.32 32.71
CA GLY B 196 3.38 -2.51 33.09
C GLY B 196 2.55 -3.62 33.74
N SER B 197 1.28 -3.40 34.01
CA SER B 197 0.54 -4.37 34.78
C SER B 197 -0.01 -5.48 33.89
N THR B 198 -0.46 -6.58 34.50
CA THR B 198 -1.09 -7.66 33.76
C THR B 198 -2.61 -7.58 33.94
N VAL B 199 -3.35 -7.97 32.89
CA VAL B 199 -4.80 -7.82 32.84
C VAL B 199 -5.43 -9.09 32.27
N ALA B 200 -6.55 -9.53 32.85
CA ALA B 200 -7.39 -10.55 32.24
C ALA B 200 -8.79 -9.98 32.01
N VAL B 201 -9.35 -10.27 30.85
CA VAL B 201 -10.66 -9.78 30.45
C VAL B 201 -11.54 -10.97 30.11
N PHE B 202 -12.66 -11.11 30.82
CA PHE B 202 -13.61 -12.22 30.65
C PHE B 202 -14.82 -11.74 29.87
N GLY B 203 -14.99 -12.24 28.65
CA GLY B 203 -16.13 -11.86 27.83
C GLY B 203 -15.73 -10.88 26.74
N LEU B 204 -15.94 -11.24 25.48
CA LEU B 204 -15.31 -10.52 24.38
C LEU B 204 -16.33 -9.92 23.41
N GLY B 205 -17.43 -9.40 23.93
CA GLY B 205 -18.26 -8.50 23.16
C GLY B 205 -17.67 -7.10 23.14
N ALA B 206 -18.48 -6.14 22.69
CA ALA B 206 -18.03 -4.74 22.59
C ALA B 206 -17.46 -4.22 23.91
N VAL B 207 -18.09 -4.55 25.04
CA VAL B 207 -17.57 -4.05 26.32
C VAL B 207 -16.20 -4.65 26.62
N GLY B 208 -16.05 -5.96 26.46
CA GLY B 208 -14.77 -6.59 26.76
C GLY B 208 -13.68 -6.13 25.80
N LEU B 209 -14.02 -5.93 24.53
CA LEU B 209 -13.03 -5.42 23.60
C LEU B 209 -12.61 -4.00 23.98
N ALA B 210 -13.54 -3.22 24.55
CA ALA B 210 -13.19 -1.87 24.97
C ALA B 210 -12.29 -1.90 26.20
N VAL B 211 -12.53 -2.84 27.12
CA VAL B 211 -11.59 -3.04 28.23
C VAL B 211 -10.19 -3.38 27.69
N ILE B 212 -10.11 -4.29 26.72
CA ILE B 212 -8.82 -4.64 26.13
C ILE B 212 -8.15 -3.40 25.54
N GLU B 213 -8.89 -2.63 24.74
CA GLU B 213 -8.31 -1.46 24.09
C GLU B 213 -7.75 -0.49 25.12
N ALA B 214 -8.55 -0.21 26.16
CA ALA B 214 -8.13 0.74 27.20
C ALA B 214 -6.94 0.20 27.98
N ALA B 215 -6.94 -1.09 28.32
CA ALA B 215 -5.82 -1.68 29.02
C ALA B 215 -4.53 -1.54 28.22
N LYS B 216 -4.60 -1.72 26.90
CA LYS B 216 -3.42 -1.52 26.07
C LYS B 216 -2.97 -0.07 26.08
N ARG B 217 -3.92 0.84 25.99
CA ARG B 217 -3.60 2.27 26.05
C ARG B 217 -3.00 2.65 27.41
N ALA B 218 -3.51 2.06 28.50
CA ALA B 218 -2.95 2.29 29.83
C ALA B 218 -1.56 1.68 29.99
N GLY B 219 -1.10 0.90 29.02
CA GLY B 219 0.24 0.36 29.09
C GLY B 219 0.36 -1.01 29.72
N ALA B 220 -0.72 -1.79 29.79
CA ALA B 220 -0.62 -3.14 30.32
C ALA B 220 0.40 -3.96 29.53
N SER B 221 1.22 -4.73 30.26
CA SER B 221 2.24 -5.57 29.63
C SER B 221 1.69 -6.90 29.13
N ARG B 222 0.56 -7.35 29.67
CA ARG B 222 -0.05 -8.59 29.23
C ARG B 222 -1.57 -8.43 29.35
N ILE B 223 -2.30 -8.91 28.35
CA ILE B 223 -3.75 -8.77 28.33
C ILE B 223 -4.33 -10.11 27.89
N ILE B 224 -4.91 -10.86 28.83
CA ILE B 224 -5.36 -12.22 28.59
C ILE B 224 -6.86 -12.18 28.35
N ALA B 225 -7.27 -12.44 27.11
CA ALA B 225 -8.69 -12.48 26.76
C ALA B 225 -9.23 -13.89 26.96
N VAL B 226 -10.41 -13.99 27.60
CA VAL B 226 -10.99 -15.27 27.96
C VAL B 226 -12.42 -15.32 27.42
N ASP B 227 -12.71 -16.35 26.64
CA ASP B 227 -14.07 -16.50 26.15
C ASP B 227 -14.22 -17.92 25.64
N ILE B 228 -15.42 -18.48 25.79
CA ILE B 228 -15.67 -19.83 25.27
C ILE B 228 -15.91 -19.86 23.77
N ASP B 229 -15.92 -18.71 23.10
CA ASP B 229 -16.11 -18.68 21.65
C ASP B 229 -14.81 -18.24 20.99
N PRO B 230 -13.99 -19.17 20.48
CA PRO B 230 -12.68 -18.77 19.94
C PRO B 230 -12.76 -18.02 18.63
N THR B 231 -13.91 -17.99 17.95
CA THR B 231 -14.05 -17.13 16.78
C THR B 231 -13.97 -15.65 17.14
N LYS B 232 -14.09 -15.31 18.43
CA LYS B 232 -13.89 -13.94 18.88
C LYS B 232 -12.44 -13.58 19.12
N PHE B 233 -11.53 -14.55 19.07
CA PHE B 233 -10.12 -14.31 19.42
C PHE B 233 -9.39 -13.40 18.43
N PRO B 234 -9.56 -13.56 17.11
CA PRO B 234 -8.81 -12.66 16.20
C PRO B 234 -9.15 -11.19 16.43
N THR B 235 -10.42 -10.89 16.68
CA THR B 235 -10.81 -9.52 17.00
C THR B 235 -10.21 -9.05 18.32
N ALA B 236 -10.22 -9.92 19.34
CA ALA B 236 -9.59 -9.56 20.60
C ALA B 236 -8.12 -9.19 20.40
N LYS B 237 -7.41 -9.94 19.56
CA LYS B 237 -6.01 -9.62 19.31
C LYS B 237 -5.88 -8.29 18.57
N GLU B 238 -6.80 -8.02 17.66
CA GLU B 238 -6.78 -6.76 16.92
CA GLU B 238 -6.76 -6.76 16.93
C GLU B 238 -6.90 -5.56 17.86
N PHE B 239 -7.71 -5.71 18.93
CA PHE B 239 -7.88 -4.64 19.90
C PHE B 239 -6.79 -4.60 20.97
N GLY B 240 -5.90 -5.61 21.02
CA GLY B 240 -4.73 -5.54 21.87
C GLY B 240 -4.39 -6.73 22.75
N ALA B 241 -5.21 -7.78 22.71
CA ALA B 241 -4.96 -8.92 23.60
C ALA B 241 -3.65 -9.61 23.23
N THR B 242 -2.88 -10.00 24.25
CA THR B 242 -1.62 -10.70 24.04
C THR B 242 -1.76 -12.21 24.10
N ASP B 243 -2.84 -12.70 24.72
CA ASP B 243 -3.13 -14.11 24.90
C ASP B 243 -4.64 -14.29 24.81
N CYS B 244 -5.08 -15.46 24.33
CA CYS B 244 -6.50 -15.78 24.30
C CYS B 244 -6.70 -17.17 24.89
N ILE B 245 -7.67 -17.32 25.78
CA ILE B 245 -7.88 -18.57 26.49
C ILE B 245 -9.35 -18.98 26.36
N ASN B 246 -9.58 -20.18 25.85
CA ASN B 246 -10.92 -20.76 25.86
C ASN B 246 -11.05 -21.66 27.07
N PRO B 247 -11.88 -21.34 28.06
CA PRO B 247 -12.04 -22.24 29.23
C PRO B 247 -12.34 -23.70 28.88
N LYS B 248 -13.05 -23.97 27.78
CA LYS B 248 -13.38 -25.36 27.48
C LYS B 248 -12.20 -26.19 26.99
N ASP B 249 -11.08 -25.54 26.65
CA ASP B 249 -9.84 -26.26 26.36
C ASP B 249 -9.14 -26.78 27.61
N HIS B 250 -9.62 -26.50 28.82
CA HIS B 250 -8.87 -26.80 30.03
C HIS B 250 -9.72 -27.61 31.00
N GLU B 251 -9.13 -28.66 31.56
CA GLU B 251 -9.81 -29.50 32.54
C GLU B 251 -9.48 -29.08 33.97
N LYS B 252 -9.37 -27.78 34.19
CA LYS B 252 -9.25 -27.23 35.54
C LYS B 252 -10.01 -25.92 35.55
N PRO B 253 -10.42 -25.44 36.72
CA PRO B 253 -11.16 -24.18 36.80
C PRO B 253 -10.36 -23.06 36.15
N ILE B 254 -11.08 -22.17 35.45
CA ILE B 254 -10.42 -21.14 34.64
C ILE B 254 -9.55 -20.24 35.51
N GLN B 255 -9.97 -19.95 36.76
CA GLN B 255 -9.10 -19.10 37.58
C GLN B 255 -7.76 -19.79 37.86
N GLN B 256 -7.75 -21.11 37.98
CA GLN B 256 -6.48 -21.82 38.17
C GLN B 256 -5.59 -21.71 36.94
N VAL B 257 -6.18 -21.80 35.75
CA VAL B 257 -5.43 -21.63 34.50
C VAL B 257 -4.72 -20.28 34.49
N ILE B 258 -5.47 -19.21 34.76
CA ILE B 258 -4.91 -17.86 34.70
C ILE B 258 -3.84 -17.69 35.78
N VAL B 259 -4.09 -18.20 36.98
CA VAL B 259 -3.11 -18.07 38.05
C VAL B 259 -1.83 -18.82 37.69
N GLU B 260 -1.97 -20.02 37.13
CA GLU B 260 -0.79 -20.76 36.68
C GLU B 260 0.01 -19.98 35.64
N MET B 261 -0.67 -19.28 34.71
CA MET B 261 0.04 -18.52 33.68
C MET B 261 0.79 -17.33 34.25
N THR B 262 0.33 -16.76 35.37
CA THR B 262 0.84 -15.51 35.90
C THR B 262 1.47 -15.67 37.28
N GLU B 263 1.65 -16.91 37.73
CA GLU B 263 2.12 -17.29 39.06
C GLU B 263 1.13 -16.96 40.17
N TRP B 264 0.69 -15.70 40.27
CA TRP B 264 -0.20 -15.31 41.36
C TRP B 264 -1.55 -14.76 40.93
N GLY B 265 -1.83 -14.66 39.64
CA GLY B 265 -2.98 -13.94 39.12
C GLY B 265 -2.57 -12.66 38.41
N CYS B 266 -3.56 -12.00 37.81
CA CYS B 266 -3.32 -10.75 37.10
C CYS B 266 -3.52 -9.57 38.04
N ASP B 267 -2.76 -8.50 37.81
CA ASP B 267 -2.93 -7.29 38.62
C ASP B 267 -4.38 -6.78 38.58
N TYR B 268 -5.04 -6.89 37.42
CA TYR B 268 -6.40 -6.43 37.21
C TYR B 268 -7.17 -7.48 36.42
N THR B 269 -8.43 -7.75 36.82
CA THR B 269 -9.31 -8.60 36.03
C THR B 269 -10.66 -7.92 35.85
N PHE B 270 -11.35 -8.24 34.74
CA PHE B 270 -12.60 -7.59 34.40
C PHE B 270 -13.61 -8.63 33.94
N GLU B 271 -14.81 -8.62 34.50
CA GLU B 271 -15.88 -9.50 34.02
C GLU B 271 -16.86 -8.67 33.21
N CYS B 272 -17.11 -9.09 31.96
CA CYS B 272 -17.78 -8.23 31.00
C CYS B 272 -19.03 -8.85 30.41
N ILE B 273 -19.54 -9.93 31.00
CA ILE B 273 -20.69 -10.64 30.46
C ILE B 273 -21.94 -10.49 31.34
N GLY B 274 -21.78 -10.34 32.65
CA GLY B 274 -22.89 -10.45 33.57
C GLY B 274 -23.08 -11.82 34.19
N ASN B 275 -22.07 -12.66 34.18
CA ASN B 275 -22.17 -14.04 34.64
C ASN B 275 -21.53 -14.14 36.02
N THR B 276 -22.31 -14.47 37.06
CA THR B 276 -21.77 -14.43 38.42
C THR B 276 -20.72 -15.52 38.67
N ALA B 277 -20.83 -16.69 38.02
CA ALA B 277 -19.77 -17.69 38.19
C ALA B 277 -18.44 -17.18 37.62
N VAL B 278 -18.49 -16.47 36.50
CA VAL B 278 -17.26 -15.92 35.95
C VAL B 278 -16.80 -14.71 36.77
N MET B 279 -17.73 -13.96 37.37
CA MET B 279 -17.30 -12.87 38.25
C MET B 279 -16.46 -13.42 39.39
N ARG B 280 -16.89 -14.55 39.96
CA ARG B 280 -16.09 -15.21 40.99
C ARG B 280 -14.74 -15.64 40.44
N ALA B 281 -14.71 -16.24 39.25
CA ALA B 281 -13.44 -16.67 38.67
C ALA B 281 -12.50 -15.49 38.47
N ALA B 282 -13.03 -14.36 37.99
CA ALA B 282 -12.20 -13.18 37.77
C ALA B 282 -11.62 -12.65 39.08
N LEU B 283 -12.42 -12.63 40.15
CA LEU B 283 -11.90 -12.26 41.46
C LEU B 283 -10.77 -13.19 41.88
N GLU B 284 -10.98 -14.50 41.70
CA GLU B 284 -10.03 -15.46 42.23
C GLU B 284 -8.75 -15.56 41.41
N CYS B 285 -8.69 -15.02 40.20
CA CYS B 285 -7.38 -14.91 39.53
C CYS B 285 -6.87 -13.46 39.48
N ALA B 286 -7.41 -12.58 40.30
CA ALA B 286 -6.70 -11.34 40.60
C ALA B 286 -5.50 -11.65 41.48
N HIS B 287 -4.44 -10.85 41.32
CA HIS B 287 -3.15 -11.15 41.96
C HIS B 287 -3.30 -11.21 43.47
N ARG B 288 -2.76 -12.26 44.08
CA ARG B 288 -2.62 -12.29 45.53
C ARG B 288 -2.04 -10.97 46.06
N GLY B 289 -2.48 -10.55 47.25
CA GLY B 289 -1.91 -9.38 47.91
C GLY B 289 -2.41 -8.00 47.46
N TRP B 290 -2.66 -7.81 46.16
CA TRP B 290 -3.07 -6.48 45.70
C TRP B 290 -3.99 -6.49 44.48
N GLY B 291 -4.44 -7.64 44.02
CA GLY B 291 -5.18 -7.69 42.76
C GLY B 291 -6.54 -7.01 42.88
N THR B 292 -7.02 -6.50 41.76
CA THR B 292 -8.30 -5.81 41.68
C THR B 292 -9.15 -6.49 40.61
N SER B 293 -10.40 -6.84 40.95
CA SER B 293 -11.34 -7.36 39.96
C SER B 293 -12.55 -6.43 39.87
N VAL B 294 -12.91 -6.04 38.64
CA VAL B 294 -13.98 -5.09 38.38
C VAL B 294 -15.11 -5.81 37.64
N ILE B 295 -16.29 -5.82 38.25
CA ILE B 295 -17.50 -6.32 37.59
C ILE B 295 -18.03 -5.23 36.67
N VAL B 296 -18.09 -5.53 35.38
CA VAL B 296 -18.62 -4.62 34.38
C VAL B 296 -19.95 -5.10 33.80
N GLY B 297 -20.17 -6.42 33.71
CA GLY B 297 -21.44 -6.94 33.20
C GLY B 297 -22.56 -6.92 34.23
N VAL B 298 -23.79 -6.97 33.72
CA VAL B 298 -24.99 -6.89 34.56
C VAL B 298 -25.58 -8.27 34.71
N ALA B 299 -25.62 -8.77 35.95
CA ALA B 299 -26.06 -10.14 36.22
C ALA B 299 -27.58 -10.26 36.14
N ALA B 300 -28.03 -11.49 35.94
CA ALA B 300 -29.45 -11.76 35.78
C ALA B 300 -30.17 -11.79 37.14
N ALA B 301 -31.50 -11.77 37.08
CA ALA B 301 -32.31 -11.77 38.29
C ALA B 301 -31.95 -12.97 39.16
N GLY B 302 -31.84 -12.71 40.48
CA GLY B 302 -31.68 -13.77 41.47
C GLY B 302 -30.27 -14.30 41.63
N GLN B 303 -29.30 -13.76 40.90
CA GLN B 303 -27.96 -14.31 40.88
C GLN B 303 -27.10 -13.52 41.86
N GLU B 304 -26.36 -14.22 42.70
CA GLU B 304 -25.45 -13.59 43.63
C GLU B 304 -24.02 -13.96 43.29
N ILE B 305 -23.06 -13.11 43.73
CA ILE B 305 -21.65 -13.46 43.66
C ILE B 305 -21.25 -14.07 44.99
N SER B 306 -20.33 -15.03 44.95
CA SER B 306 -19.81 -15.68 46.15
C SER B 306 -18.31 -15.87 46.00
N THR B 307 -17.61 -15.90 47.14
CA THR B 307 -16.22 -16.35 47.20
C THR B 307 -15.91 -16.70 48.65
N ARG B 308 -14.72 -17.23 48.87
CA ARG B 308 -14.35 -17.37 50.28
C ARG B 308 -13.68 -16.09 50.78
N PRO B 309 -13.97 -15.64 52.00
CA PRO B 309 -13.39 -14.36 52.46
C PRO B 309 -11.88 -14.37 52.52
N PHE B 310 -11.27 -15.55 52.63
CA PHE B 310 -9.82 -15.70 52.48
C PHE B 310 -9.28 -14.97 51.26
N GLN B 311 -10.05 -14.96 50.16
CA GLN B 311 -9.59 -14.28 48.95
C GLN B 311 -9.40 -12.77 49.15
N LEU B 312 -10.25 -12.15 49.98
CA LEU B 312 -10.11 -10.71 50.24
C LEU B 312 -9.12 -10.43 51.38
N VAL B 313 -9.13 -11.27 52.42
CA VAL B 313 -8.15 -11.15 53.49
C VAL B 313 -6.73 -11.25 52.93
N THR B 314 -6.53 -12.08 51.89
CA THR B 314 -5.22 -12.18 51.28
C THR B 314 -5.05 -11.25 50.09
N GLY B 315 -5.80 -10.15 50.06
CA GLY B 315 -5.37 -8.97 49.35
C GLY B 315 -6.13 -8.60 48.08
N ARG B 316 -7.11 -9.40 47.66
CA ARG B 316 -7.82 -9.06 46.42
C ARG B 316 -8.95 -8.08 46.75
N ARG B 317 -9.26 -7.20 45.79
CA ARG B 317 -10.28 -6.17 45.96
C ARG B 317 -11.36 -6.39 44.92
N TRP B 318 -12.62 -6.44 45.35
CA TRP B 318 -13.74 -6.68 44.44
C TRP B 318 -14.51 -5.38 44.27
N MET B 319 -14.64 -4.92 43.03
CA MET B 319 -15.41 -3.71 42.78
C MET B 319 -16.23 -3.87 41.51
N GLY B 320 -16.91 -2.78 41.13
CA GLY B 320 -17.77 -2.81 39.96
C GLY B 320 -17.85 -1.42 39.38
N THR B 321 -18.50 -1.32 38.24
CA THR B 321 -18.57 -0.02 37.58
C THR B 321 -19.91 0.11 36.89
N ALA B 322 -20.33 1.36 36.72
CA ALA B 322 -21.57 1.69 36.03
C ALA B 322 -21.25 2.81 35.05
N PHE B 323 -21.50 2.56 33.76
CA PHE B 323 -21.13 3.51 32.71
C PHE B 323 -19.66 3.92 32.85
N GLY B 324 -18.83 2.98 33.29
CA GLY B 324 -17.39 3.22 33.39
C GLY B 324 -16.97 4.25 34.40
N GLY B 325 -17.85 4.65 35.32
CA GLY B 325 -17.51 5.75 36.21
C GLY B 325 -17.48 7.12 35.56
N TYR B 326 -17.85 7.24 34.28
CA TYR B 326 -17.80 8.55 33.63
C TYR B 326 -18.94 9.46 34.11
N LYS B 327 -18.57 10.66 34.52
CA LYS B 327 -19.56 11.70 34.85
C LYS B 327 -20.02 12.27 33.53
N SER B 328 -21.22 11.89 33.11
CA SER B 328 -21.60 11.92 31.69
C SER B 328 -21.43 13.29 31.04
N ARG B 329 -22.12 14.32 31.53
CA ARG B 329 -22.13 15.57 30.78
C ARG B 329 -20.77 16.24 30.79
N VAL B 330 -19.92 15.93 31.78
CA VAL B 330 -18.60 16.55 31.85
C VAL B 330 -17.58 15.75 31.05
N GLN B 331 -17.67 14.42 31.06
CA GLN B 331 -16.59 13.61 30.48
C GLN B 331 -16.90 13.01 29.12
N VAL B 332 -18.17 12.78 28.76
CA VAL B 332 -18.47 12.34 27.39
C VAL B 332 -17.93 13.32 26.36
N PRO B 333 -18.02 14.65 26.55
CA PRO B 333 -17.34 15.56 25.61
C PRO B 333 -15.83 15.36 25.55
N ASP B 334 -15.18 15.01 26.67
CA ASP B 334 -13.76 14.68 26.62
C ASP B 334 -13.51 13.41 25.82
N LEU B 335 -14.40 12.42 25.92
CA LEU B 335 -14.23 11.21 25.11
C LEU B 335 -14.37 11.53 23.63
N VAL B 336 -15.30 12.42 23.28
CA VAL B 336 -15.40 12.85 21.89
C VAL B 336 -14.11 13.51 21.43
N THR B 337 -13.54 14.40 22.26
CA THR B 337 -12.27 15.04 21.91
C THR B 337 -11.16 14.01 21.74
N ASP B 338 -11.13 13.01 22.63
CA ASP B 338 -10.14 11.94 22.48
C ASP B 338 -10.33 11.17 21.17
N TYR B 339 -11.57 10.83 20.83
CA TYR B 339 -11.83 10.20 19.53
C TYR B 339 -11.39 11.10 18.37
N MET B 340 -11.68 12.40 18.45
CA MET B 340 -11.30 13.30 17.36
C MET B 340 -9.79 13.45 17.24
N SER B 341 -9.02 13.17 18.31
CA SER B 341 -7.57 13.21 18.24
C SER B 341 -6.98 12.02 17.47
N GLY B 342 -7.75 10.97 17.21
CA GLY B 342 -7.26 9.81 16.49
C GLY B 342 -6.62 8.75 17.35
N ALA B 343 -6.77 8.83 18.67
CA ALA B 343 -6.11 7.92 19.59
C ALA B 343 -6.91 6.65 19.91
N THR B 344 -8.12 6.48 19.38
CA THR B 344 -8.99 5.38 19.79
C THR B 344 -9.36 4.51 18.59
N LEU B 345 -9.90 3.35 18.90
CA LEU B 345 -10.41 2.43 17.89
C LEU B 345 -11.94 2.47 17.79
N LEU B 346 -12.57 3.61 18.17
CA LEU B 346 -14.03 3.69 18.19
C LEU B 346 -14.66 3.21 16.88
N ASP B 347 -14.09 3.62 15.73
CA ASP B 347 -14.68 3.24 14.43
C ASP B 347 -14.80 1.73 14.26
N LYS B 348 -13.89 0.96 14.88
CA LYS B 348 -13.83 -0.49 14.70
C LYS B 348 -14.96 -1.23 15.41
N TYR B 349 -15.68 -0.59 16.34
CA TYR B 349 -16.80 -1.26 16.98
C TYR B 349 -18.04 -1.32 16.10
N ILE B 350 -18.09 -0.55 15.01
CA ILE B 350 -19.27 -0.50 14.18
C ILE B 350 -19.08 -1.51 13.06
N THR B 351 -19.87 -2.58 13.09
CA THR B 351 -19.77 -3.58 12.05
C THR B 351 -20.82 -3.41 10.97
N HIS B 352 -21.93 -2.74 11.26
CA HIS B 352 -23.04 -2.59 10.32
C HIS B 352 -23.60 -1.18 10.37
N ASN B 353 -23.95 -0.66 9.19
CA ASN B 353 -24.67 0.60 9.07
C ASN B 353 -25.94 0.36 8.26
N MET B 354 -27.10 0.56 8.89
CA MET B 354 -28.39 0.25 8.31
C MET B 354 -29.33 1.44 8.44
N LYS B 355 -30.43 1.39 7.68
CA LYS B 355 -31.44 2.44 7.78
C LYS B 355 -32.43 2.09 8.90
N PHE B 356 -33.04 3.13 9.46
CA PHE B 356 -33.92 2.95 10.61
C PHE B 356 -35.05 2.00 10.30
N ASP B 357 -35.56 2.00 9.06
CA ASP B 357 -36.66 1.11 8.67
C ASP B 357 -36.36 -0.36 8.90
N GLN B 358 -35.08 -0.76 8.94
CA GLN B 358 -34.69 -2.14 9.16
C GLN B 358 -34.32 -2.42 10.62
N ILE B 359 -34.91 -1.68 11.57
CA ILE B 359 -34.49 -1.83 12.96
C ILE B 359 -34.78 -3.24 13.47
N ASN B 360 -35.86 -3.88 13.00
CA ASN B 360 -36.11 -5.23 13.47
C ASN B 360 -35.05 -6.20 12.95
N GLU B 361 -34.55 -5.95 11.75
CA GLU B 361 -33.46 -6.77 11.20
C GLU B 361 -32.17 -6.55 11.99
N ALA B 362 -31.93 -5.32 12.46
CA ALA B 362 -30.76 -5.09 13.30
C ALA B 362 -30.88 -5.83 14.63
N PHE B 363 -32.10 -5.89 15.20
CA PHE B 363 -32.27 -6.67 16.42
C PHE B 363 -32.00 -8.15 16.19
N GLU B 364 -32.36 -8.68 15.01
CA GLU B 364 -32.07 -10.08 14.70
C GLU B 364 -30.57 -10.32 14.64
N LEU B 365 -29.82 -9.42 13.99
CA LEU B 365 -28.36 -9.54 13.96
C LEU B 365 -27.79 -9.52 15.38
N LEU B 366 -28.29 -8.62 16.22
CA LEU B 366 -27.82 -8.56 17.60
C LEU B 366 -28.05 -9.89 18.31
N HIS B 367 -29.28 -10.41 18.23
CA HIS B 367 -29.59 -11.67 18.88
C HIS B 367 -28.75 -12.81 18.32
N ALA B 368 -28.45 -12.78 17.02
CA ALA B 368 -27.64 -13.84 16.45
C ALA B 368 -26.20 -13.78 16.92
N GLY B 369 -25.72 -12.59 17.26
CA GLY B 369 -24.33 -12.43 17.61
C GLY B 369 -23.48 -12.13 16.39
N GLU B 370 -22.17 -12.31 16.57
CA GLU B 370 -21.15 -12.13 15.53
C GLU B 370 -20.96 -10.66 15.14
N CYS B 371 -21.88 -9.78 15.54
CA CYS B 371 -21.83 -8.35 15.20
CA CYS B 371 -21.81 -8.36 15.20
C CYS B 371 -21.61 -7.53 16.47
N LEU B 372 -20.93 -6.39 16.32
CA LEU B 372 -20.47 -5.60 17.46
C LEU B 372 -21.39 -4.42 17.78
N ARG B 373 -21.48 -3.45 16.87
CA ARG B 373 -22.53 -2.44 16.91
C ARG B 373 -23.12 -2.26 15.52
N CYS B 374 -24.44 -2.19 15.47
CA CYS B 374 -25.16 -1.74 14.28
CA CYS B 374 -25.18 -1.75 14.28
C CYS B 374 -25.67 -0.33 14.51
N VAL B 375 -25.36 0.58 13.58
CA VAL B 375 -25.76 1.99 13.67
C VAL B 375 -26.86 2.27 12.65
N LEU B 376 -27.95 2.90 13.10
CA LEU B 376 -29.10 3.24 12.28
C LEU B 376 -29.13 4.73 11.97
N THR B 377 -29.46 5.07 10.72
CA THR B 377 -29.78 6.44 10.36
C THR B 377 -31.15 6.46 9.69
N PHE B 378 -31.80 7.62 9.72
CA PHE B 378 -33.14 7.74 9.17
C PHE B 378 -33.12 7.90 7.63
N SER C 2 26.66 -16.14 79.04
CA SER C 2 25.37 -16.83 78.99
C SER C 2 25.51 -18.27 79.48
N GLU C 3 24.64 -18.65 80.42
CA GLU C 3 24.65 -20.02 80.89
C GLU C 3 23.73 -20.94 80.08
N THR C 4 22.93 -20.39 79.16
CA THR C 4 22.00 -21.20 78.38
C THR C 4 22.34 -21.29 76.89
N ALA C 5 23.13 -20.37 76.34
CA ALA C 5 23.41 -20.36 74.91
C ALA C 5 24.00 -21.69 74.44
N GLY C 6 23.53 -22.16 73.30
CA GLY C 6 23.97 -23.43 72.73
C GLY C 6 23.49 -24.67 73.47
N LYS C 7 22.64 -24.51 74.48
CA LYS C 7 22.17 -25.65 75.26
C LYS C 7 20.66 -25.74 75.20
N PRO C 8 20.08 -26.93 75.37
CA PRO C 8 18.63 -27.00 75.57
C PRO C 8 18.25 -26.29 76.85
N ILE C 9 17.03 -25.77 76.87
CA ILE C 9 16.47 -25.09 78.03
C ILE C 9 15.21 -25.85 78.47
N GLU C 10 15.13 -26.18 79.74
CA GLU C 10 13.91 -26.68 80.33
C GLU C 10 13.22 -25.50 81.02
N CYS C 11 11.97 -25.25 80.63
CA CYS C 11 11.28 -24.08 81.15
C CYS C 11 9.81 -24.43 81.26
N LYS C 12 9.05 -23.52 81.84
CA LYS C 12 7.60 -23.70 81.96
C LYS C 12 6.89 -23.35 80.66
N ALA C 13 5.90 -24.16 80.28
CA ALA C 13 5.07 -23.90 79.11
C ALA C 13 3.68 -24.48 79.34
N ALA C 14 2.75 -24.11 78.45
CA ALA C 14 1.40 -24.68 78.45
C ALA C 14 1.23 -25.53 77.20
N ILE C 15 1.09 -26.84 77.41
CA ILE C 15 1.00 -27.78 76.29
C ILE C 15 -0.45 -28.03 75.97
N ALA C 16 -0.79 -27.98 74.68
CA ALA C 16 -2.10 -28.41 74.20
C ALA C 16 -1.91 -29.82 73.63
N TRP C 17 -2.16 -30.84 74.46
CA TRP C 17 -1.94 -32.22 74.05
C TRP C 17 -2.94 -32.67 72.98
N GLU C 18 -4.15 -32.14 73.02
CA GLU C 18 -5.18 -32.42 72.02
C GLU C 18 -6.24 -31.34 72.17
N ALA C 19 -7.12 -31.26 71.16
CA ALA C 19 -8.18 -30.27 71.18
C ALA C 19 -9.17 -30.53 72.32
N LYS C 20 -9.85 -29.45 72.73
CA LYS C 20 -11.03 -29.52 73.60
C LYS C 20 -10.69 -30.03 74.99
N LYS C 21 -9.51 -29.68 75.50
CA LYS C 21 -9.18 -30.05 76.86
C LYS C 21 -8.22 -29.04 77.44
N PRO C 22 -8.15 -28.91 78.77
CA PRO C 22 -7.34 -27.87 79.39
C PRO C 22 -5.85 -28.06 79.12
N LEU C 23 -5.13 -26.94 79.04
CA LEU C 23 -3.68 -27.00 78.83
C LEU C 23 -2.97 -27.53 80.08
N GLU C 24 -1.93 -28.32 79.87
CA GLU C 24 -1.09 -28.74 80.98
C GLU C 24 0.07 -27.76 81.13
N VAL C 25 0.13 -27.08 82.27
CA VAL C 25 1.28 -26.25 82.60
C VAL C 25 2.35 -27.18 83.19
N ARG C 26 3.45 -27.36 82.46
CA ARG C 26 4.52 -28.25 82.87
C ARG C 26 5.81 -27.84 82.16
N THR C 27 6.86 -28.61 82.38
CA THR C 27 8.14 -28.30 81.78
C THR C 27 8.21 -28.83 80.34
N VAL C 28 8.89 -28.07 79.48
CA VAL C 28 9.18 -28.47 78.12
C VAL C 28 10.67 -28.24 77.89
N THR C 29 11.23 -28.99 76.96
CA THR C 29 12.62 -28.81 76.54
C THR C 29 12.65 -28.03 75.23
N VAL C 30 13.34 -26.88 75.24
CA VAL C 30 13.47 -26.02 74.06
C VAL C 30 14.89 -26.15 73.52
N ALA C 31 15.01 -26.62 72.29
CA ALA C 31 16.31 -26.78 71.66
C ALA C 31 16.94 -25.42 71.38
N PRO C 32 18.26 -25.36 71.24
CA PRO C 32 18.90 -24.10 70.85
C PRO C 32 18.53 -23.74 69.42
N PRO C 33 18.69 -22.47 69.04
CA PRO C 33 18.24 -22.06 67.70
C PRO C 33 19.17 -22.57 66.62
N GLY C 34 18.58 -23.00 65.52
CA GLY C 34 19.30 -23.40 64.35
C GLY C 34 19.63 -22.20 63.49
N PRO C 35 20.20 -22.46 62.31
CA PRO C 35 20.56 -21.34 61.42
C PRO C 35 19.33 -20.50 61.09
N GLY C 36 19.52 -19.18 61.13
CA GLY C 36 18.43 -18.27 60.85
C GLY C 36 17.34 -18.22 61.91
N GLU C 37 17.57 -18.80 63.09
CA GLU C 37 16.56 -18.87 64.14
C GLU C 37 16.95 -18.04 65.35
N VAL C 38 15.95 -17.68 66.16
CA VAL C 38 16.15 -16.82 67.32
C VAL C 38 15.42 -17.45 68.50
N ARG C 39 16.11 -17.61 69.64
CA ARG C 39 15.47 -18.10 70.84
C ARG C 39 15.15 -16.92 71.74
N VAL C 40 13.87 -16.78 72.08
CA VAL C 40 13.35 -15.62 72.80
C VAL C 40 12.86 -16.06 74.17
N GLN C 41 13.23 -15.31 75.20
CA GLN C 41 12.64 -15.42 76.53
C GLN C 41 11.39 -14.57 76.51
N ILE C 42 10.22 -15.21 76.60
CA ILE C 42 8.96 -14.50 76.60
C ILE C 42 8.76 -13.83 77.96
N LYS C 43 8.57 -12.53 77.95
CA LYS C 43 8.34 -11.79 79.20
C LYS C 43 6.87 -11.51 79.48
N ALA C 44 6.03 -11.48 78.46
CA ALA C 44 4.60 -11.25 78.62
C ALA C 44 3.88 -11.77 77.40
N THR C 45 2.73 -12.42 77.60
CA THR C 45 1.99 -12.96 76.45
C THR C 45 0.50 -12.87 76.75
N ALA C 46 -0.28 -12.49 75.74
CA ALA C 46 -1.71 -12.28 75.87
C ALA C 46 -2.47 -13.35 75.12
N LEU C 47 -3.74 -13.52 75.47
CA LEU C 47 -4.61 -14.48 74.79
C LEU C 47 -5.38 -13.80 73.68
N CYS C 48 -5.56 -14.52 72.59
CA CYS C 48 -6.34 -14.05 71.47
C CYS C 48 -7.33 -15.12 71.07
N GLN C 49 -8.44 -14.67 70.45
CA GLN C 49 -9.50 -15.58 70.05
C GLN C 49 -8.99 -16.70 69.16
N THR C 50 -7.99 -16.42 68.33
CA THR C 50 -7.44 -17.45 67.45
C THR C 50 -6.78 -18.57 68.25
N ASP C 51 -6.13 -18.25 69.38
CA ASP C 51 -5.60 -19.31 70.23
C ASP C 51 -6.72 -20.25 70.68
N ALA C 52 -7.80 -19.67 71.21
CA ALA C 52 -8.92 -20.48 71.70
C ALA C 52 -9.60 -21.26 70.58
N TYR C 53 -9.70 -20.64 69.40
CA TYR C 53 -10.29 -21.33 68.25
C TYR C 53 -9.55 -22.63 67.93
N THR C 54 -8.21 -22.58 67.88
CA THR C 54 -7.45 -23.79 67.57
C THR C 54 -7.55 -24.80 68.71
N LEU C 55 -7.51 -24.31 69.95
CA LEU C 55 -7.66 -25.17 71.11
C LEU C 55 -9.00 -25.91 71.10
N GLY C 56 -10.03 -25.31 70.51
CA GLY C 56 -11.36 -25.90 70.47
C GLY C 56 -11.63 -26.80 69.28
N GLY C 57 -10.57 -27.33 68.67
CA GLY C 57 -10.72 -28.23 67.54
C GLY C 57 -11.30 -27.60 66.29
N LEU C 58 -11.54 -26.30 66.28
CA LEU C 58 -12.19 -25.64 65.16
C LEU C 58 -11.26 -25.42 63.97
N ASP C 59 -9.96 -25.73 64.10
CA ASP C 59 -8.92 -25.35 63.14
C ASP C 59 -8.69 -26.45 62.12
N PRO C 60 -8.76 -26.15 60.82
CA PRO C 60 -8.33 -27.15 59.82
C PRO C 60 -6.83 -27.43 59.86
N GLU C 61 -6.01 -26.37 60.05
CA GLU C 61 -4.56 -26.53 60.15
C GLU C 61 -4.12 -27.21 61.44
N GLY C 62 -5.01 -27.38 62.41
CA GLY C 62 -4.67 -27.81 63.76
C GLY C 62 -3.72 -29.01 63.85
N ARG C 63 -2.66 -28.90 64.63
CA ARG C 63 -1.69 -29.97 64.80
C ARG C 63 -1.36 -30.11 66.29
N PHE C 64 -1.73 -31.24 66.88
CA PHE C 64 -1.44 -31.49 68.27
C PHE C 64 -0.45 -32.65 68.41
N PRO C 65 0.33 -32.70 69.49
CA PRO C 65 0.36 -31.69 70.57
C PRO C 65 1.10 -30.43 70.14
N CYS C 66 0.76 -29.27 70.69
CA CYS C 66 1.44 -28.04 70.29
C CYS C 66 1.45 -27.04 71.44
N ILE C 67 2.21 -25.97 71.25
CA ILE C 67 2.27 -24.84 72.15
C ILE C 67 1.66 -23.66 71.41
N LEU C 68 0.53 -23.15 71.94
CA LEU C 68 -0.20 -22.06 71.30
C LEU C 68 0.44 -20.73 71.70
N GLY C 69 -0.24 -19.64 71.37
CA GLY C 69 0.19 -18.31 71.75
C GLY C 69 0.86 -17.56 70.62
N HIS C 70 0.43 -16.32 70.36
CA HIS C 70 1.09 -15.54 69.32
C HIS C 70 1.14 -14.05 69.61
N GLU C 71 0.61 -13.57 70.71
CA GLU C 71 0.75 -12.17 71.13
C GLU C 71 1.74 -12.14 72.29
N ALA C 72 2.94 -11.58 72.07
CA ALA C 72 3.91 -11.63 73.15
C ALA C 72 5.03 -10.64 72.87
N ALA C 73 5.79 -10.31 73.93
CA ALA C 73 7.02 -9.55 73.78
C ALA C 73 8.07 -10.15 74.69
N GLY C 74 9.34 -10.00 74.32
CA GLY C 74 10.38 -10.62 75.12
C GLY C 74 11.77 -10.16 74.74
N VAL C 75 12.75 -10.96 75.17
CA VAL C 75 14.16 -10.61 75.09
C VAL C 75 14.91 -11.75 74.39
N VAL C 76 15.81 -11.41 73.48
CA VAL C 76 16.56 -12.44 72.78
C VAL C 76 17.51 -13.12 73.76
N GLU C 77 17.37 -14.43 73.90
CA GLU C 77 18.34 -15.19 74.71
C GLU C 77 19.57 -15.64 73.91
N SER C 78 19.36 -16.06 72.66
CA SER C 78 20.46 -16.47 71.79
C SER C 78 19.99 -16.49 70.34
N VAL C 79 20.95 -16.49 69.43
CA VAL C 79 20.67 -16.49 68.00
C VAL C 79 21.45 -17.61 67.34
N GLY C 80 20.86 -18.17 66.28
CA GLY C 80 21.51 -19.20 65.52
C GLY C 80 22.44 -18.63 64.47
N GLU C 81 23.10 -19.54 63.78
CA GLU C 81 24.14 -19.20 62.81
C GLU C 81 23.60 -18.25 61.74
N GLY C 82 24.38 -17.20 61.43
CA GLY C 82 23.99 -16.27 60.37
C GLY C 82 22.99 -15.18 60.75
N VAL C 83 22.48 -15.15 61.98
CA VAL C 83 21.53 -14.12 62.40
C VAL C 83 22.29 -12.87 62.81
N THR C 84 22.06 -11.76 62.11
CA THR C 84 22.65 -10.48 62.51
C THR C 84 21.63 -9.38 62.75
N SER C 85 20.35 -9.59 62.43
CA SER C 85 19.37 -8.53 62.64
C SER C 85 19.08 -8.29 64.11
N VAL C 86 19.31 -9.28 64.98
CA VAL C 86 19.16 -9.10 66.42
C VAL C 86 20.30 -9.83 67.13
N LYS C 87 20.46 -9.51 68.39
CA LYS C 87 21.54 -10.05 69.22
C LYS C 87 21.01 -10.26 70.62
N PRO C 88 21.65 -11.11 71.42
CA PRO C 88 21.20 -11.33 72.80
C PRO C 88 21.01 -10.02 73.56
N GLY C 89 19.89 -9.93 74.29
CA GLY C 89 19.54 -8.75 75.03
C GLY C 89 18.58 -7.82 74.31
N ASP C 90 18.48 -7.91 72.98
CA ASP C 90 17.50 -7.11 72.24
C ASP C 90 16.09 -7.45 72.69
N HIS C 91 15.22 -6.43 72.76
CA HIS C 91 13.81 -6.65 73.01
C HIS C 91 13.05 -6.80 71.70
N VAL C 92 12.15 -7.80 71.65
CA VAL C 92 11.51 -8.18 70.40
C VAL C 92 10.05 -8.53 70.57
N ILE C 93 9.31 -8.43 69.46
CA ILE C 93 7.98 -8.98 69.34
C ILE C 93 7.97 -10.02 68.22
N PRO C 94 7.70 -11.29 68.51
CA PRO C 94 7.58 -12.30 67.44
C PRO C 94 6.26 -12.13 66.72
N CYS C 95 6.28 -12.22 65.38
CA CYS C 95 5.10 -11.94 64.58
CA CYS C 95 5.08 -11.95 64.60
C CYS C 95 4.69 -13.15 63.75
N TYR C 96 3.41 -13.52 63.81
CA TYR C 96 2.99 -14.65 63.00
C TYR C 96 3.07 -14.37 61.50
N GLN C 97 3.12 -13.09 61.11
CA GLN C 97 3.26 -12.70 59.72
C GLN C 97 4.70 -12.26 59.53
N ALA C 98 5.48 -13.05 58.77
CA ALA C 98 6.90 -12.79 58.62
C ALA C 98 7.16 -11.62 57.67
N TYR C 99 8.41 -11.15 57.66
CA TYR C 99 8.87 -10.13 56.71
C TYR C 99 10.28 -10.48 56.28
N CYS C 100 10.44 -10.94 55.05
CA CYS C 100 11.79 -11.26 54.60
C CYS C 100 12.44 -10.11 53.87
N GLY C 101 11.67 -9.18 53.33
CA GLY C 101 12.20 -8.02 52.65
C GLY C 101 12.58 -8.25 51.20
N GLU C 102 12.52 -9.48 50.70
CA GLU C 102 13.05 -9.80 49.36
C GLU C 102 12.00 -10.35 48.39
N CYS C 103 10.92 -10.94 48.89
CA CYS C 103 9.97 -11.59 48.01
C CYS C 103 9.04 -10.56 47.37
N LYS C 104 8.20 -11.01 46.44
CA LYS C 104 7.35 -10.08 45.69
C LYS C 104 6.41 -9.34 46.63
N PHE C 105 5.98 -9.98 47.71
CA PHE C 105 5.00 -9.36 48.59
C PHE C 105 5.67 -8.41 49.56
N CYS C 106 6.87 -8.76 50.04
CA CYS C 106 7.60 -7.79 50.85
C CYS C 106 8.01 -6.56 50.05
N LYS C 107 8.31 -6.71 48.73
CA LYS C 107 8.71 -5.56 47.93
C LYS C 107 7.54 -4.68 47.53
N HIS C 108 6.34 -5.23 47.44
CA HIS C 108 5.22 -4.44 46.90
C HIS C 108 4.72 -3.49 47.97
N PRO C 109 4.54 -2.21 47.66
CA PRO C 109 4.14 -1.27 48.70
C PRO C 109 2.78 -1.56 49.30
N GLU C 110 1.93 -2.35 48.66
CA GLU C 110 0.57 -2.56 49.13
C GLU C 110 0.31 -3.98 49.64
N SER C 111 1.35 -4.72 50.04
CA SER C 111 1.14 -6.05 50.61
C SER C 111 2.11 -6.26 51.76
N ASN C 112 1.72 -7.15 52.67
CA ASN C 112 2.60 -7.61 53.75
C ASN C 112 2.66 -9.14 53.78
N LEU C 113 2.26 -9.80 52.69
CA LEU C 113 1.98 -11.25 52.74
C LEU C 113 3.20 -12.07 52.33
N CYS C 114 4.28 -11.90 53.10
CA CYS C 114 5.53 -12.61 52.87
C CYS C 114 5.32 -14.12 52.74
N VAL C 115 5.99 -14.72 51.75
CA VAL C 115 5.89 -16.16 51.54
C VAL C 115 7.13 -16.91 52.02
N SER C 116 8.01 -16.25 52.80
CA SER C 116 9.31 -16.83 53.12
C SER C 116 9.22 -18.09 53.98
N VAL C 117 8.34 -18.11 54.98
CA VAL C 117 8.32 -19.19 55.96
C VAL C 117 6.94 -19.81 56.15
N ARG C 118 5.90 -19.30 55.50
CA ARG C 118 4.53 -19.68 55.86
C ARG C 118 4.24 -21.17 55.63
N ALA C 119 4.82 -21.77 54.60
CA ALA C 119 4.63 -23.20 54.36
C ALA C 119 5.18 -24.05 55.51
N PHE C 120 6.14 -23.54 56.26
CA PHE C 120 6.70 -24.26 57.39
C PHE C 120 5.99 -23.92 58.68
N THR C 121 5.76 -22.64 58.96
CA THR C 121 5.05 -22.31 60.19
C THR C 121 3.64 -22.86 60.15
N GLY C 122 3.05 -22.97 58.96
CA GLY C 122 1.72 -23.54 58.83
C GLY C 122 1.65 -25.00 59.25
N LYS C 123 2.76 -25.72 59.18
CA LYS C 123 2.84 -27.10 59.63
C LYS C 123 3.40 -27.25 61.05
N GLY C 124 3.65 -26.16 61.76
CA GLY C 124 4.15 -26.24 63.12
C GLY C 124 5.61 -26.66 63.27
N VAL C 125 6.44 -26.42 62.26
CA VAL C 125 7.85 -26.79 62.30
C VAL C 125 8.70 -25.59 61.87
N MET C 126 10.02 -25.74 62.03
CA MET C 126 11.00 -24.76 61.58
C MET C 126 11.42 -25.07 60.15
N LYS C 127 11.70 -24.00 59.40
CA LYS C 127 12.10 -24.13 58.00
C LYS C 127 13.46 -24.79 57.85
N SER C 128 14.42 -24.56 58.77
CA SER C 128 15.79 -25.02 58.51
C SER C 128 15.91 -26.55 58.44
N ASP C 129 15.10 -27.31 59.20
CA ASP C 129 15.19 -28.76 59.15
C ASP C 129 13.83 -29.45 59.14
N GLY C 130 12.74 -28.70 59.04
CA GLY C 130 11.43 -29.35 59.00
C GLY C 130 10.96 -29.98 60.28
N LYS C 131 11.54 -29.61 61.42
CA LYS C 131 11.19 -30.17 62.71
C LYS C 131 10.87 -29.08 63.72
N PRO C 132 10.14 -29.41 64.78
CA PRO C 132 9.92 -28.45 65.87
C PRO C 132 11.12 -28.45 66.83
N ARG C 133 11.16 -27.43 67.68
CA ARG C 133 12.25 -27.26 68.64
C ARG C 133 11.86 -27.67 70.05
N PHE C 134 10.60 -28.04 70.28
CA PHE C 134 10.10 -28.42 71.60
C PHE C 134 10.05 -29.93 71.72
N THR C 135 10.47 -30.45 72.87
CA THR C 135 10.23 -31.86 73.17
C THR C 135 9.80 -32.04 74.62
N VAL C 136 8.93 -33.03 74.83
CA VAL C 136 8.58 -33.51 76.16
C VAL C 136 8.88 -35.00 76.19
N ASP C 137 9.75 -35.42 77.11
CA ASP C 137 10.18 -36.82 77.19
C ASP C 137 10.70 -37.31 75.84
N GLY C 138 11.48 -36.47 75.16
CA GLY C 138 12.03 -36.78 73.86
C GLY C 138 11.06 -36.70 72.69
N LYS C 139 9.78 -36.44 72.93
CA LYS C 139 8.79 -36.50 71.85
C LYS C 139 8.47 -35.10 71.32
N PRO C 140 8.23 -34.94 70.01
CA PRO C 140 8.04 -33.59 69.46
C PRO C 140 6.74 -32.94 69.92
N ILE C 141 6.83 -31.63 70.19
CA ILE C 141 5.68 -30.76 70.42
C ILE C 141 5.71 -29.68 69.35
N TYR C 142 4.63 -29.52 68.62
CA TYR C 142 4.68 -28.68 67.42
C TYR C 142 4.45 -27.21 67.75
N HIS C 143 4.95 -26.36 66.85
CA HIS C 143 4.77 -24.93 66.99
C HIS C 143 3.39 -24.51 66.49
N PHE C 144 3.05 -23.25 66.76
CA PHE C 144 1.76 -22.68 66.38
C PHE C 144 2.01 -21.28 65.83
N MET C 145 1.58 -21.05 64.58
CA MET C 145 1.60 -19.74 63.92
C MET C 145 3.01 -19.15 63.86
N GLY C 146 4.04 -20.00 63.92
CA GLY C 146 5.39 -19.52 63.93
C GLY C 146 5.85 -18.84 65.20
N THR C 147 5.03 -18.84 66.26
CA THR C 147 5.36 -18.08 67.45
C THR C 147 5.42 -18.92 68.73
N SER C 148 4.38 -19.71 69.03
CA SER C 148 4.34 -20.51 70.25
C SER C 148 4.80 -19.74 71.48
N THR C 149 4.04 -18.75 71.89
CA THR C 149 4.50 -17.86 72.94
C THR C 149 4.06 -18.30 74.34
N PHE C 150 3.27 -19.38 74.43
CA PHE C 150 2.88 -19.92 75.73
C PHE C 150 3.97 -20.82 76.28
N SER C 151 5.18 -20.28 76.38
CA SER C 151 6.35 -21.00 76.87
C SER C 151 7.35 -19.93 77.26
N GLU C 152 8.04 -20.15 78.38
CA GLU C 152 9.01 -19.14 78.83
C GLU C 152 10.11 -18.89 77.79
N TYR C 153 10.48 -19.90 77.02
CA TYR C 153 11.38 -19.74 75.89
C TYR C 153 10.76 -20.36 74.64
N THR C 154 10.93 -19.68 73.50
CA THR C 154 10.45 -20.20 72.24
C THR C 154 11.52 -19.93 71.19
N VAL C 155 11.41 -20.62 70.05
CA VAL C 155 12.34 -20.45 68.95
C VAL C 155 11.53 -20.06 67.73
N VAL C 156 11.92 -18.95 67.09
CA VAL C 156 11.18 -18.38 65.97
C VAL C 156 12.15 -18.13 64.82
N HIS C 157 11.57 -17.98 63.63
CA HIS C 157 12.37 -17.64 62.45
C HIS C 157 12.81 -16.17 62.54
N GLU C 158 14.06 -15.88 62.12
CA GLU C 158 14.54 -14.50 62.15
C GLU C 158 13.61 -13.56 61.38
N GLN C 159 12.97 -14.05 60.29
CA GLN C 159 12.06 -13.22 59.51
C GLN C 159 10.81 -12.83 60.29
N SER C 160 10.55 -13.48 61.42
CA SER C 160 9.41 -13.20 62.28
C SER C 160 9.73 -12.27 63.46
N VAL C 161 10.96 -11.78 63.59
CA VAL C 161 11.37 -11.09 64.81
C VAL C 161 11.41 -9.58 64.57
N ALA C 162 10.49 -8.84 65.18
CA ALA C 162 10.54 -7.37 65.14
C ALA C 162 11.37 -6.90 66.32
N LYS C 163 12.36 -6.04 66.06
CA LYS C 163 13.24 -5.51 67.10
C LYS C 163 12.71 -4.15 67.53
N ILE C 164 12.46 -3.98 68.82
CA ILE C 164 11.73 -2.83 69.33
C ILE C 164 12.56 -2.08 70.39
N ASP C 165 12.12 -0.85 70.68
CA ASP C 165 12.63 -0.03 71.79
C ASP C 165 12.77 -0.85 73.06
N VAL C 166 14.01 -0.97 73.56
CA VAL C 166 14.24 -1.70 74.79
C VAL C 166 13.54 -1.07 76.00
N ASN C 167 13.10 0.19 75.90
CA ASN C 167 12.44 0.85 77.02
C ASN C 167 10.92 0.68 77.03
N ALA C 168 10.36 0.10 75.98
CA ALA C 168 8.91 -0.09 75.93
C ALA C 168 8.50 -1.16 76.94
N PRO C 169 7.38 -0.97 77.63
CA PRO C 169 6.88 -1.97 78.59
C PRO C 169 6.40 -3.22 77.88
N LEU C 170 7.06 -4.34 78.17
CA LEU C 170 6.77 -5.56 77.42
C LEU C 170 5.38 -6.10 77.73
N ASP C 171 4.84 -5.79 78.91
CA ASP C 171 3.50 -6.26 79.25
C ASP C 171 2.39 -5.39 78.65
N LYS C 172 2.74 -4.39 77.84
CA LYS C 172 1.77 -3.64 77.05
C LYS C 172 1.95 -3.86 75.55
N VAL C 173 3.19 -3.85 75.06
CA VAL C 173 3.37 -3.92 73.61
C VAL C 173 3.27 -5.33 73.08
N CYS C 174 3.15 -6.33 73.95
CA CYS C 174 2.86 -7.68 73.44
C CYS C 174 1.58 -7.70 72.60
N LEU C 175 0.66 -6.76 72.84
CA LEU C 175 -0.60 -6.74 72.08
C LEU C 175 -0.37 -6.39 70.62
N LEU C 176 0.76 -5.75 70.29
CA LEU C 176 1.03 -5.32 68.93
C LEU C 176 1.36 -6.48 68.00
N GLY C 177 1.54 -7.70 68.54
CA GLY C 177 1.74 -8.87 67.70
C GLY C 177 0.49 -9.35 66.97
N CYS C 178 -0.70 -8.90 67.35
CA CYS C 178 -1.84 -9.36 66.57
C CYS C 178 -3.03 -8.39 66.60
N GLY C 179 -3.93 -8.53 67.56
CA GLY C 179 -5.25 -7.92 67.42
C GLY C 179 -5.29 -6.41 67.26
N VAL C 180 -4.69 -5.67 68.19
CA VAL C 180 -4.72 -4.20 68.09
C VAL C 180 -4.10 -3.71 66.78
N SER C 181 -2.93 -4.26 66.42
CA SER C 181 -2.32 -3.80 65.17
C SER C 181 -3.17 -4.15 63.96
N THR C 182 -3.86 -5.29 64.01
CA THR C 182 -4.72 -5.66 62.88
C THR C 182 -5.85 -4.64 62.72
N GLY C 183 -6.47 -4.23 63.83
CA GLY C 183 -7.51 -3.21 63.76
C GLY C 183 -7.00 -1.85 63.32
N TRP C 184 -5.89 -1.39 63.91
CA TRP C 184 -5.33 -0.11 63.50
C TRP C 184 -5.01 -0.11 62.01
N GLY C 185 -4.37 -1.18 61.54
CA GLY C 185 -3.93 -1.22 60.15
C GLY C 185 -5.07 -1.36 59.16
N ALA C 186 -6.16 -2.01 59.57
CA ALA C 186 -7.34 -2.06 58.71
C ALA C 186 -7.79 -0.64 58.36
N VAL C 187 -7.68 0.28 59.31
CA VAL C 187 -8.07 1.67 59.06
C VAL C 187 -6.97 2.42 58.30
N PHE C 188 -5.72 2.37 58.81
CA PHE C 188 -4.67 3.23 58.27
C PHE C 188 -4.08 2.71 56.94
N ASN C 189 -3.98 1.39 56.77
CA ASN C 189 -3.33 0.79 55.60
C ASN C 189 -4.33 0.30 54.56
N THR C 190 -5.34 -0.47 54.96
CA THR C 190 -6.21 -1.10 53.98
C THR C 190 -7.29 -0.12 53.49
N ALA C 191 -8.10 0.40 54.41
CA ALA C 191 -9.17 1.31 54.00
C ALA C 191 -8.65 2.72 53.72
N LYS C 192 -7.61 3.14 54.43
CA LYS C 192 -7.07 4.51 54.37
C LYS C 192 -8.18 5.54 54.64
N VAL C 193 -8.83 5.37 55.79
CA VAL C 193 -9.97 6.22 56.18
C VAL C 193 -9.58 7.68 56.10
N THR C 194 -10.42 8.48 55.42
CA THR C 194 -10.19 9.92 55.22
C THR C 194 -10.87 10.74 56.32
N ALA C 195 -10.33 11.93 56.57
CA ALA C 195 -10.92 12.77 57.60
C ALA C 195 -12.34 13.20 57.23
N GLY C 196 -13.22 13.21 58.22
CA GLY C 196 -14.61 13.57 58.01
C GLY C 196 -15.53 12.46 57.56
N SER C 197 -15.01 11.26 57.34
CA SER C 197 -15.77 10.13 56.82
CA SER C 197 -15.81 10.17 56.81
C SER C 197 -16.61 9.49 57.91
N THR C 198 -17.58 8.69 57.50
CA THR C 198 -18.38 7.90 58.43
C THR C 198 -17.95 6.43 58.37
N VAL C 199 -18.02 5.78 59.53
CA VAL C 199 -17.48 4.44 59.73
C VAL C 199 -18.46 3.62 60.54
N ALA C 200 -18.60 2.34 60.17
CA ALA C 200 -19.31 1.36 60.98
C ALA C 200 -18.39 0.19 61.30
N VAL C 201 -18.46 -0.29 62.54
CA VAL C 201 -17.57 -1.34 63.04
C VAL C 201 -18.42 -2.44 63.65
N PHE C 202 -18.28 -3.66 63.12
CA PHE C 202 -19.07 -4.81 63.56
C PHE C 202 -18.19 -5.70 64.42
N GLY C 203 -18.53 -5.80 65.71
CA GLY C 203 -17.75 -6.63 66.62
C GLY C 203 -16.85 -5.75 67.47
N LEU C 204 -16.96 -5.82 68.79
CA LEU C 204 -16.33 -4.83 69.65
C LEU C 204 -15.37 -5.45 70.67
N GLY C 205 -14.67 -6.51 70.27
CA GLY C 205 -13.54 -7.00 71.01
C GLY C 205 -12.34 -6.12 70.70
N ALA C 206 -11.15 -6.63 71.01
CA ALA C 206 -9.93 -5.84 70.86
C ALA C 206 -9.75 -5.32 69.44
N VAL C 207 -10.03 -6.15 68.44
CA VAL C 207 -9.84 -5.74 67.06
C VAL C 207 -10.81 -4.61 66.69
N GLY C 208 -12.10 -4.79 67.02
CA GLY C 208 -13.07 -3.75 66.67
C GLY C 208 -12.82 -2.45 67.40
N LEU C 209 -12.44 -2.53 68.69
CA LEU C 209 -12.13 -1.30 69.42
C LEU C 209 -10.92 -0.62 68.81
N ALA C 210 -9.96 -1.40 68.31
CA ALA C 210 -8.80 -0.81 67.64
C ALA C 210 -9.19 -0.12 66.34
N VAL C 211 -10.10 -0.72 65.56
CA VAL C 211 -10.64 -0.02 64.40
C VAL C 211 -11.23 1.32 64.84
N ILE C 212 -12.01 1.32 65.92
CA ILE C 212 -12.64 2.56 66.38
C ILE C 212 -11.58 3.59 66.77
N GLU C 213 -10.58 3.17 67.54
CA GLU C 213 -9.52 4.10 67.94
C GLU C 213 -8.83 4.72 66.72
N ALA C 214 -8.50 3.89 65.73
CA ALA C 214 -7.80 4.40 64.57
C ALA C 214 -8.70 5.27 63.71
N ALA C 215 -9.98 4.88 63.53
CA ALA C 215 -10.92 5.73 62.80
C ALA C 215 -11.05 7.11 63.45
N LYS C 216 -11.12 7.14 64.78
CA LYS C 216 -11.16 8.43 65.48
C LYS C 216 -9.90 9.25 65.19
N ARG C 217 -8.74 8.61 65.30
CA ARG C 217 -7.48 9.30 65.03
C ARG C 217 -7.39 9.77 63.58
N ALA C 218 -7.96 9.02 62.63
CA ALA C 218 -7.98 9.40 61.23
C ALA C 218 -8.94 10.57 60.94
N GLY C 219 -9.74 10.98 61.90
CA GLY C 219 -10.64 12.10 61.72
C GLY C 219 -12.06 11.73 61.33
N ALA C 220 -12.49 10.49 61.55
CA ALA C 220 -13.85 10.11 61.18
C ALA C 220 -14.85 10.99 61.94
N SER C 221 -15.90 11.42 61.23
CA SER C 221 -16.94 12.27 61.83
C SER C 221 -18.05 11.48 62.50
N ARG C 222 -18.16 10.19 62.18
CA ARG C 222 -19.16 9.36 62.84
C ARG C 222 -18.63 7.94 62.87
N ILE C 223 -18.78 7.27 64.00
CA ILE C 223 -18.31 5.90 64.18
C ILE C 223 -19.43 5.11 64.86
N ILE C 224 -20.06 4.20 64.11
CA ILE C 224 -21.18 3.42 64.61
C ILE C 224 -20.66 2.04 65.03
N ALA C 225 -20.74 1.76 66.32
CA ALA C 225 -20.30 0.48 66.89
C ALA C 225 -21.46 -0.51 66.95
N VAL C 226 -21.25 -1.72 66.44
CA VAL C 226 -22.34 -2.69 66.32
C VAL C 226 -21.93 -3.99 67.01
N ASP C 227 -22.73 -4.43 68.00
CA ASP C 227 -22.41 -5.69 68.66
C ASP C 227 -23.67 -6.21 69.33
N ILE C 228 -23.76 -7.55 69.45
CA ILE C 228 -24.91 -8.17 70.08
C ILE C 228 -24.82 -8.17 71.59
N ASP C 229 -23.68 -7.72 72.14
CA ASP C 229 -23.42 -7.68 73.57
C ASP C 229 -23.29 -6.22 73.98
N PRO C 230 -24.36 -5.59 74.48
CA PRO C 230 -24.30 -4.14 74.74
C PRO C 230 -23.42 -3.78 75.91
N THR C 231 -22.95 -4.74 76.71
CA THR C 231 -22.01 -4.37 77.77
C THR C 231 -20.68 -3.90 77.22
N LYS C 232 -20.41 -4.16 75.93
CA LYS C 232 -19.22 -3.66 75.26
C LYS C 232 -19.35 -2.21 74.83
N PHE C 233 -20.56 -1.63 74.91
CA PHE C 233 -20.78 -0.28 74.39
C PHE C 233 -20.06 0.81 75.19
N PRO C 234 -20.03 0.79 76.53
CA PRO C 234 -19.34 1.89 77.23
C PRO C 234 -17.87 2.02 76.83
N THR C 235 -17.16 0.90 76.70
CA THR C 235 -15.78 0.98 76.25
C THR C 235 -15.69 1.48 74.81
N ALA C 236 -16.60 1.04 73.96
CA ALA C 236 -16.58 1.52 72.58
C ALA C 236 -16.74 3.03 72.51
N LYS C 237 -17.62 3.59 73.36
CA LYS C 237 -17.77 5.04 73.38
C LYS C 237 -16.50 5.71 73.87
N GLU C 238 -15.82 5.10 74.84
CA GLU C 238 -14.58 5.67 75.36
C GLU C 238 -13.50 5.73 74.28
N PHE C 239 -13.45 4.71 73.42
CA PHE C 239 -12.50 4.73 72.30
C PHE C 239 -12.93 5.67 71.16
N GLY C 240 -14.19 6.11 71.12
CA GLY C 240 -14.55 7.11 70.13
C GLY C 240 -15.84 6.87 69.36
N ALA C 241 -16.54 5.80 69.69
CA ALA C 241 -17.80 5.52 69.01
C ALA C 241 -18.81 6.63 69.30
N THR C 242 -19.49 7.09 68.25
CA THR C 242 -20.52 8.11 68.36
C THR C 242 -21.92 7.55 68.45
N ASP C 243 -22.10 6.27 68.06
CA ASP C 243 -23.39 5.58 68.04
C ASP C 243 -23.13 4.12 68.41
N CYS C 244 -24.05 3.51 69.15
CA CYS C 244 -23.92 2.09 69.47
C CYS C 244 -25.23 1.39 69.13
N ILE C 245 -25.15 0.27 68.42
CA ILE C 245 -26.35 -0.42 67.95
C ILE C 245 -26.23 -1.90 68.28
N ASN C 246 -27.25 -2.45 68.95
CA ASN C 246 -27.38 -3.88 69.17
C ASN C 246 -28.31 -4.44 68.12
N PRO C 247 -27.86 -5.33 67.23
CA PRO C 247 -28.77 -5.84 66.19
C PRO C 247 -30.01 -6.52 66.75
N LYS C 248 -29.92 -7.09 67.96
CA LYS C 248 -31.08 -7.71 68.61
C LYS C 248 -32.24 -6.73 68.77
N ASP C 249 -31.93 -5.45 68.94
CA ASP C 249 -32.95 -4.45 69.21
C ASP C 249 -33.75 -4.06 67.97
N HIS C 250 -33.52 -4.68 66.81
CA HIS C 250 -34.12 -4.26 65.55
C HIS C 250 -34.65 -5.45 64.79
N GLU C 251 -35.89 -5.36 64.31
CA GLU C 251 -36.47 -6.45 63.53
C GLU C 251 -35.88 -6.53 62.13
N LYS C 252 -35.49 -5.38 61.54
CA LYS C 252 -34.93 -5.38 60.20
C LYS C 252 -33.47 -5.83 60.23
N PRO C 253 -32.98 -6.40 59.12
CA PRO C 253 -31.55 -6.72 59.01
C PRO C 253 -30.69 -5.52 59.34
N ILE C 254 -29.56 -5.77 60.02
CA ILE C 254 -28.77 -4.66 60.55
C ILE C 254 -28.30 -3.73 59.42
N GLN C 255 -28.02 -4.26 58.23
CA GLN C 255 -27.53 -3.37 57.16
C GLN C 255 -28.60 -2.36 56.77
N GLN C 256 -29.87 -2.76 56.79
CA GLN C 256 -30.94 -1.81 56.51
C GLN C 256 -31.05 -0.75 57.61
N VAL C 257 -30.84 -1.15 58.86
CA VAL C 257 -30.88 -0.17 59.96
C VAL C 257 -29.80 0.89 59.76
N ILE C 258 -28.58 0.44 59.45
CA ILE C 258 -27.45 1.37 59.32
C ILE C 258 -27.62 2.26 58.09
N VAL C 259 -28.10 1.70 56.98
CA VAL C 259 -28.33 2.52 55.80
C VAL C 259 -29.34 3.64 56.12
N GLU C 260 -30.43 3.30 56.82
CA GLU C 260 -31.38 4.34 57.18
C GLU C 260 -30.78 5.39 58.11
N MET C 261 -29.98 4.96 59.11
CA MET C 261 -29.30 5.90 60.01
C MET C 261 -28.36 6.84 59.30
N THR C 262 -27.88 6.48 58.11
CA THR C 262 -26.84 7.23 57.40
C THR C 262 -27.30 7.68 56.02
N GLU C 263 -28.58 7.51 55.69
CA GLU C 263 -29.20 7.73 54.38
C GLU C 263 -28.74 6.71 53.34
N TRP C 264 -27.42 6.60 53.12
CA TRP C 264 -26.86 5.81 52.03
C TRP C 264 -25.93 4.68 52.48
N GLY C 265 -25.61 4.58 53.77
CA GLY C 265 -24.53 3.73 54.27
C GLY C 265 -23.36 4.57 54.79
N CYS C 266 -22.37 3.88 55.36
CA CYS C 266 -21.15 4.50 55.86
C CYS C 266 -20.06 4.48 54.79
N ASP C 267 -19.22 5.52 54.80
CA ASP C 267 -18.08 5.56 53.87
C ASP C 267 -17.20 4.32 54.00
N TYR C 268 -16.98 3.84 55.21
CA TYR C 268 -16.19 2.63 55.47
C TYR C 268 -16.91 1.75 56.48
N THR C 269 -16.82 0.44 56.28
CA THR C 269 -17.32 -0.50 57.26
C THR C 269 -16.28 -1.59 57.45
N PHE C 270 -16.31 -2.19 58.64
CA PHE C 270 -15.30 -3.16 59.06
C PHE C 270 -15.96 -4.31 59.78
N GLU C 271 -15.68 -5.53 59.36
CA GLU C 271 -16.20 -6.73 60.03
C GLU C 271 -15.08 -7.29 60.88
N CYS C 272 -15.33 -7.45 62.18
CA CYS C 272 -14.29 -7.78 63.15
C CYS C 272 -14.71 -8.97 63.99
N ILE C 273 -15.43 -9.91 63.38
CA ILE C 273 -16.03 -11.04 64.09
C ILE C 273 -15.58 -12.36 63.48
N GLY C 274 -15.64 -12.46 62.16
CA GLY C 274 -15.44 -13.73 61.46
C GLY C 274 -16.72 -14.43 61.05
N ASN C 275 -17.82 -13.70 60.93
CA ASN C 275 -19.15 -14.23 60.64
C ASN C 275 -19.52 -13.80 59.22
N THR C 276 -19.74 -14.78 58.32
CA THR C 276 -19.91 -14.39 56.93
C THR C 276 -21.21 -13.64 56.68
N ALA C 277 -22.26 -13.90 57.48
CA ALA C 277 -23.49 -13.12 57.33
C ALA C 277 -23.25 -11.67 57.73
N VAL C 278 -22.48 -11.46 58.79
CA VAL C 278 -22.16 -10.08 59.17
C VAL C 278 -21.22 -9.44 58.15
N MET C 279 -20.32 -10.22 57.54
CA MET C 279 -19.50 -9.65 56.46
C MET C 279 -20.38 -9.13 55.33
N ARG C 280 -21.40 -9.91 54.94
CA ARG C 280 -22.33 -9.43 53.92
C ARG C 280 -23.03 -8.16 54.38
N ALA C 281 -23.49 -8.15 55.64
CA ALA C 281 -24.17 -6.97 56.17
C ALA C 281 -23.26 -5.75 56.11
N ALA C 282 -21.97 -5.92 56.44
CA ALA C 282 -21.04 -4.79 56.42
C ALA C 282 -20.86 -4.25 55.00
N LEU C 283 -20.80 -5.15 54.02
CA LEU C 283 -20.72 -4.70 52.63
C LEU C 283 -21.97 -3.93 52.24
N GLU C 284 -23.14 -4.46 52.61
CA GLU C 284 -24.40 -3.87 52.16
C GLU C 284 -24.77 -2.59 52.90
N CYS C 285 -24.07 -2.20 53.98
CA CYS C 285 -24.30 -0.86 54.49
C CYS C 285 -23.11 0.05 54.24
N ALA C 286 -22.20 -0.34 53.35
CA ALA C 286 -21.23 0.64 52.88
C ALA C 286 -21.93 1.62 51.93
N HIS C 287 -21.40 2.83 51.85
CA HIS C 287 -22.11 3.92 51.16
C HIS C 287 -22.29 3.60 49.68
N ARG C 288 -23.49 3.84 49.15
CA ARG C 288 -23.70 3.83 47.71
C ARG C 288 -22.63 4.66 46.99
N GLY C 289 -22.16 4.18 45.83
CA GLY C 289 -21.23 4.95 44.99
C GLY C 289 -19.74 4.80 45.28
N TRP C 290 -19.36 4.66 46.57
CA TRP C 290 -17.93 4.62 46.88
C TRP C 290 -17.57 3.89 48.18
N GLY C 291 -18.56 3.33 48.89
CA GLY C 291 -18.30 2.77 50.20
C GLY C 291 -17.33 1.60 50.13
N THR C 292 -16.50 1.47 51.17
CA THR C 292 -15.49 0.42 51.27
C THR C 292 -15.78 -0.44 52.48
N SER C 293 -15.87 -1.77 52.29
CA SER C 293 -16.03 -2.68 53.42
C SER C 293 -14.77 -3.54 53.52
N VAL C 294 -14.20 -3.60 54.73
CA VAL C 294 -12.97 -4.35 55.00
C VAL C 294 -13.29 -5.52 55.91
N ILE C 295 -13.00 -6.73 55.44
CA ILE C 295 -13.09 -7.93 56.26
C ILE C 295 -11.82 -8.04 57.08
N VAL C 296 -11.97 -7.97 58.41
CA VAL C 296 -10.87 -8.17 59.34
C VAL C 296 -10.97 -9.53 60.03
N GLY C 297 -12.19 -9.99 60.31
CA GLY C 297 -12.37 -11.28 60.98
C GLY C 297 -12.10 -12.47 60.09
N VAL C 298 -11.79 -13.60 60.73
CA VAL C 298 -11.44 -14.83 60.02
C VAL C 298 -12.58 -15.83 60.18
N ALA C 299 -13.32 -16.07 59.11
CA ALA C 299 -14.39 -17.06 59.14
C ALA C 299 -13.85 -18.49 59.06
N ALA C 300 -14.67 -19.43 59.54
CA ALA C 300 -14.34 -20.84 59.45
C ALA C 300 -14.03 -21.24 58.01
N ALA C 301 -13.03 -22.11 57.84
CA ALA C 301 -12.58 -22.48 56.51
C ALA C 301 -13.73 -23.04 55.68
N GLY C 302 -13.79 -22.64 54.40
CA GLY C 302 -14.80 -23.13 53.49
C GLY C 302 -16.10 -22.35 53.46
N GLN C 303 -16.42 -21.59 54.51
CA GLN C 303 -17.63 -20.77 54.51
C GLN C 303 -17.48 -19.62 53.54
N GLU C 304 -18.56 -19.29 52.82
CA GLU C 304 -18.47 -18.31 51.74
C GLU C 304 -19.23 -17.04 52.10
N ILE C 305 -18.78 -15.92 51.53
CA ILE C 305 -19.48 -14.65 51.59
C ILE C 305 -20.24 -14.48 50.29
N SER C 306 -21.38 -13.81 50.34
CA SER C 306 -22.15 -13.56 49.13
C SER C 306 -22.81 -12.19 49.18
N THR C 307 -23.14 -11.65 48.01
CA THR C 307 -24.00 -10.47 47.89
C THR C 307 -24.52 -10.43 46.46
N ARG C 308 -25.43 -9.48 46.18
CA ARG C 308 -25.81 -9.23 44.79
C ARG C 308 -24.74 -8.38 44.11
N PRO C 309 -24.33 -8.72 42.89
CA PRO C 309 -23.27 -7.91 42.23
C PRO C 309 -23.69 -6.48 41.99
N PHE C 310 -24.99 -6.21 41.97
CA PHE C 310 -25.49 -4.84 41.91
C PHE C 310 -24.86 -3.97 43.00
N GLN C 311 -24.54 -4.54 44.16
CA GLN C 311 -23.91 -3.77 45.23
C GLN C 311 -22.55 -3.22 44.81
N LEU C 312 -21.80 -3.96 43.99
CA LEU C 312 -20.48 -3.49 43.55
C LEU C 312 -20.59 -2.66 42.28
N VAL C 313 -21.51 -3.03 41.39
CA VAL C 313 -21.76 -2.20 40.22
C VAL C 313 -22.15 -0.80 40.64
N THR C 314 -22.87 -0.66 41.76
CA THR C 314 -23.29 0.67 42.22
C THR C 314 -22.35 1.24 43.29
N GLY C 315 -21.11 0.77 43.31
CA GLY C 315 -20.00 1.59 43.79
C GLY C 315 -19.28 1.07 45.02
N ARG C 316 -19.75 0.00 45.65
CA ARG C 316 -19.11 -0.46 46.88
C ARG C 316 -17.91 -1.34 46.54
N ARG C 317 -16.93 -1.35 47.43
CA ARG C 317 -15.70 -2.10 47.24
C ARG C 317 -15.52 -3.07 48.40
N TRP C 318 -15.21 -4.32 48.10
CA TRP C 318 -15.09 -5.36 49.12
C TRP C 318 -13.63 -5.74 49.20
N MET C 319 -13.05 -5.66 50.39
CA MET C 319 -11.64 -5.99 50.54
C MET C 319 -11.42 -6.60 51.92
N GLY C 320 -10.15 -6.89 52.23
CA GLY C 320 -9.85 -7.56 53.48
C GLY C 320 -8.45 -7.19 53.91
N THR C 321 -8.06 -7.64 55.10
CA THR C 321 -6.73 -7.30 55.60
C THR C 321 -6.18 -8.45 56.43
N ALA C 322 -4.85 -8.59 56.41
CA ALA C 322 -4.12 -9.57 57.20
C ALA C 322 -3.10 -8.84 58.04
N PHE C 323 -3.22 -8.94 59.37
CA PHE C 323 -2.34 -8.22 60.29
C PHE C 323 -2.31 -6.74 59.94
N GLY C 324 -3.47 -6.22 59.56
CA GLY C 324 -3.62 -4.80 59.26
C GLY C 324 -2.77 -4.30 58.11
N GLY C 325 -2.28 -5.19 57.24
CA GLY C 325 -1.37 -4.74 56.21
C GLY C 325 0.00 -4.29 56.69
N TYR C 326 0.33 -4.40 57.99
CA TYR C 326 1.66 -3.99 58.43
C TYR C 326 2.72 -4.97 57.96
N LYS C 327 3.78 -4.44 57.33
CA LYS C 327 5.00 -5.20 57.05
C LYS C 327 5.73 -5.36 58.38
N SER C 328 5.63 -6.57 58.96
CA SER C 328 5.84 -6.76 60.40
C SER C 328 7.18 -6.22 60.89
N ARG C 329 8.29 -6.75 60.36
CA ARG C 329 9.58 -6.37 60.95
C ARG C 329 9.94 -4.90 60.71
N VAL C 330 9.39 -4.27 59.69
CA VAL C 330 9.63 -2.84 59.48
C VAL C 330 8.74 -1.99 60.38
N GLN C 331 7.44 -2.31 60.44
CA GLN C 331 6.47 -1.36 60.97
C GLN C 331 6.05 -1.63 62.42
N VAL C 332 6.11 -2.87 62.90
CA VAL C 332 5.84 -3.12 64.32
C VAL C 332 6.78 -2.27 65.19
N PRO C 333 8.06 -2.09 64.84
CA PRO C 333 8.88 -1.14 65.64
C PRO C 333 8.35 0.28 65.63
N ASP C 334 7.79 0.71 64.48
CA ASP C 334 7.18 2.03 64.40
C ASP C 334 5.93 2.13 65.27
N LEU C 335 5.16 1.05 65.37
CA LEU C 335 3.99 1.07 66.25
C LEU C 335 4.44 1.20 67.70
N VAL C 336 5.57 0.58 68.06
CA VAL C 336 6.07 0.75 69.41
C VAL C 336 6.51 2.20 69.64
N THR C 337 7.18 2.80 68.66
CA THR C 337 7.55 4.22 68.76
C THR C 337 6.31 5.09 68.97
N ASP C 338 5.26 4.82 68.19
CA ASP C 338 4.03 5.59 68.32
C ASP C 338 3.45 5.45 69.72
N TYR C 339 3.45 4.23 70.27
CA TYR C 339 3.05 4.04 71.65
C TYR C 339 3.91 4.87 72.60
N MET C 340 5.23 4.81 72.43
CA MET C 340 6.12 5.51 73.36
C MET C 340 5.95 7.02 73.28
N SER C 341 5.48 7.55 72.15
CA SER C 341 5.23 8.97 72.00
C SER C 341 3.93 9.43 72.64
N GLY C 342 3.14 8.51 73.20
CA GLY C 342 1.91 8.85 73.87
C GLY C 342 0.70 9.02 72.97
N ALA C 343 0.78 8.55 71.72
CA ALA C 343 -0.29 8.82 70.76
C ALA C 343 -1.42 7.80 70.80
N THR C 344 -1.30 6.72 71.55
CA THR C 344 -2.22 5.58 71.47
C THR C 344 -2.95 5.36 72.78
N LEU C 345 -4.02 4.55 72.68
CA LEU C 345 -4.76 4.03 73.83
C LEU C 345 -4.41 2.59 74.16
N LEU C 346 -3.19 2.13 73.79
CA LEU C 346 -2.83 0.72 73.96
C LEU C 346 -3.05 0.22 75.38
N ASP C 347 -2.72 1.05 76.39
CA ASP C 347 -2.86 0.62 77.78
C ASP C 347 -4.29 0.21 78.10
N LYS C 348 -5.28 0.82 77.43
CA LYS C 348 -6.68 0.64 77.78
C LYS C 348 -7.26 -0.67 77.28
N TYR C 349 -6.57 -1.42 76.41
CA TYR C 349 -7.08 -2.72 76.01
C TYR C 349 -6.89 -3.78 77.07
N ILE C 350 -5.98 -3.56 78.03
CA ILE C 350 -5.60 -4.61 78.95
C ILE C 350 -6.52 -4.52 80.17
N THR C 351 -7.44 -5.47 80.28
CA THR C 351 -8.39 -5.50 81.38
C THR C 351 -7.97 -6.41 82.52
N HIS C 352 -7.07 -7.37 82.26
CA HIS C 352 -6.68 -8.37 83.23
C HIS C 352 -5.18 -8.64 83.12
N ASN C 353 -4.52 -8.70 84.26
CA ASN C 353 -3.13 -9.11 84.35
C ASN C 353 -3.08 -10.31 85.27
N MET C 354 -2.64 -11.45 84.76
CA MET C 354 -2.64 -12.71 85.49
C MET C 354 -1.29 -13.43 85.33
N LYS C 355 -1.08 -14.43 86.17
CA LYS C 355 0.12 -15.24 86.10
C LYS C 355 -0.07 -16.39 85.11
N PHE C 356 1.03 -16.81 84.48
CA PHE C 356 0.96 -17.86 83.47
C PHE C 356 0.37 -19.16 84.03
N ASP C 357 0.59 -19.44 85.31
CA ASP C 357 -0.01 -20.63 85.92
C ASP C 357 -1.54 -20.61 85.81
N GLN C 358 -2.15 -19.44 85.72
CA GLN C 358 -3.59 -19.31 85.61
C GLN C 358 -4.07 -19.23 84.17
N ILE C 359 -3.30 -19.78 83.22
CA ILE C 359 -3.65 -19.61 81.81
C ILE C 359 -5.00 -20.24 81.50
N ASN C 360 -5.34 -21.35 82.17
CA ASN C 360 -6.64 -21.97 81.88
C ASN C 360 -7.80 -21.09 82.38
N GLU C 361 -7.62 -20.43 83.52
CA GLU C 361 -8.61 -19.45 83.95
C GLU C 361 -8.71 -18.28 82.96
N ALA C 362 -7.58 -17.87 82.38
CA ALA C 362 -7.62 -16.80 81.40
C ALA C 362 -8.44 -17.21 80.19
N PHE C 363 -8.34 -18.47 79.76
CA PHE C 363 -9.14 -18.88 78.62
C PHE C 363 -10.63 -18.86 78.94
N GLU C 364 -11.00 -19.20 80.18
CA GLU C 364 -12.41 -19.13 80.54
C GLU C 364 -12.91 -17.69 80.53
N LEU C 365 -12.08 -16.75 81.01
CA LEU C 365 -12.42 -15.34 80.91
C LEU C 365 -12.67 -14.95 79.46
N LEU C 366 -11.79 -15.39 78.55
CA LEU C 366 -11.97 -15.05 77.14
C LEU C 366 -13.29 -15.59 76.62
N HIS C 367 -13.59 -16.87 76.91
CA HIS C 367 -14.82 -17.45 76.40
C HIS C 367 -16.05 -16.75 76.97
N ALA C 368 -16.00 -16.35 78.25
CA ALA C 368 -17.14 -15.68 78.88
C ALA C 368 -17.37 -14.25 78.38
N GLY C 369 -16.51 -13.73 77.50
CA GLY C 369 -16.67 -12.37 77.04
C GLY C 369 -16.30 -11.32 78.05
N GLU C 370 -15.64 -11.72 79.14
CA GLU C 370 -15.42 -10.85 80.28
C GLU C 370 -14.03 -10.21 80.29
N CYS C 371 -13.39 -10.12 79.15
CA CYS C 371 -12.09 -9.47 79.10
C CYS C 371 -11.86 -8.97 77.70
N LEU C 372 -11.12 -7.88 77.58
CA LEU C 372 -10.63 -7.46 76.27
C LEU C 372 -9.32 -8.19 75.96
N ARG C 373 -8.29 -7.88 76.74
CA ARG C 373 -7.02 -8.60 76.67
C ARG C 373 -6.58 -8.94 78.08
N CYS C 374 -6.24 -10.22 78.28
CA CYS C 374 -5.57 -10.68 79.49
CA CYS C 374 -5.57 -10.69 79.49
C CYS C 374 -4.10 -10.92 79.16
N VAL C 375 -3.21 -10.26 79.91
CA VAL C 375 -1.77 -10.40 79.76
C VAL C 375 -1.23 -11.30 80.87
N LEU C 376 -0.50 -12.34 80.47
CA LEU C 376 0.14 -13.28 81.39
C LEU C 376 1.62 -12.97 81.52
N THR C 377 2.14 -13.08 82.74
CA THR C 377 3.57 -13.03 82.99
C THR C 377 3.99 -14.27 83.77
N PHE C 378 5.28 -14.57 83.73
CA PHE C 378 5.75 -15.77 84.41
C PHE C 378 6.12 -15.51 85.87
N SER D 2 -10.82 30.12 -25.41
CA SER D 2 -9.64 30.60 -26.13
C SER D 2 -9.98 31.76 -27.06
N GLU D 3 -9.01 32.64 -27.30
CA GLU D 3 -9.22 33.75 -28.23
C GLU D 3 -8.88 33.38 -29.68
N THR D 4 -8.21 32.24 -29.90
CA THR D 4 -7.79 31.84 -31.23
C THR D 4 -8.49 30.59 -31.75
N ALA D 5 -9.05 29.78 -30.86
CA ALA D 5 -9.64 28.51 -31.27
C ALA D 5 -10.74 28.72 -32.30
N GLY D 6 -10.81 27.82 -33.28
CA GLY D 6 -11.84 27.85 -34.29
C GLY D 6 -11.62 28.84 -35.42
N LYS D 7 -10.53 29.60 -35.40
CA LYS D 7 -10.26 30.64 -36.39
C LYS D 7 -8.85 30.45 -36.95
N PRO D 8 -8.61 30.89 -38.18
CA PRO D 8 -7.23 30.93 -38.68
C PRO D 8 -6.42 31.88 -37.81
N ILE D 9 -5.13 31.55 -37.65
CA ILE D 9 -4.17 32.40 -36.93
C ILE D 9 -3.18 32.98 -37.94
N GLU D 10 -2.96 34.29 -37.87
CA GLU D 10 -1.87 34.93 -38.60
C GLU D 10 -0.66 35.00 -37.67
N CYS D 11 0.46 34.40 -38.09
CA CYS D 11 1.62 34.31 -37.21
C CYS D 11 2.90 34.36 -38.04
N LYS D 12 4.02 34.48 -37.34
CA LYS D 12 5.32 34.52 -38.00
C LYS D 12 5.79 33.12 -38.39
N ALA D 13 6.40 33.00 -39.56
CA ALA D 13 6.96 31.72 -39.99
C ALA D 13 8.13 32.01 -40.91
N ALA D 14 8.82 30.94 -41.31
CA ALA D 14 9.93 31.04 -42.27
C ALA D 14 9.57 30.18 -43.46
N ILE D 15 9.35 30.81 -44.61
CA ILE D 15 8.87 30.14 -45.81
C ILE D 15 10.05 29.84 -46.72
N ALA D 16 10.13 28.60 -47.17
CA ALA D 16 11.02 28.21 -48.26
C ALA D 16 10.23 28.31 -49.56
N TRP D 17 10.35 29.44 -50.26
CA TRP D 17 9.60 29.60 -51.51
C TRP D 17 10.11 28.66 -52.59
N GLU D 18 11.41 28.37 -52.60
CA GLU D 18 12.00 27.50 -53.61
C GLU D 18 13.35 27.04 -53.07
N ALA D 19 13.91 26.02 -53.73
CA ALA D 19 15.19 25.48 -53.29
C ALA D 19 16.32 26.49 -53.47
N LYS D 20 17.35 26.36 -52.64
CA LYS D 20 18.62 27.08 -52.74
C LYS D 20 18.50 28.58 -52.52
N LYS D 21 17.38 29.03 -51.96
CA LYS D 21 17.23 30.43 -51.61
C LYS D 21 17.08 30.58 -50.10
N PRO D 22 17.43 31.74 -49.56
CA PRO D 22 17.21 31.98 -48.13
C PRO D 22 15.72 31.94 -47.82
N LEU D 23 15.40 31.53 -46.58
CA LEU D 23 14.03 31.52 -46.11
C LEU D 23 13.53 32.94 -45.94
N GLU D 24 12.24 33.18 -46.24
CA GLU D 24 11.61 34.47 -45.95
C GLU D 24 10.88 34.41 -44.61
N VAL D 25 11.33 35.20 -43.66
CA VAL D 25 10.61 35.35 -42.39
C VAL D 25 9.48 36.35 -42.62
N ARG D 26 8.24 35.88 -42.56
CA ARG D 26 7.08 36.73 -42.81
C ARG D 26 5.85 36.08 -42.16
N THR D 27 4.68 36.71 -42.35
CA THR D 27 3.49 36.15 -41.72
C THR D 27 2.84 35.12 -42.64
N VAL D 28 2.17 34.15 -42.02
CA VAL D 28 1.46 33.09 -42.70
C VAL D 28 0.13 32.96 -41.99
N THR D 29 -0.87 32.44 -42.70
CA THR D 29 -2.19 32.16 -42.13
C THR D 29 -2.30 30.67 -41.90
N VAL D 30 -2.57 30.29 -40.65
CA VAL D 30 -2.65 28.88 -40.25
C VAL D 30 -4.12 28.55 -40.00
N ALA D 31 -4.69 27.69 -40.83
CA ALA D 31 -6.09 27.31 -40.66
C ALA D 31 -6.27 26.53 -39.35
N PRO D 32 -7.48 26.48 -38.81
CA PRO D 32 -7.68 25.69 -37.61
C PRO D 32 -7.61 24.21 -37.92
N PRO D 33 -7.44 23.36 -36.90
CA PRO D 33 -7.25 21.94 -37.16
C PRO D 33 -8.53 21.25 -37.60
N GLY D 34 -8.39 20.40 -38.61
CA GLY D 34 -9.48 19.57 -39.05
C GLY D 34 -9.60 18.31 -38.19
N PRO D 35 -10.49 17.41 -38.58
CA PRO D 35 -10.69 16.19 -37.79
C PRO D 35 -9.38 15.42 -37.64
N GLY D 36 -9.11 14.98 -36.42
CA GLY D 36 -7.91 14.21 -36.14
C GLY D 36 -6.65 15.04 -36.04
N GLU D 37 -6.73 16.37 -36.08
CA GLU D 37 -5.56 17.22 -36.13
C GLU D 37 -5.41 18.03 -34.85
N VAL D 38 -4.20 18.55 -34.64
CA VAL D 38 -3.84 19.31 -33.45
C VAL D 38 -3.07 20.56 -33.88
N ARG D 39 -3.48 21.73 -33.40
CA ARG D 39 -2.76 22.98 -33.69
C ARG D 39 -1.88 23.30 -32.50
N VAL D 40 -0.58 23.45 -32.74
CA VAL D 40 0.44 23.54 -31.70
C VAL D 40 1.11 24.92 -31.80
N GLN D 41 1.23 25.59 -30.66
CA GLN D 41 2.08 26.77 -30.55
C GLN D 41 3.51 26.32 -30.30
N ILE D 42 4.40 26.57 -31.26
CA ILE D 42 5.80 26.18 -31.14
C ILE D 42 6.51 27.14 -30.20
N LYS D 43 7.18 26.57 -29.19
CA LYS D 43 7.90 27.41 -28.24
C LYS D 43 9.41 27.37 -28.43
N ALA D 44 9.92 26.29 -29.02
CA ALA D 44 11.34 26.21 -29.36
C ALA D 44 11.50 25.22 -30.51
N THR D 45 12.38 25.54 -31.45
CA THR D 45 12.62 24.64 -32.59
C THR D 45 14.11 24.67 -32.94
N ALA D 46 14.68 23.49 -33.21
CA ALA D 46 16.07 23.41 -33.62
C ALA D 46 16.12 23.11 -35.11
N LEU D 47 17.32 23.14 -35.68
CA LEU D 47 17.47 22.76 -37.06
C LEU D 47 18.49 21.64 -37.17
N CYS D 48 18.46 20.98 -38.31
CA CYS D 48 19.25 19.78 -38.54
C CYS D 48 19.57 19.63 -40.02
N GLN D 49 20.59 18.82 -40.32
CA GLN D 49 20.99 18.61 -41.70
C GLN D 49 19.83 18.19 -42.61
N THR D 50 18.84 17.53 -42.02
CA THR D 50 17.67 17.11 -42.80
C THR D 50 16.91 18.31 -43.35
N ASP D 51 16.76 19.37 -42.56
CA ASP D 51 16.14 20.58 -43.10
C ASP D 51 16.98 21.18 -44.23
N ALA D 52 18.30 21.24 -44.04
CA ALA D 52 19.20 21.84 -45.04
C ALA D 52 19.21 21.04 -46.33
N TYR D 53 19.11 19.71 -46.22
CA TYR D 53 19.10 18.85 -47.42
C TYR D 53 17.92 19.18 -48.32
N THR D 54 16.72 19.33 -47.75
CA THR D 54 15.58 19.68 -48.59
C THR D 54 15.67 21.12 -49.07
N LEU D 55 16.13 22.03 -48.22
CA LEU D 55 16.27 23.43 -48.62
C LEU D 55 17.22 23.57 -49.80
N GLY D 56 18.24 22.71 -49.88
CA GLY D 56 19.23 22.77 -50.94
C GLY D 56 18.82 22.14 -52.25
N GLY D 57 17.58 21.68 -52.37
CA GLY D 57 17.11 21.10 -53.60
C GLY D 57 17.61 19.71 -53.87
N LEU D 58 18.12 19.02 -52.86
CA LEU D 58 18.64 17.67 -53.04
C LEU D 58 17.61 16.58 -52.81
N ASP D 59 16.47 16.92 -52.23
CA ASP D 59 15.46 15.95 -51.79
C ASP D 59 14.54 15.60 -52.95
N PRO D 60 14.60 14.37 -53.45
CA PRO D 60 13.71 13.97 -54.55
C PRO D 60 12.23 14.20 -54.22
N GLU D 61 11.87 14.22 -52.94
CA GLU D 61 10.50 14.42 -52.49
C GLU D 61 10.19 15.85 -52.06
N GLY D 62 11.15 16.77 -52.20
CA GLY D 62 10.91 18.14 -51.79
C GLY D 62 9.76 18.76 -52.56
N ARG D 63 9.00 19.61 -51.87
CA ARG D 63 7.85 20.30 -52.46
C ARG D 63 7.91 21.75 -52.00
N PHE D 64 7.91 22.68 -52.94
CA PHE D 64 7.95 24.10 -52.62
C PHE D 64 6.71 24.80 -53.18
N PRO D 65 6.27 25.91 -52.56
CA PRO D 65 6.80 26.52 -51.32
C PRO D 65 6.42 25.68 -50.08
N CYS D 66 7.25 25.67 -49.04
CA CYS D 66 6.90 24.89 -47.85
C CYS D 66 7.47 25.58 -46.62
N ILE D 67 7.01 25.12 -45.45
CA ILE D 67 7.57 25.49 -44.16
C ILE D 67 8.33 24.26 -43.63
N LEU D 68 9.64 24.40 -43.51
CA LEU D 68 10.50 23.32 -43.02
C LEU D 68 10.46 23.26 -41.48
N GLY D 69 11.36 22.47 -40.90
CA GLY D 69 11.45 22.34 -39.46
C GLY D 69 10.76 21.10 -38.92
N HIS D 70 11.50 20.28 -38.17
CA HIS D 70 10.96 19.04 -37.62
C HIS D 70 11.39 18.73 -36.19
N GLU D 71 12.19 19.58 -35.54
CA GLU D 71 12.66 19.39 -34.17
C GLU D 71 12.09 20.51 -33.32
N ALA D 72 11.09 20.23 -32.49
CA ALA D 72 10.48 21.33 -31.74
C ALA D 72 9.72 20.79 -30.54
N ALA D 73 9.31 21.70 -29.67
CA ALA D 73 8.40 21.40 -28.59
C ALA D 73 7.48 22.59 -28.39
N GLY D 74 6.29 22.35 -27.87
CA GLY D 74 5.35 23.45 -27.72
C GLY D 74 4.14 23.08 -26.90
N VAL D 75 3.07 23.84 -27.11
CA VAL D 75 1.87 23.77 -26.29
C VAL D 75 0.66 23.67 -27.22
N VAL D 76 -0.28 22.77 -26.89
CA VAL D 76 -1.48 22.58 -27.72
C VAL D 76 -2.36 23.82 -27.63
N GLU D 77 -2.66 24.42 -28.78
CA GLU D 77 -3.58 25.56 -28.83
C GLU D 77 -5.03 25.11 -29.01
N SER D 78 -5.26 24.09 -29.82
CA SER D 78 -6.63 23.60 -30.05
C SER D 78 -6.55 22.28 -30.78
N VAL D 79 -7.68 21.55 -30.78
CA VAL D 79 -7.72 20.24 -31.42
C VAL D 79 -8.98 20.14 -32.29
N GLY D 80 -8.90 19.27 -33.29
CA GLY D 80 -10.00 19.06 -34.20
C GLY D 80 -10.89 17.92 -33.76
N GLU D 81 -11.88 17.62 -34.61
CA GLU D 81 -12.91 16.64 -34.27
CA GLU D 81 -12.90 16.65 -34.27
C GLU D 81 -12.30 15.30 -33.89
N GLY D 82 -12.83 14.73 -32.81
CA GLY D 82 -12.50 13.38 -32.42
C GLY D 82 -11.19 13.21 -31.71
N VAL D 83 -10.44 14.29 -31.48
CA VAL D 83 -9.13 14.16 -30.85
C VAL D 83 -9.30 14.09 -29.35
N THR D 84 -8.81 13.00 -28.74
CA THR D 84 -8.90 12.84 -27.29
C THR D 84 -7.55 12.79 -26.57
N SER D 85 -6.45 12.51 -27.27
CA SER D 85 -5.22 12.18 -26.57
C SER D 85 -4.59 13.39 -25.90
N VAL D 86 -4.81 14.60 -26.46
CA VAL D 86 -4.32 15.83 -25.88
C VAL D 86 -5.46 16.85 -25.85
N LYS D 87 -5.31 17.84 -24.96
CA LYS D 87 -6.24 18.93 -24.75
C LYS D 87 -5.48 20.25 -24.82
N PRO D 88 -6.18 21.37 -25.03
CA PRO D 88 -5.48 22.66 -25.03
C PRO D 88 -4.69 22.87 -23.74
N GLY D 89 -3.48 23.38 -23.88
CA GLY D 89 -2.59 23.57 -22.74
C GLY D 89 -1.59 22.46 -22.50
N ASP D 90 -1.77 21.29 -23.10
CA ASP D 90 -0.81 20.20 -22.93
C ASP D 90 0.51 20.55 -23.62
N HIS D 91 1.63 20.13 -23.02
CA HIS D 91 2.95 20.31 -23.62
C HIS D 91 3.27 19.10 -24.48
N VAL D 92 3.83 19.33 -25.67
CA VAL D 92 3.96 18.27 -26.67
C VAL D 92 5.24 18.41 -27.47
N ILE D 93 5.68 17.29 -28.03
CA ILE D 93 6.73 17.26 -29.05
C ILE D 93 6.07 16.69 -30.31
N PRO D 94 5.98 17.46 -31.40
CA PRO D 94 5.52 16.89 -32.68
C PRO D 94 6.64 16.06 -33.29
N CYS D 95 6.31 14.87 -33.77
CA CYS D 95 7.31 13.91 -34.23
C CYS D 95 7.11 13.62 -35.70
N TYR D 96 8.21 13.64 -36.47
CA TYR D 96 8.09 13.30 -37.87
C TYR D 96 7.71 11.82 -38.08
N GLN D 97 8.00 10.95 -37.12
CA GLN D 97 7.58 9.56 -37.19
C GLN D 97 6.32 9.39 -36.34
N ALA D 98 5.21 9.05 -37.00
CA ALA D 98 3.95 8.95 -36.29
C ALA D 98 3.85 7.62 -35.53
N TYR D 99 2.84 7.55 -34.65
CA TYR D 99 2.48 6.33 -33.93
C TYR D 99 0.96 6.24 -33.82
N CYS D 100 0.35 5.24 -34.44
CA CYS D 100 -1.10 5.09 -34.33
C CYS D 100 -1.53 3.95 -33.42
N GLY D 101 -0.64 3.00 -33.14
CA GLY D 101 -0.93 1.93 -32.22
C GLY D 101 -1.77 0.81 -32.79
N GLU D 102 -2.25 0.94 -34.02
CA GLU D 102 -3.19 0.00 -34.62
C GLU D 102 -2.69 -0.66 -35.89
N CYS D 103 -1.74 -0.06 -36.60
CA CYS D 103 -1.31 -0.63 -37.86
C CYS D 103 -0.30 -1.76 -37.64
N LYS D 104 0.04 -2.44 -38.74
CA LYS D 104 0.91 -3.61 -38.63
C LYS D 104 2.26 -3.26 -38.01
N PHE D 105 2.78 -2.07 -38.32
CA PHE D 105 4.11 -1.68 -37.84
C PHE D 105 4.06 -1.21 -36.39
N CYS D 106 2.98 -0.55 -35.99
CA CYS D 106 2.88 -0.10 -34.60
C CYS D 106 2.70 -1.31 -33.67
N LYS D 107 1.95 -2.32 -34.11
CA LYS D 107 1.77 -3.53 -33.31
C LYS D 107 3.03 -4.39 -33.24
N HIS D 108 3.92 -4.32 -34.22
CA HIS D 108 5.09 -5.20 -34.21
C HIS D 108 6.14 -4.72 -33.21
N PRO D 109 6.67 -5.61 -32.37
CA PRO D 109 7.58 -5.14 -31.32
C PRO D 109 8.90 -4.57 -31.84
N GLU D 110 9.31 -4.89 -33.06
CA GLU D 110 10.62 -4.49 -33.56
C GLU D 110 10.54 -3.40 -34.64
N SER D 111 9.42 -2.67 -34.74
CA SER D 111 9.37 -1.61 -35.74
C SER D 111 8.64 -0.41 -35.17
N ASN D 112 9.00 0.77 -35.68
CA ASN D 112 8.31 2.00 -35.34
C ASN D 112 7.78 2.70 -36.59
N LEU D 113 7.66 1.98 -37.70
CA LEU D 113 7.43 2.61 -39.02
C LEU D 113 5.92 2.66 -39.35
N CYS D 114 5.20 3.39 -38.50
CA CYS D 114 3.76 3.60 -38.66
C CYS D 114 3.39 4.07 -40.06
N VAL D 115 2.34 3.51 -40.65
CA VAL D 115 1.91 3.93 -41.98
C VAL D 115 0.62 4.76 -41.93
N SER D 116 0.24 5.29 -40.77
CA SER D 116 -1.08 5.91 -40.68
C SER D 116 -1.16 7.21 -41.47
N VAL D 117 -0.06 7.99 -41.52
CA VAL D 117 -0.14 9.33 -42.10
C VAL D 117 0.97 9.64 -43.10
N ARG D 118 1.95 8.76 -43.29
CA ARG D 118 3.13 9.11 -44.09
C ARG D 118 2.80 9.39 -45.55
N ALA D 119 1.75 8.78 -46.11
CA ALA D 119 1.40 9.09 -47.49
C ALA D 119 1.05 10.57 -47.63
N PHE D 120 0.53 11.18 -46.56
CA PHE D 120 0.15 12.59 -46.63
C PHE D 120 1.28 13.49 -46.17
N THR D 121 1.92 13.15 -45.03
CA THR D 121 3.04 13.97 -44.57
C THR D 121 4.17 13.98 -45.59
N GLY D 122 4.38 12.86 -46.30
CA GLY D 122 5.39 12.81 -47.35
C GLY D 122 5.11 13.72 -48.53
N LYS D 123 3.85 14.12 -48.71
CA LYS D 123 3.45 15.06 -49.75
C LYS D 123 3.20 16.46 -49.21
N GLY D 124 3.47 16.72 -47.92
CA GLY D 124 3.27 18.05 -47.39
C GLY D 124 1.83 18.45 -47.18
N VAL D 125 0.92 17.50 -47.01
CA VAL D 125 -0.49 17.79 -46.80
C VAL D 125 -1.03 17.02 -45.59
N MET D 126 -2.30 17.28 -45.26
CA MET D 126 -2.99 16.59 -44.19
C MET D 126 -3.84 15.45 -44.73
N LYS D 127 -3.96 14.39 -43.91
CA LYS D 127 -4.80 13.25 -44.26
C LYS D 127 -6.28 13.62 -44.41
N SER D 128 -6.80 14.49 -43.55
CA SER D 128 -8.26 14.65 -43.50
C SER D 128 -8.84 15.16 -44.81
N ASP D 129 -8.13 16.03 -45.52
CA ASP D 129 -8.64 16.59 -46.76
C ASP D 129 -7.61 16.64 -47.90
N GLY D 130 -6.39 16.16 -47.67
CA GLY D 130 -5.39 16.23 -48.74
C GLY D 130 -4.87 17.61 -49.05
N LYS D 131 -4.99 18.55 -48.13
CA LYS D 131 -4.55 19.93 -48.34
C LYS D 131 -3.63 20.37 -47.20
N PRO D 132 -2.80 21.39 -47.43
CA PRO D 132 -2.03 21.98 -46.33
C PRO D 132 -2.85 23.02 -45.59
N ARG D 133 -2.38 23.36 -44.39
CA ARG D 133 -3.10 24.29 -43.53
C ARG D 133 -2.56 25.72 -43.59
N PHE D 134 -1.46 25.95 -44.31
CA PHE D 134 -0.86 27.26 -44.43
C PHE D 134 -1.23 27.93 -45.75
N THR D 135 -1.42 29.26 -45.71
CA THR D 135 -1.58 30.04 -46.93
C THR D 135 -0.85 31.37 -46.81
N VAL D 136 -0.40 31.85 -47.98
CA VAL D 136 0.00 33.24 -48.18
C VAL D 136 -0.78 33.73 -49.39
N ASP D 137 -1.51 34.84 -49.22
CA ASP D 137 -2.39 35.34 -50.29
C ASP D 137 -3.34 34.27 -50.79
N GLY D 138 -3.77 33.38 -49.90
CA GLY D 138 -4.73 32.35 -50.25
C GLY D 138 -4.18 31.20 -51.07
N LYS D 139 -2.89 31.16 -51.29
CA LYS D 139 -2.28 30.06 -52.02
C LYS D 139 -1.53 29.14 -51.04
N PRO D 140 -1.56 27.84 -51.29
CA PRO D 140 -1.02 26.88 -50.32
C PRO D 140 0.48 27.03 -50.12
N ILE D 141 0.91 26.89 -48.86
CA ILE D 141 2.30 26.62 -48.48
C ILE D 141 2.28 25.21 -47.87
N TYR D 142 3.11 24.32 -48.42
CA TYR D 142 3.08 22.92 -48.04
C TYR D 142 3.81 22.66 -46.72
N HIS D 143 3.40 21.58 -46.05
CA HIS D 143 4.05 21.12 -44.84
C HIS D 143 5.34 20.35 -45.16
N PHE D 144 6.09 20.01 -44.12
CA PHE D 144 7.34 19.27 -44.24
C PHE D 144 7.44 18.27 -43.09
N MET D 145 7.66 16.99 -43.41
CA MET D 145 7.87 15.89 -42.46
C MET D 145 6.73 15.75 -41.45
N GLY D 146 5.55 16.27 -41.79
CA GLY D 146 4.40 16.24 -40.91
C GLY D 146 4.47 17.20 -39.75
N THR D 147 5.48 18.07 -39.71
CA THR D 147 5.73 18.87 -38.52
C THR D 147 5.75 20.36 -38.81
N SER D 148 6.43 20.80 -39.87
CA SER D 148 6.57 22.25 -40.15
C SER D 148 6.71 23.10 -38.90
N THR D 149 7.83 22.95 -38.20
CA THR D 149 7.96 23.65 -36.94
C THR D 149 8.55 25.05 -37.08
N PHE D 150 8.91 25.50 -38.29
CA PHE D 150 9.40 26.86 -38.48
C PHE D 150 8.25 27.86 -38.63
N SER D 151 7.34 27.84 -37.67
CA SER D 151 6.16 28.71 -37.66
C SER D 151 5.69 28.76 -36.21
N GLU D 152 5.20 29.92 -35.78
CA GLU D 152 4.75 30.09 -34.38
CA GLU D 152 4.87 29.95 -34.37
C GLU D 152 3.64 29.11 -34.06
N TYR D 153 2.79 28.81 -35.06
CA TYR D 153 1.71 27.83 -34.92
C TYR D 153 1.82 26.88 -36.11
N THR D 154 1.62 25.59 -35.83
CA THR D 154 1.60 24.59 -36.89
C THR D 154 0.44 23.62 -36.63
N VAL D 155 0.07 22.87 -37.66
CA VAL D 155 -1.01 21.91 -37.56
C VAL D 155 -0.45 20.54 -37.93
N VAL D 156 -0.61 19.58 -37.01
CA VAL D 156 -0.04 18.24 -37.17
C VAL D 156 -1.15 17.22 -36.95
N HIS D 157 -0.91 16.00 -37.46
CA HIS D 157 -1.79 14.87 -37.18
C HIS D 157 -1.71 14.45 -35.71
N GLU D 158 -2.85 14.01 -35.14
CA GLU D 158 -2.80 13.57 -33.75
C GLU D 158 -1.84 12.41 -33.57
N GLN D 159 -1.65 11.56 -34.58
CA GLN D 159 -0.71 10.44 -34.46
C GLN D 159 0.74 10.92 -34.29
N SER D 160 1.02 12.19 -34.53
CA SER D 160 2.35 12.75 -34.47
C SER D 160 2.65 13.43 -33.15
N VAL D 161 1.68 13.49 -32.24
CA VAL D 161 1.78 14.38 -31.08
C VAL D 161 2.16 13.54 -29.87
N ALA D 162 3.39 13.73 -29.38
CA ALA D 162 3.82 13.11 -28.13
C ALA D 162 3.52 14.06 -26.97
N LYS D 163 2.76 13.58 -25.99
CA LYS D 163 2.36 14.37 -24.82
C LYS D 163 3.41 14.21 -23.73
N ILE D 164 3.99 15.31 -23.25
CA ILE D 164 5.17 15.23 -22.38
C ILE D 164 4.92 15.98 -21.05
N ASP D 165 5.85 15.74 -20.12
CA ASP D 165 5.87 16.39 -18.80
C ASP D 165 5.84 17.91 -18.91
N VAL D 166 4.86 18.56 -18.26
CA VAL D 166 4.74 20.01 -18.44
C VAL D 166 5.87 20.78 -17.78
N ASN D 167 6.65 20.15 -16.89
CA ASN D 167 7.81 20.77 -16.27
C ASN D 167 9.08 20.70 -17.10
N ALA D 168 9.11 19.89 -18.16
CA ALA D 168 10.31 19.77 -18.98
C ALA D 168 10.57 21.09 -19.72
N PRO D 169 11.83 21.55 -19.78
CA PRO D 169 12.12 22.81 -20.49
C PRO D 169 12.01 22.59 -21.99
N LEU D 170 11.16 23.40 -22.62
CA LEU D 170 10.86 23.17 -24.03
C LEU D 170 12.05 23.47 -24.93
N ASP D 171 12.97 24.35 -24.49
CA ASP D 171 14.12 24.70 -25.30
C ASP D 171 15.28 23.69 -25.18
N LYS D 172 15.08 22.57 -24.48
CA LYS D 172 16.00 21.45 -24.49
C LYS D 172 15.36 20.19 -25.08
N VAL D 173 14.14 19.85 -24.67
CA VAL D 173 13.57 18.60 -25.13
C VAL D 173 13.08 18.66 -26.57
N CYS D 174 13.06 19.84 -27.18
CA CYS D 174 12.84 19.95 -28.62
C CYS D 174 13.80 19.11 -29.46
N LEU D 175 14.94 18.70 -28.91
CA LEU D 175 15.87 17.84 -29.63
C LEU D 175 15.43 16.38 -29.71
N LEU D 176 14.48 15.96 -28.87
CA LEU D 176 14.20 14.53 -28.74
C LEU D 176 13.30 13.99 -29.85
N GLY D 177 12.85 14.81 -30.79
CA GLY D 177 12.12 14.25 -31.89
C GLY D 177 12.99 13.96 -33.11
N CYS D 178 14.33 13.92 -32.94
CA CYS D 178 15.18 13.58 -34.08
C CYS D 178 16.55 13.02 -33.67
N GLY D 179 17.61 13.80 -33.93
CA GLY D 179 18.95 13.24 -34.00
C GLY D 179 19.44 12.60 -32.73
N VAL D 180 19.32 13.30 -31.59
CA VAL D 180 19.82 12.71 -30.35
C VAL D 180 19.09 11.39 -30.08
N SER D 181 17.78 11.38 -30.26
CA SER D 181 17.02 10.17 -30.01
C SER D 181 17.36 9.07 -31.00
N THR D 182 17.65 9.45 -32.25
CA THR D 182 18.03 8.46 -33.25
C THR D 182 19.31 7.75 -32.85
N GLY D 183 20.29 8.49 -32.33
CA GLY D 183 21.53 7.86 -31.89
C GLY D 183 21.34 6.98 -30.67
N TRP D 184 20.65 7.50 -29.64
CA TRP D 184 20.36 6.69 -28.47
C TRP D 184 19.66 5.39 -28.85
N GLY D 185 18.66 5.48 -29.71
CA GLY D 185 17.87 4.30 -30.04
C GLY D 185 18.63 3.32 -30.91
N ALA D 186 19.53 3.83 -31.76
CA ALA D 186 20.37 2.92 -32.53
C ALA D 186 21.04 1.92 -31.60
N VAL D 187 21.44 2.37 -30.41
CA VAL D 187 22.14 1.53 -29.44
C VAL D 187 21.14 0.68 -28.66
N PHE D 188 20.15 1.34 -28.04
CA PHE D 188 19.27 0.65 -27.10
C PHE D 188 18.25 -0.25 -27.80
N ASN D 189 17.74 0.18 -28.95
CA ASN D 189 16.64 -0.54 -29.60
C ASN D 189 17.08 -1.41 -30.77
N THR D 190 17.89 -0.85 -31.68
CA THR D 190 18.23 -1.58 -32.89
C THR D 190 19.37 -2.57 -32.63
N ALA D 191 20.52 -2.08 -32.17
CA ALA D 191 21.65 -2.97 -31.87
C ALA D 191 21.42 -3.77 -30.60
N LYS D 192 20.77 -3.16 -29.59
CA LYS D 192 20.64 -3.70 -28.23
C LYS D 192 22.02 -4.04 -27.67
N VAL D 193 22.87 -3.00 -27.60
CA VAL D 193 24.26 -3.18 -27.18
C VAL D 193 24.32 -3.81 -25.80
N THR D 194 25.15 -4.82 -25.64
CA THR D 194 25.23 -5.58 -24.39
C THR D 194 26.37 -5.06 -23.50
N ALA D 195 26.22 -5.27 -22.19
CA ALA D 195 27.24 -4.80 -21.26
C ALA D 195 28.57 -5.50 -21.52
N GLY D 196 29.66 -4.73 -21.48
CA GLY D 196 31.00 -5.24 -21.72
C GLY D 196 31.40 -5.40 -23.17
N SER D 197 30.53 -5.08 -24.12
CA SER D 197 30.82 -5.25 -25.53
C SER D 197 31.70 -4.11 -26.04
N THR D 198 32.27 -4.29 -27.23
CA THR D 198 33.09 -3.27 -27.87
C THR D 198 32.28 -2.61 -28.97
N VAL D 199 32.53 -1.31 -29.18
CA VAL D 199 31.72 -0.50 -30.08
C VAL D 199 32.63 0.41 -30.89
N ALA D 200 32.35 0.54 -32.19
CA ALA D 200 32.97 1.58 -33.00
C ALA D 200 31.90 2.51 -33.57
N VAL D 201 32.17 3.81 -33.55
CA VAL D 201 31.23 4.82 -34.00
C VAL D 201 31.92 5.67 -35.06
N PHE D 202 31.34 5.72 -36.27
CA PHE D 202 31.90 6.43 -37.42
C PHE D 202 31.11 7.71 -37.65
N GLY D 203 31.74 8.86 -37.40
CA GLY D 203 31.14 10.15 -37.66
C GLY D 203 30.74 10.75 -36.35
N LEU D 204 31.31 11.90 -36.00
CA LEU D 204 31.19 12.45 -34.64
C LEU D 204 30.40 13.76 -34.60
N GLY D 205 29.33 13.85 -35.39
CA GLY D 205 28.32 14.87 -35.20
C GLY D 205 27.40 14.54 -34.04
N ALA D 206 26.29 15.30 -33.96
CA ALA D 206 25.32 15.06 -32.90
C ALA D 206 24.87 13.61 -32.84
N VAL D 207 24.59 13.00 -34.00
CA VAL D 207 24.06 11.65 -33.94
C VAL D 207 25.12 10.67 -33.45
N GLY D 208 26.36 10.83 -33.92
CA GLY D 208 27.42 9.94 -33.48
C GLY D 208 27.74 10.10 -32.02
N LEU D 209 27.71 11.36 -31.53
CA LEU D 209 27.94 11.58 -30.10
C LEU D 209 26.83 10.96 -29.26
N ALA D 210 25.60 10.93 -29.78
CA ALA D 210 24.51 10.27 -29.06
C ALA D 210 24.72 8.76 -29.01
N VAL D 211 25.21 8.16 -30.10
CA VAL D 211 25.56 6.74 -30.07
C VAL D 211 26.62 6.48 -29.00
N ILE D 212 27.67 7.31 -28.99
CA ILE D 212 28.72 7.15 -27.97
C ILE D 212 28.12 7.25 -26.57
N GLU D 213 27.29 8.27 -26.34
CA GLU D 213 26.69 8.46 -25.01
C GLU D 213 25.87 7.23 -24.59
N ALA D 214 25.05 6.72 -25.50
CA ALA D 214 24.21 5.54 -25.22
C ALA D 214 25.05 4.27 -25.03
N ALA D 215 26.07 4.08 -25.88
CA ALA D 215 26.96 2.91 -25.71
C ALA D 215 27.60 2.92 -24.34
N LYS D 216 28.02 4.09 -23.85
CA LYS D 216 28.58 4.13 -22.52
C LYS D 216 27.52 3.79 -21.48
N ARG D 217 26.31 4.33 -21.65
CA ARG D 217 25.25 4.01 -20.70
C ARG D 217 24.89 2.53 -20.74
N ALA D 218 25.00 1.88 -21.91
CA ALA D 218 24.73 0.46 -22.07
C ALA D 218 25.83 -0.42 -21.46
N GLY D 219 26.95 0.15 -21.02
CA GLY D 219 28.02 -0.64 -20.42
C GLY D 219 29.11 -1.11 -21.36
N ALA D 220 29.21 -0.55 -22.57
CA ALA D 220 30.29 -0.95 -23.47
C ALA D 220 31.66 -0.79 -22.79
N SER D 221 32.54 -1.76 -23.00
CA SER D 221 33.87 -1.72 -22.41
C SER D 221 34.87 -0.93 -23.25
N ARG D 222 34.61 -0.77 -24.55
CA ARG D 222 35.48 0.01 -25.42
C ARG D 222 34.59 0.70 -26.43
N ILE D 223 34.83 1.99 -26.65
CA ILE D 223 34.06 2.80 -27.58
C ILE D 223 35.05 3.57 -28.44
N ILE D 224 35.21 3.12 -29.69
CA ILE D 224 36.21 3.64 -30.61
C ILE D 224 35.54 4.67 -31.53
N ALA D 225 35.88 5.95 -31.36
CA ALA D 225 35.31 7.00 -32.19
C ALA D 225 36.21 7.24 -33.40
N VAL D 226 35.60 7.31 -34.59
CA VAL D 226 36.31 7.43 -35.86
C VAL D 226 35.82 8.67 -36.61
N ASP D 227 36.74 9.58 -36.92
CA ASP D 227 36.39 10.74 -37.73
C ASP D 227 37.67 11.30 -38.37
N ILE D 228 37.54 11.83 -39.59
CA ILE D 228 38.69 12.47 -40.23
C ILE D 228 38.99 13.85 -39.66
N ASP D 229 38.09 14.42 -38.85
CA ASP D 229 38.32 15.73 -38.27
C ASP D 229 38.73 15.57 -36.82
N PRO D 230 40.02 15.66 -36.49
CA PRO D 230 40.45 15.38 -35.11
C PRO D 230 40.02 16.45 -34.11
N THR D 231 39.50 17.60 -34.56
CA THR D 231 39.00 18.55 -33.58
C THR D 231 37.70 18.09 -32.94
N LYS D 232 37.10 17.02 -33.46
CA LYS D 232 35.91 16.44 -32.83
C LYS D 232 36.25 15.45 -31.72
N PHE D 233 37.53 15.12 -31.52
CA PHE D 233 37.89 14.06 -30.58
C PHE D 233 37.72 14.47 -29.12
N PRO D 234 38.12 15.68 -28.70
CA PRO D 234 37.89 16.04 -27.28
C PRO D 234 36.43 15.91 -26.86
N THR D 235 35.51 16.33 -27.73
CA THR D 235 34.09 16.16 -27.42
C THR D 235 33.70 14.68 -27.40
N ALA D 236 34.18 13.89 -28.35
CA ALA D 236 33.84 12.46 -28.34
C ALA D 236 34.29 11.80 -27.03
N LYS D 237 35.47 12.16 -26.53
CA LYS D 237 35.91 11.62 -25.24
C LYS D 237 35.04 12.14 -24.11
N GLU D 238 34.71 13.42 -24.12
CA GLU D 238 33.72 13.98 -23.19
C GLU D 238 32.47 13.11 -23.10
N PHE D 239 31.94 12.67 -24.24
CA PHE D 239 30.70 11.90 -24.27
C PHE D 239 30.89 10.42 -23.96
N GLY D 240 32.13 9.93 -23.87
CA GLY D 240 32.40 8.57 -23.41
C GLY D 240 33.32 7.69 -24.24
N ALA D 241 33.85 8.22 -25.34
CA ALA D 241 34.75 7.43 -26.18
C ALA D 241 36.02 7.08 -25.41
N THR D 242 36.48 5.83 -25.57
CA THR D 242 37.73 5.38 -24.96
C THR D 242 38.93 5.52 -25.90
N ASP D 243 38.65 5.57 -27.21
CA ASP D 243 39.67 5.64 -28.25
C ASP D 243 39.15 6.54 -29.35
N CYS D 244 40.05 7.29 -29.99
CA CYS D 244 39.70 8.14 -31.13
C CYS D 244 40.69 7.86 -32.25
N ILE D 245 40.19 7.59 -33.46
CA ILE D 245 41.05 7.26 -34.58
C ILE D 245 40.74 8.14 -35.77
N ASN D 246 41.78 8.77 -36.32
CA ASN D 246 41.65 9.52 -37.55
C ASN D 246 42.10 8.61 -38.69
N PRO D 247 41.22 8.25 -39.63
CA PRO D 247 41.65 7.35 -40.73
C PRO D 247 42.79 7.92 -41.54
N LYS D 248 42.92 9.25 -41.61
CA LYS D 248 44.01 9.86 -42.35
C LYS D 248 45.38 9.56 -41.74
N ASP D 249 45.44 9.12 -40.47
CA ASP D 249 46.69 8.75 -39.83
C ASP D 249 47.17 7.34 -40.18
N HIS D 250 46.45 6.60 -41.03
CA HIS D 250 46.83 5.22 -41.31
C HIS D 250 46.77 5.00 -42.81
N GLU D 251 47.74 4.23 -43.32
CA GLU D 251 47.70 3.87 -44.74
C GLU D 251 46.73 2.70 -45.02
N LYS D 252 46.50 1.82 -44.05
CA LYS D 252 45.53 0.75 -44.25
C LYS D 252 44.10 1.30 -44.24
N PRO D 253 43.18 0.66 -44.96
CA PRO D 253 41.76 1.02 -44.83
C PRO D 253 41.34 0.97 -43.36
N ILE D 254 40.47 1.92 -42.96
CA ILE D 254 40.14 2.05 -41.54
C ILE D 254 39.57 0.75 -40.98
N GLN D 255 38.86 -0.05 -41.78
CA GLN D 255 38.29 -1.28 -41.23
C GLN D 255 39.38 -2.25 -40.83
N GLN D 256 40.51 -2.26 -41.57
CA GLN D 256 41.62 -3.14 -41.18
C GLN D 256 42.26 -2.68 -39.89
N VAL D 257 42.39 -1.35 -39.72
CA VAL D 257 42.93 -0.79 -38.48
C VAL D 257 42.08 -1.23 -37.28
N ILE D 258 40.77 -1.10 -37.40
CA ILE D 258 39.91 -1.40 -36.27
C ILE D 258 39.94 -2.90 -35.98
N VAL D 259 39.92 -3.73 -37.03
CA VAL D 259 40.02 -5.18 -36.82
C VAL D 259 41.32 -5.53 -36.10
N GLU D 260 42.45 -4.90 -36.50
CA GLU D 260 43.71 -5.20 -35.82
C GLU D 260 43.69 -4.77 -34.35
N MET D 261 43.08 -3.61 -34.06
CA MET D 261 42.98 -3.14 -32.67
C MET D 261 42.16 -4.07 -31.79
N THR D 262 41.22 -4.83 -32.38
CA THR D 262 40.27 -5.63 -31.63
C THR D 262 40.39 -7.12 -31.92
N GLU D 263 41.35 -7.51 -32.77
CA GLU D 263 41.63 -8.87 -33.22
C GLU D 263 40.63 -9.33 -34.28
N TRP D 264 39.33 -9.23 -33.98
CA TRP D 264 38.31 -9.73 -34.90
C TRP D 264 37.33 -8.67 -35.34
N GLY D 265 37.42 -7.46 -34.83
CA GLY D 265 36.38 -6.46 -35.04
C GLY D 265 35.62 -6.16 -33.76
N CYS D 266 34.77 -5.15 -33.84
CA CYS D 266 33.97 -4.71 -32.70
C CYS D 266 32.63 -5.43 -32.69
N ASP D 267 32.11 -5.70 -31.48
CA ASP D 267 30.82 -6.37 -31.38
C ASP D 267 29.71 -5.60 -32.09
N TYR D 268 29.75 -4.27 -32.04
CA TYR D 268 28.78 -3.39 -32.68
C TYR D 268 29.50 -2.20 -33.34
N THR D 269 29.09 -1.84 -34.56
CA THR D 269 29.61 -0.65 -35.21
C THR D 269 28.44 0.18 -35.72
N PHE D 270 28.65 1.50 -35.84
CA PHE D 270 27.57 2.41 -36.22
C PHE D 270 28.11 3.42 -37.21
N GLU D 271 27.40 3.62 -38.32
CA GLU D 271 27.74 4.68 -39.27
C GLU D 271 26.76 5.84 -39.09
N CYS D 272 27.30 7.05 -38.89
CA CYS D 272 26.48 8.15 -38.39
C CYS D 272 26.58 9.39 -39.28
N ILE D 273 27.06 9.25 -40.53
CA ILE D 273 27.28 10.37 -41.42
C ILE D 273 26.37 10.33 -42.64
N GLY D 274 26.08 9.14 -43.18
CA GLY D 274 25.45 9.03 -44.46
C GLY D 274 26.40 8.77 -45.61
N ASN D 275 27.61 8.32 -45.33
CA ASN D 275 28.64 8.05 -46.32
C ASN D 275 28.66 6.55 -46.59
N THR D 276 28.34 6.14 -47.83
CA THR D 276 28.17 4.70 -48.10
C THR D 276 29.48 3.93 -48.07
N ALA D 277 30.60 4.55 -48.45
CA ALA D 277 31.89 3.89 -48.29
C ALA D 277 32.21 3.65 -46.81
N VAL D 278 31.87 4.61 -45.95
CA VAL D 278 32.06 4.42 -44.52
C VAL D 278 31.09 3.38 -43.97
N MET D 279 29.87 3.33 -44.51
CA MET D 279 28.95 2.28 -44.10
C MET D 279 29.55 0.89 -44.38
N ARG D 280 30.22 0.74 -45.53
CA ARG D 280 30.89 -0.53 -45.81
C ARG D 280 32.00 -0.78 -44.80
N ALA D 281 32.77 0.26 -44.47
CA ALA D 281 33.88 0.11 -43.55
C ALA D 281 33.40 -0.31 -42.16
N ALA D 282 32.28 0.25 -41.70
CA ALA D 282 31.72 -0.15 -40.40
C ALA D 282 31.25 -1.61 -40.44
N LEU D 283 30.65 -2.04 -41.55
CA LEU D 283 30.28 -3.44 -41.66
C LEU D 283 31.52 -4.32 -41.54
N GLU D 284 32.58 -3.94 -42.23
CA GLU D 284 33.73 -4.83 -42.34
C GLU D 284 34.63 -4.82 -41.12
N CYS D 285 34.42 -3.95 -40.13
CA CYS D 285 35.12 -4.13 -38.86
C CYS D 285 34.18 -4.55 -37.73
N ALA D 286 32.97 -4.97 -38.05
CA ALA D 286 32.16 -5.68 -37.07
C ALA D 286 32.74 -7.08 -36.84
N HIS D 287 32.56 -7.60 -35.63
CA HIS D 287 33.22 -8.83 -35.19
C HIS D 287 32.88 -10.01 -36.12
N ARG D 288 33.90 -10.80 -36.49
CA ARG D 288 33.65 -12.09 -37.11
C ARG D 288 32.65 -12.88 -36.28
N GLY D 289 31.76 -13.61 -36.96
CA GLY D 289 30.87 -14.53 -36.29
C GLY D 289 29.53 -13.97 -35.79
N TRP D 290 29.55 -12.76 -35.20
CA TRP D 290 28.34 -12.22 -34.58
C TRP D 290 28.23 -10.70 -34.62
N GLY D 291 29.16 -9.98 -35.25
CA GLY D 291 29.13 -8.53 -35.19
C GLY D 291 27.92 -7.94 -35.90
N THR D 292 27.45 -6.80 -35.38
CA THR D 292 26.31 -6.09 -35.93
C THR D 292 26.76 -4.70 -36.35
N SER D 293 26.40 -4.28 -37.56
CA SER D 293 26.64 -2.89 -37.96
C SER D 293 25.29 -2.23 -38.25
N VAL D 294 25.09 -1.03 -37.70
CA VAL D 294 23.82 -0.29 -37.82
C VAL D 294 24.07 0.98 -38.58
N ILE D 295 23.38 1.13 -39.71
CA ILE D 295 23.39 2.38 -40.45
C ILE D 295 22.44 3.34 -39.77
N VAL D 296 22.97 4.48 -39.30
CA VAL D 296 22.17 5.53 -38.71
C VAL D 296 22.10 6.75 -39.62
N GLY D 297 23.20 7.09 -40.31
CA GLY D 297 23.19 8.22 -41.22
C GLY D 297 22.38 7.95 -42.46
N VAL D 298 21.93 9.03 -43.11
CA VAL D 298 21.05 8.95 -44.27
C VAL D 298 21.87 9.30 -45.51
N ALA D 299 21.98 8.35 -46.45
CA ALA D 299 22.80 8.55 -47.64
C ALA D 299 22.05 9.38 -48.67
N ALA D 300 22.82 10.08 -49.50
CA ALA D 300 22.22 10.85 -50.58
C ALA D 300 21.49 9.93 -51.57
N ALA D 301 20.57 10.53 -52.32
CA ALA D 301 19.85 9.80 -53.35
C ALA D 301 20.82 9.10 -54.30
N GLY D 302 20.45 7.89 -54.74
CA GLY D 302 21.19 7.19 -55.76
C GLY D 302 22.45 6.46 -55.31
N GLN D 303 22.92 6.69 -54.08
CA GLN D 303 24.13 6.04 -53.59
C GLN D 303 23.79 4.69 -52.94
N GLU D 304 24.70 3.74 -53.10
CA GLU D 304 24.46 2.38 -52.64
C GLU D 304 25.58 1.92 -51.74
N ILE D 305 25.26 0.95 -50.89
CA ILE D 305 26.26 0.27 -50.07
C ILE D 305 26.63 -1.04 -50.76
N SER D 306 27.88 -1.44 -50.59
CA SER D 306 28.41 -2.69 -51.14
C SER D 306 29.26 -3.41 -50.11
N THR D 307 29.34 -4.73 -50.20
CA THR D 307 30.38 -5.49 -49.52
C THR D 307 30.47 -6.84 -50.23
N ARG D 308 31.43 -7.68 -49.80
CA ARG D 308 31.37 -9.04 -50.34
C ARG D 308 30.54 -9.93 -49.43
N PRO D 309 29.69 -10.78 -50.01
CA PRO D 309 28.73 -11.55 -49.18
C PRO D 309 29.39 -12.47 -48.20
N PHE D 310 30.67 -12.80 -48.42
CA PHE D 310 31.47 -13.52 -47.43
C PHE D 310 31.38 -12.87 -46.04
N GLN D 311 31.32 -11.53 -46.00
CA GLN D 311 31.22 -10.81 -44.73
C GLN D 311 29.97 -11.20 -43.94
N LEU D 312 28.86 -11.48 -44.63
CA LEU D 312 27.63 -11.89 -43.96
C LEU D 312 27.61 -13.39 -43.69
N VAL D 313 28.09 -14.17 -44.68
CA VAL D 313 28.21 -15.61 -44.49
C VAL D 313 29.05 -15.93 -43.26
N THR D 314 30.11 -15.14 -43.00
CA THR D 314 30.91 -15.38 -41.80
C THR D 314 30.45 -14.57 -40.58
N GLY D 315 29.16 -14.20 -40.52
CA GLY D 315 28.49 -13.92 -39.26
C GLY D 315 28.18 -12.47 -38.93
N ARG D 316 28.51 -11.51 -39.82
CA ARG D 316 28.14 -10.13 -39.57
C ARG D 316 26.71 -9.87 -40.03
N ARG D 317 26.03 -8.97 -39.31
CA ARG D 317 24.64 -8.64 -39.60
C ARG D 317 24.59 -7.16 -39.92
N TRP D 318 23.95 -6.80 -41.05
CA TRP D 318 23.85 -5.41 -41.51
C TRP D 318 22.44 -4.92 -41.29
N MET D 319 22.28 -3.84 -40.53
CA MET D 319 20.94 -3.31 -40.30
C MET D 319 20.99 -1.78 -40.31
N GLY D 320 19.83 -1.18 -40.08
CA GLY D 320 19.72 0.28 -40.02
C GLY D 320 18.63 0.65 -39.05
N THR D 321 18.48 1.96 -38.82
CA THR D 321 17.52 2.44 -37.84
C THR D 321 16.87 3.72 -38.35
N ALA D 322 15.61 3.93 -37.97
CA ALA D 322 14.86 5.13 -38.34
C ALA D 322 14.28 5.72 -37.06
N PHE D 323 14.70 6.94 -36.72
CA PHE D 323 14.32 7.55 -35.44
C PHE D 323 14.64 6.60 -34.28
N GLY D 324 15.77 5.90 -34.38
CA GLY D 324 16.25 5.06 -33.29
C GLY D 324 15.35 3.89 -32.94
N GLY D 325 14.39 3.57 -33.81
CA GLY D 325 13.41 2.56 -33.46
C GLY D 325 12.38 2.97 -32.41
N TYR D 326 12.37 4.21 -31.96
CA TYR D 326 11.40 4.60 -30.93
C TYR D 326 10.00 4.68 -31.53
N LYS D 327 9.05 4.04 -30.85
CA LYS D 327 7.62 4.24 -31.13
C LYS D 327 7.20 5.58 -30.55
N SER D 328 7.02 6.57 -31.43
CA SER D 328 7.20 7.97 -31.02
C SER D 328 6.29 8.38 -29.86
N ARG D 329 4.96 8.28 -30.04
CA ARG D 329 4.06 8.85 -29.03
C ARG D 329 4.18 8.14 -27.69
N VAL D 330 4.52 6.87 -27.69
CA VAL D 330 4.56 6.17 -26.41
C VAL D 330 5.95 6.18 -25.77
N GLN D 331 7.01 6.43 -26.53
CA GLN D 331 8.35 6.39 -25.95
C GLN D 331 9.04 7.75 -25.83
N VAL D 332 8.68 8.74 -26.67
CA VAL D 332 9.24 10.08 -26.48
C VAL D 332 8.96 10.63 -25.10
N PRO D 333 7.78 10.44 -24.49
CA PRO D 333 7.58 10.93 -23.11
C PRO D 333 8.56 10.29 -22.11
N ASP D 334 8.93 9.02 -22.33
CA ASP D 334 9.93 8.36 -21.48
C ASP D 334 11.32 8.97 -21.66
N LEU D 335 11.66 9.38 -22.89
CA LEU D 335 12.93 10.07 -23.11
C LEU D 335 12.95 11.40 -22.38
N VAL D 336 11.82 12.10 -22.34
CA VAL D 336 11.75 13.34 -21.58
C VAL D 336 12.00 13.06 -20.11
N THR D 337 11.37 12.01 -19.58
CA THR D 337 11.55 11.69 -18.17
C THR D 337 13.02 11.30 -17.89
N ASP D 338 13.65 10.60 -18.84
CA ASP D 338 15.07 10.31 -18.70
C ASP D 338 15.90 11.59 -18.66
N TYR D 339 15.59 12.55 -19.53
CA TYR D 339 16.25 13.85 -19.45
C TYR D 339 16.03 14.50 -18.09
N MET D 340 14.79 14.48 -17.58
CA MET D 340 14.53 15.14 -16.32
C MET D 340 15.26 14.48 -15.14
N SER D 341 15.73 13.25 -15.30
CA SER D 341 16.48 12.60 -14.22
C SER D 341 17.91 13.10 -14.07
N GLY D 342 18.42 13.89 -15.02
CA GLY D 342 19.82 14.27 -14.99
C GLY D 342 20.78 13.22 -15.52
N ALA D 343 20.27 12.10 -16.02
CA ALA D 343 21.13 11.00 -16.47
C ALA D 343 21.70 11.18 -17.87
N THR D 344 21.24 12.18 -18.63
CA THR D 344 21.64 12.33 -20.01
C THR D 344 22.52 13.56 -20.18
N LEU D 345 23.17 13.61 -21.34
CA LEU D 345 23.96 14.77 -21.73
C LEU D 345 23.20 15.68 -22.70
N LEU D 346 21.85 15.63 -22.68
CA LEU D 346 21.09 16.38 -23.68
C LEU D 346 21.48 17.86 -23.74
N ASP D 347 21.71 18.50 -22.57
CA ASP D 347 22.08 19.92 -22.57
C ASP D 347 23.33 20.21 -23.38
N LYS D 348 24.27 19.27 -23.42
CA LYS D 348 25.53 19.52 -24.09
C LYS D 348 25.44 19.46 -25.61
N TYR D 349 24.34 18.98 -26.19
CA TYR D 349 24.20 19.05 -27.64
C TYR D 349 23.81 20.43 -28.13
N ILE D 350 23.36 21.32 -27.24
CA ILE D 350 22.88 22.62 -27.65
C ILE D 350 24.05 23.58 -27.55
N THR D 351 24.64 23.90 -28.70
CA THR D 351 25.81 24.75 -28.73
C THR D 351 25.48 26.22 -28.97
N HIS D 352 24.30 26.52 -29.51
CA HIS D 352 23.91 27.89 -29.81
C HIS D 352 22.43 28.07 -29.53
N ASN D 353 22.07 29.26 -29.06
CA ASN D 353 20.68 29.67 -28.92
C ASN D 353 20.50 31.00 -29.64
N MET D 354 19.48 31.08 -30.50
CA MET D 354 19.26 32.30 -31.28
C MET D 354 17.77 32.56 -31.38
N LYS D 355 17.42 33.77 -31.84
CA LYS D 355 16.01 34.09 -32.09
C LYS D 355 15.59 33.62 -33.48
N PHE D 356 14.27 33.37 -33.63
CA PHE D 356 13.74 32.86 -34.88
C PHE D 356 14.03 33.80 -36.05
N ASP D 357 14.06 35.12 -35.81
CA ASP D 357 14.37 36.05 -36.90
C ASP D 357 15.74 35.78 -37.54
N GLN D 358 16.66 35.16 -36.80
CA GLN D 358 17.99 34.85 -37.32
C GLN D 358 18.08 33.43 -37.88
N ILE D 359 16.97 32.86 -38.34
CA ILE D 359 16.98 31.46 -38.76
C ILE D 359 17.94 31.25 -39.93
N ASN D 360 18.06 32.23 -40.83
CA ASN D 360 18.97 32.05 -41.96
C ASN D 360 20.43 32.00 -41.49
N GLU D 361 20.78 32.77 -40.47
CA GLU D 361 22.13 32.69 -39.91
C GLU D 361 22.35 31.35 -39.23
N ALA D 362 21.32 30.84 -38.55
CA ALA D 362 21.39 29.50 -37.96
C ALA D 362 21.71 28.44 -39.02
N PHE D 363 21.12 28.56 -40.21
CA PHE D 363 21.44 27.62 -41.27
C PHE D 363 22.87 27.80 -41.76
N GLU D 364 23.35 29.05 -41.78
CA GLU D 364 24.72 29.28 -42.20
C GLU D 364 25.70 28.66 -41.22
N LEU D 365 25.37 28.68 -39.92
CA LEU D 365 26.25 28.08 -38.94
C LEU D 365 26.18 26.56 -38.99
N LEU D 366 25.03 26.01 -39.39
CA LEU D 366 24.95 24.58 -39.61
C LEU D 366 25.82 24.17 -40.79
N HIS D 367 25.75 24.92 -41.88
CA HIS D 367 26.59 24.63 -43.05
C HIS D 367 28.08 24.78 -42.72
N ALA D 368 28.42 25.67 -41.78
CA ALA D 368 29.81 25.87 -41.39
C ALA D 368 30.38 24.66 -40.65
N GLY D 369 29.59 24.07 -39.75
CA GLY D 369 29.86 22.72 -39.28
C GLY D 369 30.51 22.53 -37.92
N GLU D 370 30.63 23.57 -37.09
CA GLU D 370 31.07 23.36 -35.72
C GLU D 370 29.92 23.44 -34.72
N CYS D 371 28.73 23.83 -35.18
CA CYS D 371 27.51 23.74 -34.41
C CYS D 371 27.09 22.27 -34.22
N LEU D 372 26.61 21.92 -33.02
CA LEU D 372 25.97 20.62 -32.85
C LEU D 372 24.47 20.71 -33.05
N ARG D 373 23.79 21.50 -32.20
CA ARG D 373 22.40 21.92 -32.40
C ARG D 373 22.26 23.39 -32.07
N CYS D 374 21.51 24.12 -32.89
CA CYS D 374 21.14 25.49 -32.59
C CYS D 374 19.62 25.53 -32.35
N VAL D 375 19.22 26.11 -31.22
CA VAL D 375 17.80 26.16 -30.82
C VAL D 375 17.28 27.58 -31.01
N LEU D 376 16.17 27.71 -31.73
CA LEU D 376 15.51 28.99 -31.97
C LEU D 376 14.30 29.19 -31.05
N THR D 377 14.11 30.42 -30.56
CA THR D 377 12.89 30.80 -29.87
C THR D 377 12.33 32.05 -30.53
N PHE D 378 11.02 32.24 -30.39
CA PHE D 378 10.36 33.36 -31.05
C PHE D 378 10.53 34.66 -30.24
N GLU E 3 42.91 -53.38 -35.13
CA GLU E 3 43.94 -53.79 -36.07
C GLU E 3 43.83 -52.95 -37.35
N THR E 4 44.88 -53.02 -38.19
CA THR E 4 45.35 -52.00 -39.14
C THR E 4 45.88 -50.82 -38.32
N ALA E 5 45.60 -50.84 -37.02
CA ALA E 5 45.98 -49.75 -36.13
C ALA E 5 47.50 -49.63 -36.05
N GLY E 6 47.98 -48.39 -36.04
CA GLY E 6 49.40 -48.13 -36.02
C GLY E 6 50.14 -48.38 -37.32
N LYS E 7 49.45 -48.86 -38.37
CA LYS E 7 50.06 -49.22 -39.64
C LYS E 7 49.40 -48.47 -40.78
N PRO E 8 50.16 -48.13 -41.82
CA PRO E 8 49.54 -47.55 -43.02
C PRO E 8 48.54 -48.51 -43.62
N ILE E 9 47.51 -47.94 -44.25
CA ILE E 9 46.47 -48.70 -44.93
C ILE E 9 46.52 -48.35 -46.40
N GLU E 10 46.58 -49.38 -47.25
CA GLU E 10 46.41 -49.19 -48.69
C GLU E 10 44.94 -49.37 -49.02
N CYS E 11 44.34 -48.39 -49.69
CA CYS E 11 42.91 -48.44 -49.98
C CYS E 11 42.64 -47.68 -51.27
N LYS E 12 41.40 -47.81 -51.75
CA LYS E 12 40.97 -47.14 -52.97
C LYS E 12 40.57 -45.70 -52.66
N ALA E 13 40.91 -44.80 -53.58
CA ALA E 13 40.54 -43.39 -53.46
C ALA E 13 40.37 -42.81 -54.85
N ALA E 14 39.86 -41.58 -54.90
CA ALA E 14 39.73 -40.83 -56.14
C ALA E 14 40.60 -39.59 -56.02
N ILE E 15 41.64 -39.50 -56.85
CA ILE E 15 42.68 -38.51 -56.71
C ILE E 15 42.50 -37.43 -57.77
N ALA E 16 42.49 -36.17 -57.33
CA ALA E 16 42.54 -35.03 -58.22
C ALA E 16 44.01 -34.65 -58.37
N TRP E 17 44.65 -35.16 -59.44
CA TRP E 17 46.05 -34.84 -59.68
C TRP E 17 46.23 -33.38 -60.03
N GLU E 18 45.28 -32.81 -60.77
CA GLU E 18 45.37 -31.42 -61.18
C GLU E 18 43.96 -30.93 -61.44
N ALA E 19 43.83 -29.61 -61.53
CA ALA E 19 42.53 -29.03 -61.82
C ALA E 19 42.06 -29.44 -63.20
N LYS E 20 40.73 -29.49 -63.36
CA LYS E 20 40.04 -29.60 -64.64
C LYS E 20 40.31 -30.92 -65.36
N LYS E 21 40.86 -31.91 -64.67
CA LYS E 21 41.07 -33.23 -65.24
C LYS E 21 40.30 -34.28 -64.44
N PRO E 22 39.88 -35.39 -65.08
CA PRO E 22 39.08 -36.38 -64.35
C PRO E 22 39.85 -36.95 -63.17
N LEU E 23 39.09 -37.43 -62.17
CA LEU E 23 39.72 -38.05 -61.02
C LEU E 23 40.22 -39.44 -61.39
N GLU E 24 41.32 -39.85 -60.78
CA GLU E 24 41.84 -41.18 -60.97
C GLU E 24 41.47 -42.05 -59.76
N VAL E 25 40.68 -43.09 -60.01
CA VAL E 25 40.39 -44.08 -58.97
C VAL E 25 41.55 -45.05 -58.93
N ARG E 26 42.32 -45.03 -57.84
CA ARG E 26 43.48 -45.90 -57.68
C ARG E 26 43.74 -46.09 -56.20
N THR E 27 44.80 -46.84 -55.89
CA THR E 27 45.14 -47.06 -54.50
C THR E 27 45.97 -45.91 -53.97
N VAL E 28 45.82 -45.65 -52.67
CA VAL E 28 46.59 -44.65 -51.95
C VAL E 28 47.02 -45.28 -50.62
N THR E 29 48.08 -44.71 -50.04
CA THR E 29 48.57 -45.11 -48.72
C THR E 29 48.11 -44.06 -47.71
N VAL E 30 47.42 -44.52 -46.67
CA VAL E 30 46.89 -43.64 -45.61
C VAL E 30 47.69 -43.92 -44.35
N ALA E 31 48.41 -42.90 -43.86
CA ALA E 31 49.19 -43.04 -42.65
C ALA E 31 48.26 -43.25 -41.45
N PRO E 32 48.79 -43.79 -40.35
CA PRO E 32 47.99 -43.93 -39.13
C PRO E 32 47.78 -42.58 -38.46
N PRO E 33 46.76 -42.47 -37.61
CA PRO E 33 46.44 -41.16 -37.03
C PRO E 33 47.52 -40.70 -36.05
N GLY E 34 47.98 -39.46 -36.24
CA GLY E 34 48.84 -38.83 -35.26
C GLY E 34 48.04 -38.33 -34.07
N PRO E 35 48.71 -37.62 -33.16
CA PRO E 35 48.02 -37.15 -31.94
C PRO E 35 46.82 -36.28 -32.28
N GLY E 36 45.72 -36.47 -31.52
CA GLY E 36 44.51 -35.70 -31.76
C GLY E 36 43.80 -36.00 -33.08
N GLU E 37 44.13 -37.11 -33.75
CA GLU E 37 43.57 -37.44 -35.06
C GLU E 37 42.79 -38.75 -35.01
N VAL E 38 41.93 -38.94 -36.00
CA VAL E 38 40.99 -40.07 -36.08
C VAL E 38 41.05 -40.60 -37.51
N ARG E 39 41.26 -41.92 -37.66
CA ARG E 39 41.23 -42.51 -38.99
C ARG E 39 39.88 -43.19 -39.17
N VAL E 40 39.18 -42.85 -40.25
CA VAL E 40 37.78 -43.19 -40.46
C VAL E 40 37.63 -44.05 -41.70
N GLN E 41 36.93 -45.17 -41.57
CA GLN E 41 36.54 -45.96 -42.73
C GLN E 41 35.25 -45.36 -43.28
N ILE E 42 35.31 -44.80 -44.48
CA ILE E 42 34.15 -44.17 -45.11
C ILE E 42 33.24 -45.25 -45.68
N LYS E 43 31.97 -45.22 -45.28
CA LYS E 43 31.00 -46.20 -45.75
C LYS E 43 30.09 -45.64 -46.84
N ALA E 44 29.95 -44.31 -46.90
CA ALA E 44 29.17 -43.68 -47.95
C ALA E 44 29.62 -42.23 -48.04
N THR E 45 29.74 -41.72 -49.26
CA THR E 45 30.08 -40.32 -49.45
C THR E 45 29.30 -39.75 -50.63
N ALA E 46 28.81 -38.52 -50.46
CA ALA E 46 28.08 -37.84 -51.52
C ALA E 46 28.96 -36.77 -52.16
N LEU E 47 28.44 -36.18 -53.23
CA LEU E 47 29.09 -35.11 -53.97
C LEU E 47 28.25 -33.85 -53.88
N CYS E 48 28.91 -32.69 -53.87
CA CYS E 48 28.17 -31.45 -54.04
C CYS E 48 29.03 -30.45 -54.83
N GLN E 49 28.42 -29.33 -55.20
CA GLN E 49 29.09 -28.38 -56.08
C GLN E 49 30.37 -27.82 -55.47
N THR E 50 30.51 -27.84 -54.14
CA THR E 50 31.75 -27.39 -53.52
C THR E 50 32.95 -28.26 -53.96
N ASP E 51 32.73 -29.57 -54.09
CA ASP E 51 33.80 -30.43 -54.61
C ASP E 51 34.12 -30.06 -56.06
N ALA E 52 33.09 -29.87 -56.88
CA ALA E 52 33.32 -29.54 -58.30
C ALA E 52 34.06 -28.22 -58.44
N TYR E 53 33.65 -27.21 -57.68
CA TYR E 53 34.26 -25.89 -57.75
C TYR E 53 35.77 -25.95 -57.59
N THR E 54 36.24 -26.73 -56.61
CA THR E 54 37.68 -26.88 -56.44
C THR E 54 38.28 -27.73 -57.54
N LEU E 55 37.58 -28.78 -57.98
CA LEU E 55 38.07 -29.60 -59.08
C LEU E 55 38.25 -28.77 -60.34
N GLY E 56 37.33 -27.83 -60.58
CA GLY E 56 37.39 -26.93 -61.71
C GLY E 56 38.45 -25.84 -61.65
N GLY E 57 39.29 -25.85 -60.62
CA GLY E 57 40.43 -24.96 -60.52
C GLY E 57 40.12 -23.54 -60.11
N LEU E 58 38.85 -23.20 -59.86
CA LEU E 58 38.45 -21.84 -59.52
C LEU E 58 38.64 -21.50 -58.04
N ASP E 59 39.01 -22.47 -57.22
CA ASP E 59 39.16 -22.24 -55.78
C ASP E 59 40.51 -21.59 -55.48
N PRO E 60 40.54 -20.39 -54.88
CA PRO E 60 41.82 -19.70 -54.66
C PRO E 60 42.79 -20.41 -53.73
N GLU E 61 42.31 -21.27 -52.82
CA GLU E 61 43.23 -22.02 -51.97
C GLU E 61 43.31 -23.50 -52.36
N GLY E 62 42.68 -23.87 -53.49
CA GLY E 62 42.81 -25.21 -54.03
C GLY E 62 44.26 -25.65 -54.12
N ARG E 63 44.53 -26.91 -53.77
CA ARG E 63 45.90 -27.40 -53.66
C ARG E 63 45.98 -28.81 -54.22
N PHE E 64 46.69 -28.98 -55.34
CA PHE E 64 46.78 -30.28 -56.01
C PHE E 64 48.19 -30.86 -55.89
N PRO E 65 48.33 -32.19 -55.83
CA PRO E 65 47.24 -33.17 -55.90
C PRO E 65 46.49 -33.29 -54.58
N CYS E 66 45.18 -33.56 -54.63
CA CYS E 66 44.41 -33.69 -53.40
C CYS E 66 43.33 -34.76 -53.56
N ILE E 67 42.75 -35.14 -52.43
CA ILE E 67 41.58 -35.99 -52.37
C ILE E 67 40.42 -35.12 -51.90
N LEU E 68 39.43 -34.94 -52.77
CA LEU E 68 38.24 -34.14 -52.49
C LEU E 68 37.26 -34.93 -51.61
N GLY E 69 36.04 -34.41 -51.45
CA GLY E 69 34.99 -35.08 -50.70
C GLY E 69 34.81 -34.53 -49.29
N HIS E 70 33.60 -34.11 -48.94
CA HIS E 70 33.35 -33.56 -47.61
C HIS E 70 32.04 -34.00 -47.00
N GLU E 71 31.21 -34.75 -47.71
CA GLU E 71 29.92 -35.23 -47.24
C GLU E 71 30.00 -36.75 -47.13
N ALA E 72 30.10 -37.27 -45.91
CA ALA E 72 30.28 -38.70 -45.76
C ALA E 72 29.90 -39.15 -44.35
N ALA E 73 29.84 -40.46 -44.18
CA ALA E 73 29.67 -41.05 -42.86
C ALA E 73 30.42 -42.37 -42.87
N GLY E 74 30.87 -42.79 -41.70
CA GLY E 74 31.61 -44.02 -41.60
C GLY E 74 31.81 -44.48 -40.17
N VAL E 75 32.87 -45.26 -39.99
CA VAL E 75 33.15 -45.93 -38.74
C VAL E 75 34.61 -45.65 -38.39
N VAL E 76 34.87 -45.36 -37.12
CA VAL E 76 36.22 -45.11 -36.64
C VAL E 76 37.02 -46.41 -36.71
N GLU E 77 38.14 -46.38 -37.42
CA GLU E 77 39.01 -47.55 -37.44
C GLU E 77 40.04 -47.48 -36.32
N SER E 78 40.62 -46.31 -36.10
CA SER E 78 41.59 -46.15 -35.01
C SER E 78 41.68 -44.67 -34.67
N VAL E 79 42.23 -44.39 -33.49
CA VAL E 79 42.44 -43.02 -33.02
C VAL E 79 43.89 -42.84 -32.61
N GLY E 80 44.37 -41.60 -32.76
CA GLY E 80 45.72 -41.26 -32.35
C GLY E 80 45.82 -40.95 -30.87
N GLU E 81 47.03 -40.57 -30.47
CA GLU E 81 47.32 -40.39 -29.05
C GLU E 81 46.44 -39.29 -28.46
N GLY E 82 45.92 -39.55 -27.26
CA GLY E 82 45.15 -38.57 -26.54
C GLY E 82 43.67 -38.49 -26.90
N VAL E 83 43.23 -39.21 -27.93
CA VAL E 83 41.83 -39.09 -28.36
C VAL E 83 40.94 -39.95 -27.46
N THR E 84 39.99 -39.29 -26.77
CA THR E 84 38.98 -39.99 -25.99
C THR E 84 37.54 -39.68 -26.39
N SER E 85 37.32 -38.73 -27.30
CA SER E 85 35.95 -38.37 -27.69
C SER E 85 35.29 -39.46 -28.51
N VAL E 86 36.08 -40.20 -29.30
CA VAL E 86 35.58 -41.35 -30.05
C VAL E 86 36.57 -42.50 -29.89
N LYS E 87 36.14 -43.68 -30.32
CA LYS E 87 36.89 -44.91 -30.15
C LYS E 87 36.63 -45.80 -31.34
N PRO E 88 37.48 -46.80 -31.58
CA PRO E 88 37.25 -47.69 -32.72
C PRO E 88 35.85 -48.30 -32.69
N GLY E 89 35.20 -48.34 -33.86
CA GLY E 89 33.85 -48.86 -34.00
C GLY E 89 32.74 -47.83 -33.90
N ASP E 90 33.02 -46.63 -33.37
CA ASP E 90 32.00 -45.59 -33.31
C ASP E 90 31.60 -45.16 -34.72
N HIS E 91 30.33 -44.82 -34.90
CA HIS E 91 29.87 -44.32 -36.18
C HIS E 91 29.92 -42.79 -36.14
N VAL E 92 30.40 -42.19 -37.22
CA VAL E 92 30.74 -40.78 -37.21
C VAL E 92 30.40 -40.10 -38.53
N ILE E 93 30.24 -38.79 -38.46
CA ILE E 93 30.16 -37.92 -39.62
C ILE E 93 31.29 -36.91 -39.52
N PRO E 94 32.27 -36.95 -40.43
CA PRO E 94 33.31 -35.91 -40.45
C PRO E 94 32.75 -34.61 -41.02
N CYS E 95 33.09 -33.49 -40.38
CA CYS E 95 32.49 -32.21 -40.71
C CYS E 95 33.57 -31.21 -41.10
N TYR E 96 33.34 -30.46 -42.19
CA TYR E 96 34.30 -29.44 -42.59
C TYR E 96 34.34 -28.26 -41.61
N GLN E 97 33.27 -28.06 -40.85
CA GLN E 97 33.27 -27.04 -39.81
C GLN E 97 33.54 -27.76 -38.49
N ALA E 98 34.70 -27.49 -37.88
CA ALA E 98 35.11 -28.15 -36.66
C ALA E 98 34.38 -27.56 -35.46
N TYR E 99 34.53 -28.23 -34.32
CA TYR E 99 34.02 -27.77 -33.04
C TYR E 99 35.01 -28.16 -31.97
N CYS E 100 35.37 -27.20 -31.10
CA CYS E 100 36.27 -27.47 -29.97
C CYS E 100 35.68 -27.09 -28.61
N GLY E 101 34.56 -26.35 -28.58
CA GLY E 101 33.89 -26.01 -27.35
C GLY E 101 34.47 -24.85 -26.56
N GLU E 102 35.70 -24.43 -26.85
CA GLU E 102 36.35 -23.45 -25.98
C GLU E 102 36.95 -22.23 -26.67
N CYS E 103 37.02 -22.17 -28.00
CA CYS E 103 37.42 -20.89 -28.60
C CYS E 103 36.27 -19.88 -28.55
N LYS E 104 36.57 -18.63 -28.94
CA LYS E 104 35.56 -17.58 -28.81
C LYS E 104 34.31 -17.89 -29.62
N PHE E 105 34.49 -18.52 -30.77
CA PHE E 105 33.36 -18.79 -31.66
C PHE E 105 32.54 -19.98 -31.19
N CYS E 106 33.18 -21.04 -30.67
CA CYS E 106 32.40 -22.13 -30.09
C CYS E 106 31.64 -21.71 -28.84
N LYS E 107 32.19 -20.74 -28.09
CA LYS E 107 31.51 -20.33 -26.87
C LYS E 107 30.29 -19.45 -27.15
N HIS E 108 30.32 -18.67 -28.24
CA HIS E 108 29.26 -17.70 -28.53
C HIS E 108 28.04 -18.40 -29.11
N PRO E 109 26.83 -18.12 -28.60
CA PRO E 109 25.66 -18.86 -29.09
C PRO E 109 25.30 -18.53 -30.53
N GLU E 110 25.81 -17.43 -31.11
CA GLU E 110 25.39 -17.06 -32.45
C GLU E 110 26.44 -17.35 -33.52
N SER E 111 27.47 -18.13 -33.21
CA SER E 111 28.47 -18.48 -34.21
C SER E 111 28.77 -19.97 -34.14
N ASN E 112 29.25 -20.53 -35.25
CA ASN E 112 29.77 -21.88 -35.26
C ASN E 112 31.15 -21.94 -35.90
N LEU E 113 31.82 -20.79 -36.02
CA LEU E 113 33.04 -20.66 -36.82
C LEU E 113 34.31 -20.94 -35.99
N CYS E 114 34.36 -22.17 -35.47
CA CYS E 114 35.51 -22.64 -34.71
C CYS E 114 36.82 -22.38 -35.44
N VAL E 115 37.84 -21.92 -34.70
CA VAL E 115 39.13 -21.65 -35.28
C VAL E 115 40.17 -22.69 -34.88
N SER E 116 39.74 -23.83 -34.33
CA SER E 116 40.70 -24.79 -33.76
C SER E 116 41.66 -25.34 -34.82
N VAL E 117 41.18 -25.62 -36.04
CA VAL E 117 42.02 -26.35 -37.00
C VAL E 117 42.04 -25.74 -38.40
N ARG E 118 41.23 -24.70 -38.63
CA ARG E 118 41.01 -24.23 -40.00
C ARG E 118 42.29 -23.74 -40.67
N ALA E 119 43.26 -23.24 -39.89
CA ALA E 119 44.52 -22.78 -40.48
C ALA E 119 45.25 -23.92 -41.17
N PHE E 120 45.02 -25.14 -40.72
CA PHE E 120 45.65 -26.31 -41.29
C PHE E 120 44.78 -26.99 -42.33
N THR E 121 43.49 -27.22 -42.02
CA THR E 121 42.60 -27.83 -43.00
C THR E 121 42.48 -26.96 -44.24
N GLY E 122 42.59 -25.64 -44.09
CA GLY E 122 42.58 -24.76 -45.22
C GLY E 122 43.78 -24.92 -46.13
N LYS E 123 44.86 -25.49 -45.63
CA LYS E 123 46.04 -25.78 -46.44
C LYS E 123 46.16 -27.25 -46.81
N GLY E 124 45.15 -28.05 -46.49
CA GLY E 124 45.17 -29.47 -46.79
C GLY E 124 46.16 -30.31 -46.01
N VAL E 125 46.51 -29.90 -44.78
CA VAL E 125 47.44 -30.65 -43.93
C VAL E 125 46.84 -30.80 -42.54
N MET E 126 47.55 -31.56 -41.70
CA MET E 126 47.16 -31.81 -40.32
C MET E 126 47.90 -30.87 -39.39
N LYS E 127 47.24 -30.53 -38.28
CA LYS E 127 47.80 -29.57 -37.32
C LYS E 127 49.02 -30.14 -36.60
N SER E 128 49.03 -31.45 -36.33
CA SER E 128 50.05 -32.00 -35.44
C SER E 128 51.45 -31.88 -36.04
N ASP E 129 51.58 -32.02 -37.36
CA ASP E 129 52.90 -31.95 -37.99
C ASP E 129 52.92 -31.14 -39.28
N GLY E 130 51.82 -30.48 -39.64
CA GLY E 130 51.80 -29.68 -40.86
C GLY E 130 51.88 -30.46 -42.15
N LYS E 131 51.71 -31.78 -42.10
CA LYS E 131 51.83 -32.66 -43.24
C LYS E 131 50.50 -33.38 -43.50
N PRO E 132 50.26 -33.80 -44.73
CA PRO E 132 49.08 -34.61 -45.01
C PRO E 132 49.36 -36.07 -44.67
N ARG E 133 48.31 -36.88 -44.73
CA ARG E 133 48.38 -38.29 -44.37
C ARG E 133 48.30 -39.23 -45.57
N PHE E 134 48.08 -38.70 -46.77
CA PHE E 134 48.00 -39.48 -47.98
C PHE E 134 49.32 -39.44 -48.73
N THR E 135 49.74 -40.58 -49.29
CA THR E 135 50.86 -40.62 -50.21
C THR E 135 50.56 -41.59 -51.35
N VAL E 136 51.07 -41.25 -52.53
CA VAL E 136 51.15 -42.16 -53.67
C VAL E 136 52.62 -42.25 -54.06
N ASP E 137 53.19 -43.46 -53.97
CA ASP E 137 54.60 -43.71 -54.29
C ASP E 137 55.52 -42.82 -53.46
N GLY E 138 55.13 -42.57 -52.21
CA GLY E 138 55.89 -41.73 -51.32
C GLY E 138 55.71 -40.23 -51.50
N LYS E 139 55.00 -39.79 -52.53
CA LYS E 139 54.78 -38.35 -52.73
C LYS E 139 53.48 -37.94 -52.03
N PRO E 140 53.47 -36.77 -51.38
CA PRO E 140 52.29 -36.39 -50.59
C PRO E 140 51.09 -36.07 -51.44
N ILE E 141 49.90 -36.42 -50.94
CA ILE E 141 48.63 -36.02 -51.52
C ILE E 141 47.88 -35.23 -50.45
N TYR E 142 47.31 -34.11 -50.84
CA TYR E 142 46.81 -33.17 -49.85
C TYR E 142 45.34 -33.41 -49.52
N HIS E 143 44.95 -32.96 -48.32
CA HIS E 143 43.59 -33.05 -47.83
C HIS E 143 42.72 -31.92 -48.38
N PHE E 144 41.41 -32.07 -48.20
CA PHE E 144 40.43 -31.11 -48.68
C PHE E 144 39.38 -30.90 -47.60
N MET E 145 39.19 -29.63 -47.18
CA MET E 145 38.17 -29.21 -46.23
C MET E 145 38.28 -29.92 -44.87
N GLY E 146 39.45 -30.46 -44.58
CA GLY E 146 39.65 -31.24 -43.38
C GLY E 146 39.04 -32.62 -43.39
N THR E 147 38.44 -33.04 -44.50
CA THR E 147 37.61 -34.24 -44.55
C THR E 147 38.15 -35.27 -45.53
N SER E 148 38.42 -34.90 -46.78
CA SER E 148 38.95 -35.82 -47.79
C SER E 148 38.21 -37.15 -47.79
N THR E 149 36.92 -37.12 -48.14
CA THR E 149 36.10 -38.33 -47.95
C THR E 149 36.06 -39.24 -49.19
N PHE E 150 36.66 -38.84 -50.31
CA PHE E 150 36.68 -39.67 -51.51
C PHE E 150 37.80 -40.72 -51.43
N SER E 151 37.82 -41.45 -50.31
CA SER E 151 38.80 -42.50 -50.07
C SER E 151 38.19 -43.44 -49.03
N GLU E 152 38.48 -44.73 -49.16
CA GLU E 152 37.95 -45.73 -48.25
C GLU E 152 38.34 -45.41 -46.81
N TYR E 153 39.55 -44.87 -46.61
CA TYR E 153 40.03 -44.47 -45.30
C TYR E 153 40.56 -43.04 -45.37
N THR E 154 40.21 -42.23 -44.37
CA THR E 154 40.74 -40.87 -44.28
C THR E 154 41.14 -40.59 -42.85
N VAL E 155 41.96 -39.56 -42.68
CA VAL E 155 42.41 -39.14 -41.36
C VAL E 155 42.00 -37.70 -41.16
N VAL E 156 41.34 -37.41 -40.03
CA VAL E 156 40.77 -36.10 -39.76
C VAL E 156 41.10 -35.70 -38.34
N HIS E 157 41.00 -34.38 -38.08
CA HIS E 157 41.16 -33.89 -36.72
C HIS E 157 39.99 -34.31 -35.83
N GLU E 158 40.31 -34.62 -34.57
CA GLU E 158 39.28 -34.96 -33.61
C GLU E 158 38.19 -33.91 -33.54
N GLN E 159 38.54 -32.63 -33.74
CA GLN E 159 37.58 -31.52 -33.74
C GLN E 159 36.58 -31.61 -34.88
N SER E 160 36.81 -32.45 -35.89
CA SER E 160 35.95 -32.56 -37.06
C SER E 160 34.99 -33.75 -37.01
N VAL E 161 35.02 -34.56 -35.95
CA VAL E 161 34.32 -35.84 -35.88
C VAL E 161 33.05 -35.72 -35.05
N ALA E 162 31.88 -35.83 -35.67
CA ALA E 162 30.64 -35.95 -34.93
C ALA E 162 30.31 -37.43 -34.71
N LYS E 163 30.08 -37.81 -33.44
CA LYS E 163 29.73 -39.18 -33.08
C LYS E 163 28.21 -39.36 -33.05
N ILE E 164 27.71 -40.36 -33.78
CA ILE E 164 26.28 -40.45 -34.06
C ILE E 164 25.73 -41.82 -33.65
N ASP E 165 24.41 -41.89 -33.65
CA ASP E 165 23.64 -43.10 -33.39
C ASP E 165 24.12 -44.23 -34.30
N VAL E 166 24.60 -45.33 -33.70
CA VAL E 166 25.11 -46.45 -34.50
C VAL E 166 24.04 -47.13 -35.34
N ASN E 167 22.76 -46.88 -35.06
CA ASN E 167 21.66 -47.44 -35.83
C ASN E 167 21.30 -46.64 -37.08
N ALA E 168 21.79 -45.42 -37.22
CA ALA E 168 21.42 -44.61 -38.36
C ALA E 168 22.04 -45.15 -39.64
N PRO E 169 21.32 -45.12 -40.76
CA PRO E 169 21.87 -45.60 -42.03
C PRO E 169 22.90 -44.61 -42.58
N LEU E 170 24.12 -45.11 -42.75
CA LEU E 170 25.23 -44.24 -43.10
C LEU E 170 25.11 -43.68 -44.51
N ASP E 171 24.38 -44.37 -45.38
CA ASP E 171 24.20 -43.87 -46.75
C ASP E 171 23.10 -42.83 -46.85
N LYS E 172 22.54 -42.40 -45.74
CA LYS E 172 21.61 -41.29 -45.70
C LYS E 172 22.15 -40.12 -44.88
N VAL E 173 22.64 -40.40 -43.67
CA VAL E 173 23.09 -39.30 -42.82
C VAL E 173 24.38 -38.68 -43.31
N CYS E 174 25.03 -39.27 -44.33
CA CYS E 174 26.21 -38.64 -44.92
C CYS E 174 25.91 -37.27 -45.51
N LEU E 175 24.64 -36.91 -45.69
CA LEU E 175 24.30 -35.57 -46.19
C LEU E 175 24.34 -34.49 -45.10
N LEU E 176 24.32 -34.89 -43.82
CA LEU E 176 24.12 -33.96 -42.72
C LEU E 176 25.38 -33.16 -42.38
N GLY E 177 26.49 -33.41 -43.08
CA GLY E 177 27.70 -32.63 -42.91
C GLY E 177 27.83 -31.46 -43.86
N CYS E 178 26.79 -31.22 -44.68
CA CYS E 178 26.80 -30.08 -45.62
C CYS E 178 25.40 -29.56 -45.94
N GLY E 179 24.97 -29.66 -47.21
CA GLY E 179 23.94 -28.78 -47.73
C GLY E 179 22.60 -28.87 -47.02
N VAL E 180 22.13 -30.09 -46.75
CA VAL E 180 20.83 -30.26 -46.11
C VAL E 180 20.82 -29.57 -44.75
N SER E 181 21.87 -29.80 -43.95
CA SER E 181 21.96 -29.13 -42.66
C SER E 181 22.09 -27.62 -42.83
N THR E 182 22.80 -27.19 -43.88
CA THR E 182 22.97 -25.75 -44.08
C THR E 182 21.61 -25.07 -44.29
N GLY E 183 20.75 -25.65 -45.13
CA GLY E 183 19.42 -25.09 -45.33
C GLY E 183 18.57 -25.15 -44.08
N TRP E 184 18.57 -26.28 -43.38
CA TRP E 184 17.79 -26.37 -42.14
C TRP E 184 18.23 -25.30 -41.15
N GLY E 185 19.55 -25.16 -40.95
CA GLY E 185 20.06 -24.22 -39.96
C GLY E 185 19.84 -22.77 -40.35
N ALA E 186 19.89 -22.47 -41.66
CA ALA E 186 19.53 -21.13 -42.09
C ALA E 186 18.20 -20.69 -41.49
N VAL E 187 17.24 -21.62 -41.46
CA VAL E 187 15.91 -21.37 -40.91
C VAL E 187 15.92 -21.41 -39.39
N PHE E 188 16.43 -22.51 -38.81
CA PHE E 188 16.25 -22.73 -37.37
C PHE E 188 17.23 -21.93 -36.53
N ASN E 189 18.45 -21.69 -37.02
CA ASN E 189 19.49 -21.02 -36.24
C ASN E 189 19.71 -19.56 -36.62
N THR E 190 19.84 -19.28 -37.91
CA THR E 190 20.22 -17.93 -38.33
C THR E 190 19.00 -17.01 -38.37
N ALA E 191 17.98 -17.37 -39.16
CA ALA E 191 16.75 -16.58 -39.25
C ALA E 191 15.87 -16.75 -38.03
N LYS E 192 15.82 -17.95 -37.45
CA LYS E 192 14.91 -18.28 -36.36
C LYS E 192 13.45 -18.02 -36.76
N VAL E 193 13.05 -18.63 -37.87
CA VAL E 193 11.73 -18.37 -38.45
C VAL E 193 10.62 -18.67 -37.45
N THR E 194 9.65 -17.77 -37.33
CA THR E 194 8.57 -17.91 -36.35
C THR E 194 7.31 -18.48 -36.99
N ALA E 195 6.49 -19.14 -36.17
CA ALA E 195 5.24 -19.72 -36.66
C ALA E 195 4.34 -18.61 -37.24
N GLY E 196 3.71 -18.91 -38.38
CA GLY E 196 2.81 -17.99 -39.04
C GLY E 196 3.46 -16.99 -39.97
N SER E 197 4.79 -16.98 -40.08
CA SER E 197 5.48 -16.00 -40.89
C SER E 197 5.44 -16.39 -42.37
N THR E 198 5.81 -15.44 -43.23
CA THR E 198 5.92 -15.68 -44.65
C THR E 198 7.40 -15.76 -45.04
N VAL E 199 7.70 -16.62 -46.01
CA VAL E 199 9.07 -16.97 -46.38
C VAL E 199 9.18 -17.01 -47.90
N ALA E 200 10.26 -16.45 -48.45
CA ALA E 200 10.56 -16.63 -49.86
C ALA E 200 11.94 -17.28 -50.00
N VAL E 201 12.06 -18.27 -50.90
CA VAL E 201 13.28 -19.05 -51.08
C VAL E 201 13.72 -18.93 -52.53
N PHE E 202 14.96 -18.48 -52.76
CA PHE E 202 15.49 -18.25 -54.12
C PHE E 202 16.50 -19.36 -54.42
N GLY E 203 16.16 -20.22 -55.36
CA GLY E 203 17.05 -21.33 -55.70
C GLY E 203 16.53 -22.62 -55.10
N LEU E 204 16.31 -23.63 -55.94
CA LEU E 204 15.58 -24.83 -55.55
C LEU E 204 16.41 -26.09 -55.75
N GLY E 205 17.72 -25.99 -55.52
CA GLY E 205 18.55 -27.15 -55.33
C GLY E 205 18.36 -27.74 -53.93
N ALA E 206 19.29 -28.62 -53.56
CA ALA E 206 19.17 -29.28 -52.26
C ALA E 206 19.11 -28.26 -51.12
N VAL E 207 19.93 -27.21 -51.17
CA VAL E 207 19.95 -26.24 -50.07
C VAL E 207 18.61 -25.50 -49.97
N GLY E 208 18.11 -24.99 -51.11
CA GLY E 208 16.82 -24.30 -51.09
C GLY E 208 15.66 -25.20 -50.67
N LEU E 209 15.70 -26.46 -51.10
CA LEU E 209 14.66 -27.40 -50.68
C LEU E 209 14.72 -27.65 -49.17
N ALA E 210 15.92 -27.68 -48.59
CA ALA E 210 16.03 -27.82 -47.13
C ALA E 210 15.50 -26.57 -46.41
N VAL E 211 15.75 -25.38 -46.98
CA VAL E 211 15.13 -24.16 -46.42
C VAL E 211 13.62 -24.28 -46.45
N ILE E 212 13.05 -24.71 -47.58
CA ILE E 212 11.60 -24.88 -47.67
C ILE E 212 11.12 -25.87 -46.62
N GLU E 213 11.80 -27.02 -46.50
CA GLU E 213 11.37 -28.04 -45.55
C GLU E 213 11.36 -27.48 -44.12
N ALA E 214 12.44 -26.79 -43.74
CA ALA E 214 12.54 -26.28 -42.38
C ALA E 214 11.53 -25.16 -42.14
N ALA E 215 11.33 -24.28 -43.12
CA ALA E 215 10.34 -23.21 -42.95
C ALA E 215 8.95 -23.79 -42.70
N LYS E 216 8.62 -24.91 -43.38
CA LYS E 216 7.33 -25.53 -43.16
C LYS E 216 7.23 -26.10 -41.74
N ARG E 217 8.28 -26.78 -41.30
CA ARG E 217 8.33 -27.31 -39.95
C ARG E 217 8.26 -26.21 -38.89
N ALA E 218 8.80 -25.02 -39.19
CA ALA E 218 8.78 -23.92 -38.23
C ALA E 218 7.43 -23.23 -38.18
N GLY E 219 6.50 -23.60 -39.06
CA GLY E 219 5.17 -23.05 -39.04
C GLY E 219 4.92 -21.90 -39.98
N ALA E 220 5.79 -21.69 -40.97
CA ALA E 220 5.53 -20.63 -41.94
C ALA E 220 4.17 -20.84 -42.59
N SER E 221 3.39 -19.77 -42.69
CA SER E 221 2.07 -19.84 -43.29
C SER E 221 2.12 -19.71 -44.80
N ARG E 222 3.23 -19.20 -45.35
CA ARG E 222 3.39 -19.03 -46.79
C ARG E 222 4.86 -19.26 -47.13
N ILE E 223 5.13 -20.04 -48.16
CA ILE E 223 6.49 -20.33 -48.59
C ILE E 223 6.54 -20.22 -50.12
N ILE E 224 7.20 -19.18 -50.60
CA ILE E 224 7.23 -18.83 -52.01
C ILE E 224 8.57 -19.26 -52.57
N ALA E 225 8.54 -20.27 -53.43
CA ALA E 225 9.74 -20.80 -54.08
C ALA E 225 9.96 -20.06 -55.39
N VAL E 226 11.20 -19.60 -55.61
CA VAL E 226 11.53 -18.80 -56.79
C VAL E 226 12.70 -19.46 -57.53
N ASP E 227 12.51 -19.74 -58.82
CA ASP E 227 13.58 -20.30 -59.63
C ASP E 227 13.26 -20.05 -61.10
N ILE E 228 14.30 -19.81 -61.90
CA ILE E 228 14.10 -19.63 -63.34
C ILE E 228 13.90 -20.95 -64.06
N ASP E 229 14.06 -22.09 -63.38
CA ASP E 229 13.83 -23.41 -63.96
C ASP E 229 12.53 -24.00 -63.40
N PRO E 230 11.41 -23.87 -64.11
CA PRO E 230 10.13 -24.34 -63.54
C PRO E 230 10.04 -25.85 -63.42
N THR E 231 10.98 -26.62 -63.99
CA THR E 231 10.91 -28.06 -63.80
C THR E 231 11.21 -28.45 -62.35
N LYS E 232 11.73 -27.52 -61.56
CA LYS E 232 12.01 -27.76 -60.15
C LYS E 232 10.82 -27.47 -59.26
N PHE E 233 9.72 -26.91 -59.80
CA PHE E 233 8.59 -26.52 -58.98
C PHE E 233 7.83 -27.70 -58.40
N PRO E 234 7.60 -28.81 -59.14
CA PRO E 234 6.92 -29.94 -58.49
C PRO E 234 7.66 -30.43 -57.24
N THR E 235 8.99 -30.48 -57.27
CA THR E 235 9.69 -30.98 -56.09
C THR E 235 9.62 -29.96 -54.96
N ALA E 236 9.71 -28.67 -55.28
CA ALA E 236 9.58 -27.65 -54.25
C ALA E 236 8.24 -27.75 -53.55
N LYS E 237 7.17 -28.03 -54.31
CA LYS E 237 5.86 -28.22 -53.68
C LYS E 237 5.87 -29.43 -52.76
N GLU E 238 6.57 -30.49 -53.18
CA GLU E 238 6.66 -31.69 -52.35
C GLU E 238 7.39 -31.42 -51.05
N PHE E 239 8.34 -30.47 -51.06
CA PHE E 239 9.01 -30.16 -49.80
C PHE E 239 8.26 -29.13 -48.95
N GLY E 240 7.20 -28.52 -49.47
CA GLY E 240 6.37 -27.64 -48.66
C GLY E 240 6.04 -26.27 -49.21
N ALA E 241 6.52 -25.95 -50.42
CA ALA E 241 6.25 -24.65 -51.00
C ALA E 241 4.75 -24.47 -51.27
N THR E 242 4.23 -23.29 -50.91
CA THR E 242 2.81 -22.98 -51.16
C THR E 242 2.60 -22.25 -52.47
N ASP E 243 3.63 -21.60 -53.00
CA ASP E 243 3.62 -20.87 -54.27
C ASP E 243 4.96 -21.13 -54.95
N CYS E 244 4.96 -21.12 -56.29
CA CYS E 244 6.20 -21.14 -57.07
C CYS E 244 6.12 -20.04 -58.10
N ILE E 245 7.23 -19.32 -58.27
CA ILE E 245 7.28 -18.17 -59.18
C ILE E 245 8.49 -18.28 -60.07
N ASN E 246 8.27 -18.20 -61.38
CA ASN E 246 9.36 -18.09 -62.33
C ASN E 246 9.56 -16.62 -62.65
N PRO E 247 10.72 -16.04 -62.35
CA PRO E 247 10.92 -14.62 -62.65
C PRO E 247 10.70 -14.27 -64.11
N LYS E 248 10.98 -15.20 -65.02
CA LYS E 248 10.82 -14.90 -66.44
C LYS E 248 9.36 -14.85 -66.88
N ASP E 249 8.41 -15.26 -66.04
CA ASP E 249 7.00 -15.04 -66.35
C ASP E 249 6.54 -13.63 -66.01
N HIS E 250 7.43 -12.73 -65.61
CA HIS E 250 7.01 -11.45 -65.08
C HIS E 250 7.87 -10.33 -65.66
N GLU E 251 7.22 -9.20 -65.93
CA GLU E 251 7.91 -8.03 -66.46
C GLU E 251 8.70 -7.32 -65.37
N LYS E 252 8.07 -7.10 -64.22
CA LYS E 252 8.68 -6.36 -63.14
C LYS E 252 9.82 -7.15 -62.49
N PRO E 253 10.74 -6.46 -61.79
CA PRO E 253 11.76 -7.19 -61.02
C PRO E 253 11.09 -8.17 -60.07
N ILE E 254 11.75 -9.32 -59.87
CA ILE E 254 11.15 -10.36 -59.03
C ILE E 254 10.86 -9.83 -57.63
N GLN E 255 11.68 -8.91 -57.11
CA GLN E 255 11.42 -8.41 -55.76
C GLN E 255 10.13 -7.61 -55.69
N GLN E 256 9.81 -6.86 -56.76
CA GLN E 256 8.53 -6.14 -56.80
C GLN E 256 7.36 -7.11 -56.89
N VAL E 257 7.51 -8.22 -57.62
CA VAL E 257 6.45 -9.21 -57.74
C VAL E 257 6.13 -9.80 -56.36
N ILE E 258 7.17 -10.14 -55.60
CA ILE E 258 6.96 -10.78 -54.31
C ILE E 258 6.39 -9.77 -53.31
N VAL E 259 6.87 -8.52 -53.35
CA VAL E 259 6.31 -7.48 -52.47
C VAL E 259 4.82 -7.30 -52.75
N GLU E 260 4.43 -7.31 -54.04
CA GLU E 260 3.02 -7.15 -54.38
C GLU E 260 2.18 -8.33 -53.89
N MET E 261 2.70 -9.56 -54.03
CA MET E 261 2.00 -10.74 -53.52
C MET E 261 1.76 -10.68 -52.02
N THR E 262 2.64 -10.01 -51.29
CA THR E 262 2.62 -10.05 -49.84
C THR E 262 2.38 -8.69 -49.22
N GLU E 263 2.12 -7.67 -50.04
CA GLU E 263 1.92 -6.28 -49.64
C GLU E 263 3.22 -5.60 -49.21
N TRP E 264 3.95 -6.20 -48.26
CA TRP E 264 5.14 -5.55 -47.69
C TRP E 264 6.43 -6.33 -47.91
N GLY E 265 6.37 -7.52 -48.50
CA GLY E 265 7.48 -8.44 -48.51
C GLY E 265 7.26 -9.60 -47.56
N CYS E 266 8.18 -10.56 -47.63
CA CYS E 266 8.14 -11.75 -46.78
C CYS E 266 8.91 -11.51 -45.49
N ASP E 267 8.40 -12.08 -44.40
CA ASP E 267 9.08 -11.94 -43.11
C ASP E 267 10.52 -12.42 -43.20
N TYR E 268 10.76 -13.48 -43.98
CA TYR E 268 12.10 -14.02 -44.16
C TYR E 268 12.32 -14.38 -45.61
N THR E 269 13.52 -14.09 -46.13
CA THR E 269 13.91 -14.51 -47.48
C THR E 269 15.28 -15.15 -47.40
N PHE E 270 15.54 -16.09 -48.32
CA PHE E 270 16.78 -16.88 -48.30
C PHE E 270 17.31 -16.98 -49.72
N GLU E 271 18.58 -16.69 -49.90
CA GLU E 271 19.20 -16.84 -51.22
C GLU E 271 20.05 -18.10 -51.18
N CYS E 272 19.76 -19.04 -52.08
CA CYS E 272 20.35 -20.38 -52.02
C CYS E 272 20.94 -20.75 -53.37
N ILE E 273 21.56 -19.77 -54.03
CA ILE E 273 22.16 -19.93 -55.35
C ILE E 273 23.63 -19.57 -55.32
N GLY E 274 23.95 -18.42 -54.73
CA GLY E 274 25.28 -17.85 -54.82
C GLY E 274 25.45 -16.77 -55.89
N ASN E 275 24.39 -16.04 -56.22
CA ASN E 275 24.41 -14.99 -57.23
C ASN E 275 24.10 -13.66 -56.55
N THR E 276 25.03 -12.69 -56.63
CA THR E 276 24.84 -11.45 -55.85
C THR E 276 23.66 -10.61 -56.33
N ALA E 277 23.29 -10.66 -57.61
CA ALA E 277 22.09 -9.94 -58.06
C ALA E 277 20.84 -10.57 -57.46
N VAL E 278 20.81 -11.89 -57.35
CA VAL E 278 19.68 -12.52 -56.68
C VAL E 278 19.72 -12.21 -55.19
N MET E 279 20.92 -12.11 -54.61
CA MET E 279 20.98 -11.77 -53.20
C MET E 279 20.33 -10.42 -52.94
N ARG E 280 20.55 -9.46 -53.83
CA ARG E 280 19.89 -8.15 -53.67
C ARG E 280 18.38 -8.29 -53.80
N ALA E 281 17.92 -9.08 -54.78
CA ALA E 281 16.48 -9.28 -54.95
C ALA E 281 15.85 -9.84 -53.68
N ALA E 282 16.51 -10.82 -53.05
CA ALA E 282 15.95 -11.43 -51.84
C ALA E 282 15.89 -10.42 -50.70
N LEU E 283 16.92 -9.61 -50.55
CA LEU E 283 16.90 -8.56 -49.53
C LEU E 283 15.77 -7.59 -49.77
N GLU E 284 15.52 -7.22 -51.04
CA GLU E 284 14.57 -6.15 -51.30
C GLU E 284 13.12 -6.62 -51.30
N CYS E 285 12.85 -7.94 -51.19
CA CYS E 285 11.49 -8.38 -50.91
C CYS E 285 11.35 -8.96 -49.51
N ALA E 286 12.32 -8.72 -48.63
CA ALA E 286 12.11 -8.93 -47.21
C ALA E 286 11.17 -7.85 -46.67
N HIS E 287 10.38 -8.21 -45.67
CA HIS E 287 9.32 -7.32 -45.17
C HIS E 287 9.87 -5.98 -44.68
N ARG E 288 9.16 -4.89 -45.02
CA ARG E 288 9.45 -3.59 -44.42
C ARG E 288 9.45 -3.69 -42.89
N GLY E 289 10.33 -2.93 -42.24
CA GLY E 289 10.29 -2.81 -40.80
C GLY E 289 11.02 -3.88 -40.01
N TRP E 290 10.96 -5.14 -40.45
CA TRP E 290 11.57 -6.21 -39.66
C TRP E 290 12.05 -7.39 -40.50
N GLY E 291 11.95 -7.32 -41.82
CA GLY E 291 12.27 -8.48 -42.64
C GLY E 291 13.72 -8.86 -42.55
N THR E 292 13.97 -10.18 -42.67
CA THR E 292 15.32 -10.72 -42.57
C THR E 292 15.63 -11.47 -43.86
N SER E 293 16.78 -11.18 -44.47
CA SER E 293 17.24 -11.95 -45.63
C SER E 293 18.56 -12.62 -45.27
N VAL E 294 18.64 -13.94 -45.47
CA VAL E 294 19.81 -14.74 -45.14
C VAL E 294 20.47 -15.23 -46.43
N ILE E 295 21.73 -14.87 -46.63
CA ILE E 295 22.54 -15.39 -47.72
C ILE E 295 23.02 -16.79 -47.34
N VAL E 296 22.65 -17.79 -48.13
CA VAL E 296 23.08 -19.17 -47.92
C VAL E 296 24.01 -19.64 -49.03
N GLY E 297 23.76 -19.22 -50.27
CA GLY E 297 24.64 -19.57 -51.37
C GLY E 297 25.98 -18.85 -51.28
N VAL E 298 26.99 -19.43 -51.94
CA VAL E 298 28.35 -18.91 -51.90
C VAL E 298 28.62 -18.23 -53.24
N ALA E 299 28.83 -16.91 -53.21
CA ALA E 299 29.09 -16.18 -54.45
C ALA E 299 30.49 -16.50 -54.99
N ALA E 300 30.64 -16.33 -56.30
CA ALA E 300 31.95 -16.49 -56.94
C ALA E 300 32.93 -15.44 -56.42
N ALA E 301 34.21 -15.71 -56.65
CA ALA E 301 35.26 -14.83 -56.12
C ALA E 301 35.07 -13.41 -56.62
N GLY E 302 35.29 -12.46 -55.72
CA GLY E 302 35.29 -11.04 -56.05
C GLY E 302 33.92 -10.40 -56.22
N GLN E 303 32.85 -11.16 -56.26
CA GLN E 303 31.54 -10.57 -56.49
C GLN E 303 31.09 -9.80 -55.24
N GLU E 304 30.34 -8.71 -55.46
CA GLU E 304 29.87 -7.90 -54.33
C GLU E 304 28.35 -7.79 -54.37
N ILE E 305 27.73 -7.70 -53.16
CA ILE E 305 26.30 -7.41 -53.01
C ILE E 305 26.15 -5.90 -52.89
N SER E 306 25.04 -5.36 -53.38
CA SER E 306 24.76 -3.93 -53.23
C SER E 306 23.27 -3.72 -52.98
N THR E 307 22.94 -2.61 -52.29
CA THR E 307 21.56 -2.13 -52.22
C THR E 307 21.59 -0.67 -51.81
N ARG E 308 20.43 -0.03 -51.84
CA ARG E 308 20.34 1.32 -51.27
C ARG E 308 20.23 1.19 -49.75
N PRO E 309 20.99 1.97 -48.98
CA PRO E 309 20.92 1.81 -47.51
C PRO E 309 19.55 2.11 -46.94
N PHE E 310 18.69 2.83 -47.67
CA PHE E 310 17.28 3.00 -47.32
C PHE E 310 16.63 1.66 -46.98
N GLN E 311 17.02 0.58 -47.66
CA GLN E 311 16.39 -0.72 -47.40
C GLN E 311 16.66 -1.20 -45.99
N LEU E 312 17.82 -0.87 -45.43
CA LEU E 312 18.15 -1.26 -44.06
C LEU E 312 17.65 -0.25 -43.02
N VAL E 313 17.75 1.04 -43.36
CA VAL E 313 17.16 2.08 -42.52
C VAL E 313 15.68 1.83 -42.28
N THR E 314 14.96 1.35 -43.30
CA THR E 314 13.54 1.03 -43.13
C THR E 314 13.30 -0.42 -42.73
N GLY E 315 14.25 -1.06 -42.06
CA GLY E 315 13.94 -2.17 -41.19
C GLY E 315 14.43 -3.54 -41.64
N ARG E 316 15.03 -3.66 -42.82
CA ARG E 316 15.46 -4.99 -43.26
C ARG E 316 16.85 -5.30 -42.70
N ARG E 317 17.09 -6.58 -42.41
CA ARG E 317 18.33 -7.04 -41.83
C ARG E 317 18.97 -8.01 -42.80
N TRP E 318 20.23 -7.77 -43.14
CA TRP E 318 20.95 -8.62 -44.09
C TRP E 318 21.93 -9.47 -43.32
N MET E 319 21.80 -10.79 -43.42
CA MET E 319 22.77 -11.66 -42.75
C MET E 319 23.08 -12.85 -43.65
N GLY E 320 23.86 -13.79 -43.11
CA GLY E 320 24.28 -14.96 -43.85
C GLY E 320 24.49 -16.11 -42.88
N THR E 321 24.76 -17.28 -43.45
CA THR E 321 24.99 -18.44 -42.61
C THR E 321 26.09 -19.29 -43.19
N ALA E 322 26.78 -20.02 -42.31
CA ALA E 322 27.81 -20.99 -42.66
C ALA E 322 27.50 -22.32 -41.98
N PHE E 323 27.31 -23.37 -42.78
CA PHE E 323 26.87 -24.66 -42.27
C PHE E 323 25.64 -24.51 -41.36
N GLY E 324 24.73 -23.59 -41.75
CA GLY E 324 23.48 -23.38 -41.03
C GLY E 324 23.63 -22.92 -39.59
N GLY E 325 24.81 -22.45 -39.20
CA GLY E 325 25.03 -22.07 -37.83
C GLY E 325 25.10 -23.22 -36.84
N TYR E 326 25.05 -24.47 -37.33
CA TYR E 326 25.14 -25.61 -36.44
C TYR E 326 26.54 -25.75 -35.86
N LYS E 327 26.62 -25.90 -34.54
CA LYS E 327 27.88 -26.25 -33.88
C LYS E 327 28.10 -27.73 -34.10
N SER E 328 29.01 -28.06 -35.02
CA SER E 328 29.00 -29.37 -35.71
C SER E 328 28.96 -30.57 -34.76
N ARG E 329 29.98 -30.74 -33.92
CA ARG E 329 30.07 -31.97 -33.13
C ARG E 329 28.96 -32.06 -32.07
N VAL E 330 28.39 -30.93 -31.65
CA VAL E 330 27.28 -30.96 -30.70
C VAL E 330 25.96 -31.27 -31.38
N GLN E 331 25.70 -30.65 -32.52
CA GLN E 331 24.34 -30.67 -33.05
C GLN E 331 24.14 -31.64 -34.21
N VAL E 332 25.18 -32.00 -34.95
CA VAL E 332 25.00 -33.03 -35.98
C VAL E 332 24.43 -34.31 -35.37
N PRO E 333 24.87 -34.76 -34.18
CA PRO E 333 24.19 -35.93 -33.58
C PRO E 333 22.71 -35.71 -33.28
N ASP E 334 22.29 -34.48 -32.93
CA ASP E 334 20.86 -34.20 -32.73
C ASP E 334 20.11 -34.29 -34.05
N LEU E 335 20.74 -33.84 -35.15
CA LEU E 335 20.11 -33.94 -36.45
C LEU E 335 19.87 -35.40 -36.82
N VAL E 336 20.82 -36.28 -36.47
CA VAL E 336 20.66 -37.71 -36.76
C VAL E 336 19.48 -38.27 -35.96
N THR E 337 19.40 -37.92 -34.69
CA THR E 337 18.29 -38.36 -33.85
C THR E 337 16.96 -37.89 -34.42
N ASP E 338 16.90 -36.63 -34.85
CA ASP E 338 15.69 -36.09 -35.47
C ASP E 338 15.31 -36.91 -36.71
N TYR E 339 16.30 -37.23 -37.54
CA TYR E 339 16.03 -38.08 -38.70
C TYR E 339 15.46 -39.43 -38.26
N MET E 340 16.07 -40.05 -37.25
CA MET E 340 15.60 -41.36 -36.81
C MET E 340 14.23 -41.29 -36.17
N SER E 341 13.82 -40.12 -35.70
CA SER E 341 12.48 -39.93 -35.14
C SER E 341 11.39 -39.88 -36.21
N GLY E 342 11.76 -39.74 -37.48
CA GLY E 342 10.78 -39.67 -38.54
C GLY E 342 10.26 -38.28 -38.83
N ALA E 343 10.93 -37.24 -38.34
CA ALA E 343 10.45 -35.86 -38.48
C ALA E 343 11.01 -35.11 -39.69
N THR E 344 11.89 -35.72 -40.50
CA THR E 344 12.57 -35.01 -41.59
C THR E 344 12.31 -35.67 -42.94
N LEU E 345 12.62 -34.93 -44.00
CA LEU E 345 12.56 -35.45 -45.37
C LEU E 345 13.94 -35.81 -45.91
N LEU E 346 14.88 -36.17 -45.01
CA LEU E 346 16.24 -36.48 -45.43
C LEU E 346 16.24 -37.51 -46.55
N ASP E 347 15.35 -38.51 -46.47
CA ASP E 347 15.27 -39.55 -47.51
C ASP E 347 15.11 -38.95 -48.91
N LYS E 348 14.34 -37.85 -49.03
CA LYS E 348 13.98 -37.34 -50.34
C LYS E 348 15.13 -36.66 -51.08
N TYR E 349 16.23 -36.33 -50.39
CA TYR E 349 17.33 -35.64 -51.05
C TYR E 349 18.25 -36.55 -51.83
N ILE E 350 18.21 -37.86 -51.61
CA ILE E 350 19.11 -38.76 -52.32
C ILE E 350 18.37 -39.23 -53.57
N THR E 351 18.78 -38.69 -54.71
CA THR E 351 18.13 -39.02 -55.97
C THR E 351 18.86 -40.11 -56.75
N HIS E 352 20.13 -40.34 -56.44
CA HIS E 352 20.97 -41.28 -57.17
C HIS E 352 21.89 -42.02 -56.20
N ASN E 353 22.09 -43.30 -56.47
CA ASN E 353 23.02 -44.14 -55.72
C ASN E 353 23.92 -44.84 -56.73
N MET E 354 25.23 -44.65 -56.60
CA MET E 354 26.19 -45.15 -57.56
C MET E 354 27.36 -45.77 -56.82
N LYS E 355 28.22 -46.48 -57.56
CA LYS E 355 29.42 -47.06 -56.98
C LYS E 355 30.59 -46.08 -57.10
N PHE E 356 31.51 -46.19 -56.14
CA PHE E 356 32.63 -45.25 -56.06
C PHE E 356 33.48 -45.27 -57.33
N ASP E 357 33.62 -46.44 -57.98
CA ASP E 357 34.32 -46.50 -59.26
C ASP E 357 33.71 -45.56 -60.29
N GLN E 358 32.40 -45.30 -60.19
CA GLN E 358 31.71 -44.44 -61.16
C GLN E 358 31.75 -42.96 -60.77
N ILE E 359 32.73 -42.53 -59.98
CA ILE E 359 32.68 -41.18 -59.40
C ILE E 359 32.70 -40.11 -60.48
N ASN E 360 33.46 -40.33 -61.56
CA ASN E 360 33.55 -39.30 -62.59
C ASN E 360 32.20 -39.11 -63.29
N GLU E 361 31.46 -40.21 -63.47
CA GLU E 361 30.12 -40.06 -64.04
C GLU E 361 29.16 -39.42 -63.07
N ALA E 362 29.36 -39.62 -61.76
CA ALA E 362 28.57 -38.88 -60.77
C ALA E 362 28.80 -37.37 -60.88
N PHE E 363 30.05 -36.94 -61.06
CA PHE E 363 30.30 -35.51 -61.26
C PHE E 363 29.58 -34.98 -62.50
N GLU E 364 29.52 -35.81 -63.56
CA GLU E 364 28.77 -35.44 -64.76
C GLU E 364 27.30 -35.20 -64.43
N LEU E 365 26.71 -36.09 -63.62
CA LEU E 365 25.31 -35.88 -63.23
C LEU E 365 25.15 -34.59 -62.45
N LEU E 366 26.10 -34.27 -61.59
CA LEU E 366 26.11 -32.99 -60.88
C LEU E 366 26.17 -31.84 -61.88
N HIS E 367 27.09 -31.93 -62.84
CA HIS E 367 27.22 -30.93 -63.90
C HIS E 367 25.91 -30.75 -64.68
N ALA E 368 25.12 -31.81 -64.83
CA ALA E 368 23.93 -31.73 -65.65
C ALA E 368 22.78 -31.02 -64.94
N GLY E 369 22.86 -30.82 -63.63
CA GLY E 369 21.72 -30.31 -62.87
C GLY E 369 20.64 -31.33 -62.65
N GLU E 370 20.90 -32.59 -62.99
CA GLU E 370 19.92 -33.67 -63.05
C GLU E 370 19.94 -34.49 -61.76
N CYS E 371 19.91 -33.83 -60.61
CA CYS E 371 20.36 -34.50 -59.39
C CYS E 371 20.28 -33.60 -58.16
N LEU E 372 19.70 -34.10 -57.07
CA LEU E 372 19.78 -33.41 -55.77
C LEU E 372 21.06 -33.82 -55.04
N ARG E 373 21.14 -35.09 -54.62
CA ARG E 373 22.38 -35.67 -54.11
C ARG E 373 22.56 -37.06 -54.69
N CYS E 374 23.79 -37.35 -55.10
CA CYS E 374 24.21 -38.69 -55.47
C CYS E 374 25.12 -39.23 -54.38
N VAL E 375 24.79 -40.40 -53.86
CA VAL E 375 25.57 -41.03 -52.80
C VAL E 375 26.36 -42.18 -53.40
N LEU E 376 27.64 -42.26 -53.05
CA LEU E 376 28.53 -43.31 -53.52
C LEU E 376 28.83 -44.29 -52.40
N THR E 377 28.90 -45.58 -52.75
CA THR E 377 29.40 -46.58 -51.83
C THR E 377 30.53 -47.34 -52.53
N PHE E 378 31.45 -47.86 -51.73
CA PHE E 378 32.63 -48.53 -52.28
C PHE E 378 32.31 -49.95 -52.78
N SER F 2 -48.72 25.31 -35.89
CA SER F 2 -48.74 23.93 -35.40
C SER F 2 -50.06 23.55 -34.74
N GLU F 3 -50.40 22.26 -34.81
CA GLU F 3 -51.65 21.78 -34.22
C GLU F 3 -51.64 21.89 -32.70
N THR F 4 -50.49 21.64 -32.07
CA THR F 4 -50.40 21.49 -30.63
C THR F 4 -49.75 22.67 -29.92
N ALA F 5 -49.09 23.56 -30.64
CA ALA F 5 -48.39 24.65 -30.01
C ALA F 5 -49.32 25.47 -29.14
N GLY F 6 -48.81 25.91 -27.98
CA GLY F 6 -49.60 26.68 -27.04
C GLY F 6 -50.71 25.94 -26.33
N LYS F 7 -50.83 24.63 -26.54
CA LYS F 7 -51.92 23.82 -26.03
C LYS F 7 -51.38 22.71 -25.13
N PRO F 8 -52.13 22.33 -24.09
CA PRO F 8 -51.81 21.08 -23.38
C PRO F 8 -51.87 19.90 -24.34
N ILE F 9 -51.03 18.91 -24.08
CA ILE F 9 -51.00 17.68 -24.87
C ILE F 9 -51.36 16.52 -23.95
N GLU F 10 -52.30 15.69 -24.39
CA GLU F 10 -52.55 14.44 -23.70
C GLU F 10 -51.73 13.37 -24.39
N CYS F 11 -50.94 12.63 -23.64
CA CYS F 11 -50.08 11.63 -24.25
C CYS F 11 -49.83 10.50 -23.28
N LYS F 12 -49.20 9.44 -23.78
CA LYS F 12 -48.85 8.29 -22.97
C LYS F 12 -47.59 8.54 -22.15
N ALA F 13 -47.58 8.04 -20.91
CA ALA F 13 -46.40 8.15 -20.05
C ALA F 13 -46.39 6.99 -19.05
N ALA F 14 -45.27 6.88 -18.33
CA ALA F 14 -45.13 5.89 -17.25
C ALA F 14 -44.97 6.67 -15.96
N ILE F 15 -45.91 6.50 -15.03
CA ILE F 15 -45.94 7.30 -13.82
C ILE F 15 -45.48 6.45 -12.65
N ALA F 16 -44.57 6.98 -11.85
CA ALA F 16 -44.22 6.37 -10.57
C ALA F 16 -45.08 7.06 -9.52
N TRP F 17 -46.21 6.44 -9.16
CA TRP F 17 -47.06 7.03 -8.12
C TRP F 17 -46.39 6.99 -6.75
N GLU F 18 -45.56 5.99 -6.51
CA GLU F 18 -44.86 5.83 -5.24
C GLU F 18 -43.64 4.97 -5.49
N ALA F 19 -42.75 4.95 -4.50
CA ALA F 19 -41.54 4.16 -4.62
C ALA F 19 -41.85 2.67 -4.51
N LYS F 20 -41.03 1.88 -5.20
CA LYS F 20 -40.99 0.41 -5.06
C LYS F 20 -42.29 -0.26 -5.51
N LYS F 21 -43.00 0.38 -6.42
CA LYS F 21 -44.09 -0.21 -7.17
C LYS F 21 -43.77 -0.12 -8.66
N PRO F 22 -44.27 -1.07 -9.46
CA PRO F 22 -44.17 -0.92 -10.93
C PRO F 22 -44.80 0.40 -11.39
N LEU F 23 -44.35 0.87 -12.57
CA LEU F 23 -44.88 2.12 -13.11
C LEU F 23 -46.23 1.87 -13.78
N GLU F 24 -47.07 2.90 -13.80
CA GLU F 24 -48.35 2.84 -14.51
C GLU F 24 -48.22 3.56 -15.84
N VAL F 25 -48.34 2.80 -16.93
CA VAL F 25 -48.44 3.37 -18.26
C VAL F 25 -49.89 3.84 -18.45
N ARG F 26 -50.08 5.16 -18.54
CA ARG F 26 -51.41 5.74 -18.65
C ARG F 26 -51.26 7.12 -19.29
N THR F 27 -52.38 7.82 -19.43
CA THR F 27 -52.38 9.13 -20.05
C THR F 27 -51.99 10.20 -19.04
N VAL F 28 -51.17 11.16 -19.48
CA VAL F 28 -50.84 12.35 -18.71
C VAL F 28 -51.14 13.56 -19.58
N THR F 29 -51.31 14.72 -18.93
CA THR F 29 -51.50 16.01 -19.60
C THR F 29 -50.23 16.84 -19.43
N VAL F 30 -49.63 17.23 -20.55
CA VAL F 30 -48.37 17.99 -20.60
C VAL F 30 -48.69 19.42 -20.98
N ALA F 31 -48.40 20.36 -20.09
CA ALA F 31 -48.64 21.76 -20.35
C ALA F 31 -47.74 22.27 -21.47
N PRO F 32 -48.10 23.41 -22.06
CA PRO F 32 -47.21 24.07 -23.02
C PRO F 32 -45.99 24.64 -22.33
N PRO F 33 -44.89 24.88 -23.06
CA PRO F 33 -43.68 25.42 -22.42
C PRO F 33 -43.83 26.88 -22.03
N GLY F 34 -43.38 27.21 -20.82
CA GLY F 34 -43.27 28.58 -20.36
C GLY F 34 -42.00 29.25 -20.85
N PRO F 35 -41.71 30.46 -20.37
CA PRO F 35 -40.49 31.17 -20.82
C PRO F 35 -39.23 30.37 -20.53
N GLY F 36 -38.36 30.27 -21.54
CA GLY F 36 -37.11 29.53 -21.39
C GLY F 36 -37.25 28.03 -21.39
N GLU F 37 -38.40 27.51 -21.81
CA GLU F 37 -38.65 26.08 -21.77
C GLU F 37 -38.87 25.54 -23.17
N VAL F 38 -38.75 24.22 -23.30
CA VAL F 38 -38.84 23.52 -24.58
C VAL F 38 -39.67 22.26 -24.38
N ARG F 39 -40.67 22.07 -25.23
CA ARG F 39 -41.46 20.85 -25.19
C ARG F 39 -40.95 19.89 -26.26
N VAL F 40 -40.58 18.69 -25.85
CA VAL F 40 -39.88 17.74 -26.70
C VAL F 40 -40.76 16.53 -26.92
N GLN F 41 -40.93 16.14 -28.18
CA GLN F 41 -41.48 14.82 -28.47
C GLN F 41 -40.36 13.78 -28.37
N ILE F 42 -40.46 12.90 -27.37
CA ILE F 42 -39.49 11.81 -27.23
C ILE F 42 -39.75 10.76 -28.30
N LYS F 43 -38.72 10.43 -29.07
CA LYS F 43 -38.82 9.38 -30.07
C LYS F 43 -38.24 8.06 -29.60
N ALA F 44 -37.26 8.09 -28.70
CA ALA F 44 -36.66 6.87 -28.19
C ALA F 44 -36.08 7.16 -26.82
N THR F 45 -36.22 6.20 -25.89
CA THR F 45 -35.71 6.40 -24.54
C THR F 45 -35.28 5.04 -23.97
N ALA F 46 -34.20 5.05 -23.19
CA ALA F 46 -33.64 3.84 -22.62
C ALA F 46 -33.65 3.93 -21.10
N LEU F 47 -33.49 2.78 -20.46
CA LEU F 47 -33.47 2.72 -19.01
C LEU F 47 -32.04 2.78 -18.49
N CYS F 48 -31.84 3.57 -17.45
CA CYS F 48 -30.58 3.66 -16.73
C CYS F 48 -30.75 3.13 -15.31
N GLN F 49 -29.66 2.54 -14.77
CA GLN F 49 -29.71 2.08 -13.38
C GLN F 49 -30.20 3.17 -12.43
N THR F 50 -29.93 4.44 -12.74
CA THR F 50 -30.35 5.53 -11.85
C THR F 50 -31.87 5.69 -11.83
N ASP F 51 -32.55 5.39 -12.94
CA ASP F 51 -34.01 5.35 -12.90
C ASP F 51 -34.49 4.29 -11.90
N ALA F 52 -33.86 3.11 -11.91
CA ALA F 52 -34.23 2.03 -10.99
C ALA F 52 -33.89 2.38 -9.56
N TYR F 53 -32.75 3.05 -9.36
CA TYR F 53 -32.34 3.54 -8.05
C TYR F 53 -33.42 4.40 -7.41
N THR F 54 -33.96 5.39 -8.15
CA THR F 54 -34.96 6.27 -7.57
C THR F 54 -36.28 5.54 -7.36
N LEU F 55 -36.63 4.65 -8.29
CA LEU F 55 -37.86 3.91 -8.20
C LEU F 55 -37.88 3.04 -6.94
N GLY F 56 -36.72 2.48 -6.56
CA GLY F 56 -36.53 1.63 -5.41
C GLY F 56 -36.46 2.36 -4.10
N GLY F 57 -36.67 3.67 -4.09
CA GLY F 57 -36.64 4.42 -2.85
C GLY F 57 -35.27 4.80 -2.35
N LEU F 58 -34.26 4.79 -3.21
CA LEU F 58 -32.91 5.12 -2.77
C LEU F 58 -32.52 6.58 -2.98
N ASP F 59 -33.38 7.37 -3.62
CA ASP F 59 -33.07 8.77 -3.88
C ASP F 59 -33.43 9.62 -2.68
N PRO F 60 -32.49 10.36 -2.10
CA PRO F 60 -32.85 11.27 -0.99
C PRO F 60 -33.88 12.31 -1.41
N GLU F 61 -33.69 12.93 -2.57
CA GLU F 61 -34.60 13.93 -3.13
C GLU F 61 -35.74 13.31 -3.94
N GLY F 62 -35.94 11.99 -3.87
CA GLY F 62 -37.01 11.34 -4.61
C GLY F 62 -38.36 11.97 -4.31
N ARG F 63 -39.08 12.37 -5.35
CA ARG F 63 -40.37 13.05 -5.19
C ARG F 63 -41.42 12.28 -5.99
N PHE F 64 -42.49 11.86 -5.31
CA PHE F 64 -43.56 11.13 -5.98
C PHE F 64 -44.87 11.87 -5.83
N PRO F 65 -45.80 11.76 -6.79
CA PRO F 65 -45.64 10.99 -8.03
C PRO F 65 -44.74 11.75 -9.01
N CYS F 66 -44.02 11.01 -9.86
CA CYS F 66 -43.11 11.60 -10.82
C CYS F 66 -43.03 10.72 -12.06
N ILE F 67 -42.47 11.29 -13.13
CA ILE F 67 -42.15 10.54 -14.35
C ILE F 67 -40.64 10.50 -14.45
N LEU F 68 -40.10 9.28 -14.40
CA LEU F 68 -38.65 9.05 -14.44
C LEU F 68 -38.16 9.14 -15.90
N GLY F 69 -36.93 8.68 -16.13
CA GLY F 69 -36.37 8.70 -17.47
C GLY F 69 -35.45 9.87 -17.76
N HIS F 70 -34.20 9.55 -18.16
CA HIS F 70 -33.26 10.63 -18.50
C HIS F 70 -32.29 10.27 -19.64
N GLU F 71 -32.47 9.16 -20.35
CA GLU F 71 -31.70 8.81 -21.54
C GLU F 71 -32.68 8.81 -22.71
N ALA F 72 -32.65 9.85 -23.54
CA ALA F 72 -33.64 9.94 -24.62
C ALA F 72 -33.12 10.82 -25.75
N ALA F 73 -33.83 10.76 -26.88
CA ALA F 73 -33.60 11.69 -27.96
C ALA F 73 -34.96 11.96 -28.62
N GLY F 74 -35.12 13.14 -29.17
CA GLY F 74 -36.39 13.47 -29.78
C GLY F 74 -36.35 14.70 -30.65
N VAL F 75 -37.54 15.28 -30.83
CA VAL F 75 -37.76 16.40 -31.75
C VAL F 75 -38.47 17.52 -31.01
N VAL F 76 -38.02 18.75 -31.24
CA VAL F 76 -38.64 19.90 -30.59
C VAL F 76 -40.04 20.09 -31.14
N GLU F 77 -41.05 20.04 -30.25
CA GLU F 77 -42.42 20.32 -30.66
C GLU F 77 -42.75 21.82 -30.61
N SER F 78 -42.33 22.51 -29.56
CA SER F 78 -42.54 23.95 -29.48
C SER F 78 -41.58 24.49 -28.44
N VAL F 79 -41.37 25.79 -28.49
CA VAL F 79 -40.53 26.45 -27.51
C VAL F 79 -41.33 27.58 -26.86
N GLY F 80 -40.98 27.87 -25.63
CA GLY F 80 -41.58 28.97 -24.91
C GLY F 80 -40.92 30.29 -25.24
N GLU F 81 -41.43 31.33 -24.57
CA GLU F 81 -41.00 32.69 -24.84
C GLU F 81 -39.51 32.86 -24.57
N GLY F 82 -38.83 33.55 -25.49
CA GLY F 82 -37.42 33.89 -25.33
C GLY F 82 -36.42 32.82 -25.76
N VAL F 83 -36.88 31.65 -26.16
CA VAL F 83 -36.00 30.55 -26.54
C VAL F 83 -35.46 30.80 -27.94
N THR F 84 -34.14 30.83 -28.07
CA THR F 84 -33.47 31.08 -29.34
C THR F 84 -32.57 29.96 -29.82
N SER F 85 -32.12 29.07 -28.92
CA SER F 85 -31.10 28.09 -29.27
C SER F 85 -31.64 26.96 -30.14
N VAL F 86 -32.92 26.61 -30.01
CA VAL F 86 -33.54 25.56 -30.80
C VAL F 86 -34.90 26.08 -31.28
N LYS F 87 -35.45 25.39 -32.27
CA LYS F 87 -36.72 25.75 -32.88
C LYS F 87 -37.48 24.46 -33.15
N PRO F 88 -38.79 24.55 -33.42
CA PRO F 88 -39.54 23.33 -33.78
C PRO F 88 -38.92 22.60 -34.95
N GLY F 89 -38.93 21.27 -34.86
CA GLY F 89 -38.29 20.41 -35.84
C GLY F 89 -36.88 19.99 -35.51
N ASP F 90 -36.17 20.77 -34.69
CA ASP F 90 -34.79 20.41 -34.30
C ASP F 90 -34.75 19.05 -33.60
N HIS F 91 -33.67 18.30 -33.83
CA HIS F 91 -33.45 17.04 -33.14
C HIS F 91 -32.58 17.31 -31.92
N VAL F 92 -32.96 16.74 -30.78
CA VAL F 92 -32.35 17.12 -29.51
C VAL F 92 -32.14 15.92 -28.61
N ILE F 93 -31.20 16.06 -27.68
CA ILE F 93 -31.05 15.15 -26.57
C ILE F 93 -31.24 15.93 -25.28
N PRO F 94 -32.25 15.63 -24.48
CA PRO F 94 -32.41 16.30 -23.17
C PRO F 94 -31.30 15.86 -22.23
N CYS F 95 -30.79 16.81 -21.44
CA CYS F 95 -29.57 16.61 -20.67
C CYS F 95 -29.86 16.81 -19.19
N TYR F 96 -29.63 15.79 -18.36
CA TYR F 96 -29.87 16.01 -16.95
C TYR F 96 -28.83 16.93 -16.33
N GLN F 97 -27.65 17.01 -16.92
CA GLN F 97 -26.67 18.03 -16.57
C GLN F 97 -26.82 19.22 -17.51
N ALA F 98 -27.24 20.38 -16.98
CA ALA F 98 -27.47 21.57 -17.82
C ALA F 98 -26.16 22.23 -18.24
N TYR F 99 -26.26 23.17 -19.19
CA TYR F 99 -25.14 24.01 -19.60
C TYR F 99 -25.64 25.41 -19.92
N CYS F 100 -25.19 26.41 -19.18
CA CYS F 100 -25.59 27.78 -19.44
C CYS F 100 -24.45 28.60 -20.03
N GLY F 101 -23.22 28.13 -19.92
CA GLY F 101 -22.08 28.84 -20.48
C GLY F 101 -21.65 30.08 -19.74
N GLU F 102 -22.34 30.47 -18.66
CA GLU F 102 -21.93 31.67 -17.95
C GLU F 102 -21.69 31.53 -16.45
N CYS F 103 -22.09 30.44 -15.82
CA CYS F 103 -21.78 30.33 -14.41
C CYS F 103 -20.35 29.84 -14.19
N LYS F 104 -19.92 29.84 -12.93
CA LYS F 104 -18.53 29.49 -12.62
C LYS F 104 -18.15 28.09 -13.11
N PHE F 105 -19.09 27.16 -13.08
CA PHE F 105 -18.78 25.78 -13.47
C PHE F 105 -18.75 25.62 -14.98
N CYS F 106 -19.66 26.31 -15.68
CA CYS F 106 -19.68 26.24 -17.12
C CYS F 106 -18.40 26.85 -17.72
N LYS F 107 -17.84 27.89 -17.07
CA LYS F 107 -16.62 28.54 -17.58
C LYS F 107 -15.33 27.80 -17.20
N HIS F 108 -15.36 26.94 -16.21
CA HIS F 108 -14.13 26.26 -15.81
C HIS F 108 -13.89 25.07 -16.73
N PRO F 109 -12.67 24.90 -17.25
CA PRO F 109 -12.41 23.79 -18.17
C PRO F 109 -12.53 22.40 -17.55
N GLU F 110 -12.59 22.27 -16.22
CA GLU F 110 -12.56 20.96 -15.57
CA GLU F 110 -12.57 20.96 -15.58
C GLU F 110 -13.88 20.62 -14.86
N SER F 111 -14.98 21.30 -15.20
CA SER F 111 -16.27 20.98 -14.60
C SER F 111 -17.37 21.05 -15.66
N ASN F 112 -18.43 20.28 -15.43
CA ASN F 112 -19.68 20.38 -16.19
C ASN F 112 -20.88 20.61 -15.27
N LEU F 113 -20.66 21.04 -14.03
CA LEU F 113 -21.72 21.01 -12.99
C LEU F 113 -22.42 22.36 -12.90
N CYS F 114 -23.13 22.67 -13.98
CA CYS F 114 -23.81 23.96 -14.12
C CYS F 114 -24.84 24.16 -13.00
N VAL F 115 -24.96 25.38 -12.49
CA VAL F 115 -25.92 25.62 -11.41
C VAL F 115 -27.11 26.45 -11.90
N SER F 116 -27.32 26.51 -13.21
CA SER F 116 -28.38 27.37 -13.75
C SER F 116 -29.77 26.91 -13.31
N VAL F 117 -30.04 25.61 -13.34
CA VAL F 117 -31.39 25.14 -13.07
C VAL F 117 -31.47 24.04 -12.02
N ARG F 118 -30.32 23.60 -11.48
CA ARG F 118 -30.25 22.48 -10.55
C ARG F 118 -31.18 22.64 -9.35
N ALA F 119 -31.41 23.87 -8.90
CA ALA F 119 -32.25 24.07 -7.73
C ALA F 119 -33.69 23.63 -8.01
N PHE F 120 -34.14 23.74 -9.26
CA PHE F 120 -35.50 23.38 -9.59
C PHE F 120 -35.61 21.97 -10.11
N THR F 121 -34.71 21.54 -10.99
CA THR F 121 -34.79 20.17 -11.46
C THR F 121 -34.59 19.17 -10.33
N GLY F 122 -33.80 19.56 -9.31
CA GLY F 122 -33.61 18.67 -8.17
C GLY F 122 -34.87 18.48 -7.35
N LYS F 123 -35.79 19.45 -7.40
CA LYS F 123 -37.09 19.31 -6.74
C LYS F 123 -38.21 18.91 -7.69
N GLY F 124 -37.87 18.57 -8.95
CA GLY F 124 -38.85 18.11 -9.91
C GLY F 124 -39.81 19.15 -10.45
N VAL F 125 -39.42 20.42 -10.47
CA VAL F 125 -40.26 21.50 -10.99
C VAL F 125 -39.45 22.33 -11.98
N MET F 126 -40.11 23.33 -12.56
CA MET F 126 -39.51 24.24 -13.51
C MET F 126 -39.16 25.55 -12.82
N LYS F 127 -38.06 26.17 -13.28
CA LYS F 127 -37.56 27.40 -12.68
C LYS F 127 -38.51 28.58 -12.88
N SER F 128 -39.24 28.63 -14.01
CA SER F 128 -39.97 29.86 -14.33
C SER F 128 -41.13 30.11 -13.37
N ASP F 129 -41.71 29.06 -12.79
CA ASP F 129 -42.83 29.24 -11.87
C ASP F 129 -42.80 28.28 -10.68
N GLY F 130 -41.73 27.51 -10.50
CA GLY F 130 -41.65 26.60 -9.37
C GLY F 130 -42.60 25.43 -9.41
N LYS F 131 -43.26 25.18 -10.53
CA LYS F 131 -44.25 24.13 -10.68
C LYS F 131 -43.83 23.12 -11.74
N PRO F 132 -44.36 21.90 -11.66
CA PRO F 132 -44.19 20.93 -12.76
C PRO F 132 -45.17 21.22 -13.90
N ARG F 133 -44.96 20.50 -15.01
CA ARG F 133 -45.75 20.68 -16.21
C ARG F 133 -46.69 19.52 -16.49
N PHE F 134 -46.60 18.43 -15.72
CA PHE F 134 -47.47 17.27 -15.93
C PHE F 134 -48.63 17.35 -14.94
N THR F 135 -49.83 16.95 -15.41
CA THR F 135 -50.96 16.79 -14.51
C THR F 135 -51.70 15.50 -14.83
N VAL F 136 -52.31 14.91 -13.80
CA VAL F 136 -53.25 13.81 -13.94
C VAL F 136 -54.49 14.20 -13.15
N ASP F 137 -55.62 14.35 -13.85
CA ASP F 137 -56.86 14.85 -13.25
C ASP F 137 -56.61 16.15 -12.49
N GLY F 138 -55.85 17.05 -13.11
CA GLY F 138 -55.53 18.33 -12.52
C GLY F 138 -54.50 18.30 -11.41
N LYS F 139 -54.00 17.11 -11.01
CA LYS F 139 -53.07 17.12 -9.90
C LYS F 139 -51.62 16.97 -10.39
N PRO F 140 -50.66 17.59 -9.70
CA PRO F 140 -49.30 17.69 -10.26
C PRO F 140 -48.57 16.36 -10.23
N ILE F 141 -47.86 16.07 -11.32
CA ILE F 141 -46.90 14.97 -11.41
C ILE F 141 -45.52 15.60 -11.61
N TYR F 142 -44.55 15.18 -10.82
CA TYR F 142 -43.29 15.91 -10.76
C TYR F 142 -42.28 15.36 -11.77
N HIS F 143 -41.32 16.22 -12.14
CA HIS F 143 -40.28 15.87 -13.09
C HIS F 143 -39.16 15.09 -12.40
N PHE F 144 -38.27 14.49 -13.20
CA PHE F 144 -37.14 13.73 -12.68
C PHE F 144 -35.87 14.14 -13.45
N MET F 145 -34.84 14.56 -12.70
CA MET F 145 -33.52 14.88 -13.25
C MET F 145 -33.56 15.94 -14.34
N GLY F 146 -34.58 16.80 -14.31
CA GLY F 146 -34.79 17.81 -15.33
C GLY F 146 -35.25 17.30 -16.68
N THR F 147 -35.46 16.00 -16.86
CA THR F 147 -35.70 15.43 -18.19
C THR F 147 -37.05 14.72 -18.31
N SER F 148 -37.39 13.81 -17.39
CA SER F 148 -38.64 13.05 -17.42
C SER F 148 -38.94 12.50 -18.82
N THR F 149 -38.07 11.61 -19.28
CA THR F 149 -38.20 11.13 -20.65
C THR F 149 -39.13 9.93 -20.80
N PHE F 150 -39.72 9.45 -19.71
CA PHE F 150 -40.68 8.34 -19.82
C PHE F 150 -42.09 8.85 -20.14
N SER F 151 -42.18 9.67 -21.19
CA SER F 151 -43.41 10.30 -21.63
C SER F 151 -43.25 10.67 -23.11
N GLU F 152 -44.33 10.53 -23.89
CA GLU F 152 -44.30 10.92 -25.29
C GLU F 152 -43.85 12.36 -25.47
N TYR F 153 -44.32 13.26 -24.61
CA TYR F 153 -43.92 14.66 -24.62
C TYR F 153 -43.42 15.04 -23.23
N THR F 154 -42.36 15.84 -23.19
CA THR F 154 -41.87 16.35 -21.92
C THR F 154 -41.48 17.81 -22.11
N VAL F 155 -41.36 18.53 -20.99
CA VAL F 155 -40.97 19.93 -21.01
C VAL F 155 -39.70 20.07 -20.18
N VAL F 156 -38.69 20.73 -20.77
CA VAL F 156 -37.38 20.84 -20.14
C VAL F 156 -36.90 22.28 -20.25
N HIS F 157 -35.92 22.62 -19.40
CA HIS F 157 -35.30 23.93 -19.51
C HIS F 157 -34.44 24.00 -20.76
N GLU F 158 -34.40 25.19 -21.38
CA GLU F 158 -33.55 25.42 -22.56
C GLU F 158 -32.09 25.02 -22.29
N GLN F 159 -31.59 25.31 -21.09
CA GLN F 159 -30.22 24.95 -20.73
C GLN F 159 -29.99 23.45 -20.71
N SER F 160 -31.03 22.64 -20.80
CA SER F 160 -30.93 21.19 -20.78
C SER F 160 -31.04 20.55 -22.16
N VAL F 161 -31.12 21.36 -23.23
CA VAL F 161 -31.44 20.86 -24.57
C VAL F 161 -30.18 20.88 -25.44
N ALA F 162 -29.66 19.70 -25.76
CA ALA F 162 -28.55 19.60 -26.70
C ALA F 162 -29.11 19.42 -28.10
N LYS F 163 -28.78 20.32 -29.01
CA LYS F 163 -29.24 20.23 -30.40
C LYS F 163 -28.24 19.42 -31.21
N ILE F 164 -28.71 18.37 -31.87
CA ILE F 164 -27.83 17.36 -32.47
C ILE F 164 -28.08 17.26 -33.98
N ASP F 165 -27.12 16.61 -34.65
CA ASP F 165 -27.21 16.32 -36.07
C ASP F 165 -28.57 15.72 -36.42
N VAL F 166 -29.35 16.48 -37.20
CA VAL F 166 -30.73 16.05 -37.50
C VAL F 166 -30.73 14.73 -38.28
N ASN F 167 -29.57 14.32 -38.80
CA ASN F 167 -29.47 13.06 -39.52
C ASN F 167 -29.09 11.88 -38.65
N ALA F 168 -28.80 12.06 -37.35
CA ALA F 168 -28.46 10.92 -36.52
C ALA F 168 -29.70 10.12 -36.14
N PRO F 169 -29.59 8.80 -36.07
CA PRO F 169 -30.75 7.95 -35.70
C PRO F 169 -31.10 8.06 -34.21
N LEU F 170 -32.33 8.50 -33.94
CA LEU F 170 -32.73 8.82 -32.57
C LEU F 170 -32.80 7.58 -31.69
N ASP F 171 -33.04 6.40 -32.26
CA ASP F 171 -33.10 5.19 -31.45
C ASP F 171 -31.72 4.62 -31.15
N LYS F 172 -30.66 5.26 -31.60
CA LYS F 172 -29.31 4.92 -31.20
C LYS F 172 -28.70 5.98 -30.28
N VAL F 173 -28.81 7.26 -30.65
CA VAL F 173 -28.07 8.29 -29.92
C VAL F 173 -28.77 8.70 -28.65
N CYS F 174 -29.99 8.18 -28.39
CA CYS F 174 -30.59 8.35 -27.07
C CYS F 174 -29.66 7.85 -25.96
N LEU F 175 -28.82 6.84 -26.25
CA LEU F 175 -27.88 6.35 -25.25
C LEU F 175 -26.88 7.42 -24.80
N LEU F 176 -26.59 8.40 -25.66
CA LEU F 176 -25.64 9.43 -25.29
C LEU F 176 -26.19 10.37 -24.22
N GLY F 177 -27.47 10.26 -23.88
CA GLY F 177 -28.01 11.09 -22.83
C GLY F 177 -27.54 10.74 -21.44
N CYS F 178 -26.94 9.56 -21.24
CA CYS F 178 -26.36 9.31 -19.92
C CYS F 178 -25.26 8.25 -19.90
N GLY F 179 -25.64 6.96 -19.92
CA GLY F 179 -24.74 5.91 -19.51
C GLY F 179 -23.47 5.78 -20.33
N VAL F 180 -23.60 5.61 -21.65
CA VAL F 180 -22.40 5.45 -22.48
C VAL F 180 -21.52 6.70 -22.40
N SER F 181 -22.14 7.88 -22.47
CA SER F 181 -21.36 9.12 -22.37
C SER F 181 -20.62 9.20 -21.03
N THR F 182 -21.25 8.73 -19.96
CA THR F 182 -20.59 8.78 -18.65
C THR F 182 -19.35 7.90 -18.64
N GLY F 183 -19.44 6.70 -19.22
CA GLY F 183 -18.28 5.83 -19.26
C GLY F 183 -17.17 6.37 -20.15
N TRP F 184 -17.54 6.86 -21.35
CA TRP F 184 -16.53 7.45 -22.23
C TRP F 184 -15.81 8.62 -21.55
N GLY F 185 -16.56 9.54 -20.96
CA GLY F 185 -15.95 10.73 -20.40
C GLY F 185 -15.16 10.44 -19.14
N ALA F 186 -15.57 9.43 -18.37
CA ALA F 186 -14.72 9.01 -17.26
C ALA F 186 -13.30 8.74 -17.73
N VAL F 187 -13.14 8.17 -18.94
CA VAL F 187 -11.82 7.88 -19.50
C VAL F 187 -11.18 9.16 -20.08
N PHE F 188 -11.91 9.84 -20.95
CA PHE F 188 -11.33 10.92 -21.76
C PHE F 188 -11.22 12.23 -21.00
N ASN F 189 -12.14 12.49 -20.07
CA ASN F 189 -12.18 13.76 -19.35
C ASN F 189 -11.71 13.67 -17.90
N THR F 190 -12.21 12.70 -17.11
CA THR F 190 -11.85 12.65 -15.69
C THR F 190 -10.46 12.04 -15.50
N ALA F 191 -10.26 10.80 -15.97
CA ALA F 191 -8.95 10.16 -15.79
C ALA F 191 -7.92 10.67 -16.80
N LYS F 192 -8.34 11.01 -18.02
CA LYS F 192 -7.44 11.35 -19.13
C LYS F 192 -6.42 10.24 -19.37
N VAL F 193 -6.95 9.03 -19.62
CA VAL F 193 -6.11 7.85 -19.79
C VAL F 193 -5.09 8.03 -20.91
N THR F 194 -3.83 7.67 -20.64
CA THR F 194 -2.73 7.86 -21.58
C THR F 194 -2.45 6.57 -22.35
N ALA F 195 -1.93 6.71 -23.58
CA ALA F 195 -1.63 5.55 -24.40
C ALA F 195 -0.61 4.66 -23.70
N GLY F 196 -0.88 3.35 -23.72
CA GLY F 196 0.04 2.42 -23.09
C GLY F 196 -0.28 2.06 -21.66
N SER F 197 -1.29 2.68 -21.06
CA SER F 197 -1.62 2.51 -19.65
C SER F 197 -2.40 1.23 -19.38
N THR F 198 -2.45 0.83 -18.12
CA THR F 198 -3.27 -0.29 -17.69
C THR F 198 -4.50 0.21 -16.94
N VAL F 199 -5.60 -0.51 -17.11
CA VAL F 199 -6.92 -0.10 -16.65
C VAL F 199 -7.63 -1.31 -16.04
N ALA F 200 -8.37 -1.09 -14.95
CA ALA F 200 -9.33 -2.05 -14.43
C ALA F 200 -10.70 -1.42 -14.36
N VAL F 201 -11.72 -2.18 -14.76
CA VAL F 201 -13.09 -1.71 -14.77
C VAL F 201 -13.92 -2.64 -13.90
N PHE F 202 -14.60 -2.08 -12.90
CA PHE F 202 -15.46 -2.83 -11.99
C PHE F 202 -16.91 -2.61 -12.37
N GLY F 203 -17.54 -3.66 -12.90
CA GLY F 203 -18.95 -3.63 -13.30
C GLY F 203 -19.05 -3.58 -14.80
N LEU F 204 -19.72 -4.55 -15.41
CA LEU F 204 -19.67 -4.69 -16.87
C LEU F 204 -21.05 -4.54 -17.51
N GLY F 205 -21.87 -3.64 -16.96
CA GLY F 205 -23.04 -3.13 -17.64
C GLY F 205 -22.63 -2.10 -18.69
N ALA F 206 -23.62 -1.33 -19.14
CA ALA F 206 -23.37 -0.37 -20.22
C ALA F 206 -22.25 0.60 -19.87
N VAL F 207 -22.25 1.14 -18.65
CA VAL F 207 -21.25 2.14 -18.27
C VAL F 207 -19.85 1.53 -18.28
N GLY F 208 -19.69 0.34 -17.67
CA GLY F 208 -18.37 -0.28 -17.65
C GLY F 208 -17.87 -0.64 -19.03
N LEU F 209 -18.77 -1.12 -19.90
CA LEU F 209 -18.34 -1.44 -21.25
C LEU F 209 -17.87 -0.20 -22.00
N ALA F 210 -18.52 0.93 -21.72
CA ALA F 210 -18.13 2.19 -22.35
C ALA F 210 -16.79 2.67 -21.83
N VAL F 211 -16.51 2.47 -20.53
CA VAL F 211 -15.14 2.69 -20.03
C VAL F 211 -14.15 1.84 -20.81
N ILE F 212 -14.47 0.56 -21.04
CA ILE F 212 -13.56 -0.32 -21.75
C ILE F 212 -13.35 0.17 -23.18
N GLU F 213 -14.45 0.51 -23.85
CA GLU F 213 -14.36 0.98 -25.24
C GLU F 213 -13.49 2.22 -25.34
N ALA F 214 -13.70 3.18 -24.43
CA ALA F 214 -12.91 4.41 -24.44
C ALA F 214 -11.46 4.13 -24.10
N ALA F 215 -11.20 3.26 -23.11
CA ALA F 215 -9.82 3.00 -22.73
C ALA F 215 -9.05 2.36 -23.88
N LYS F 216 -9.71 1.49 -24.66
CA LYS F 216 -9.07 0.94 -25.85
C LYS F 216 -8.75 2.04 -26.86
N ARG F 217 -9.70 2.96 -27.09
CA ARG F 217 -9.45 4.07 -28.00
C ARG F 217 -8.33 4.98 -27.50
N ALA F 218 -8.21 5.16 -26.18
CA ALA F 218 -7.12 5.92 -25.58
C ALA F 218 -5.76 5.20 -25.70
N GLY F 219 -5.76 3.95 -26.15
CA GLY F 219 -4.51 3.23 -26.31
C GLY F 219 -4.06 2.45 -25.08
N ALA F 220 -4.98 2.08 -24.21
CA ALA F 220 -4.58 1.29 -23.04
C ALA F 220 -3.98 -0.04 -23.49
N SER F 221 -2.93 -0.49 -22.79
CA SER F 221 -2.23 -1.72 -23.15
C SER F 221 -2.80 -2.94 -22.47
N ARG F 222 -3.54 -2.76 -21.38
CA ARG F 222 -4.18 -3.85 -20.68
C ARG F 222 -5.46 -3.30 -20.08
N ILE F 223 -6.54 -4.07 -20.20
CA ILE F 223 -7.85 -3.66 -19.69
C ILE F 223 -8.44 -4.87 -18.97
N ILE F 224 -8.50 -4.80 -17.64
CA ILE F 224 -8.97 -5.91 -16.81
C ILE F 224 -10.44 -5.68 -16.45
N ALA F 225 -11.32 -6.54 -16.94
CA ALA F 225 -12.75 -6.44 -16.67
C ALA F 225 -13.11 -7.30 -15.46
N VAL F 226 -13.79 -6.70 -14.48
CA VAL F 226 -14.08 -7.36 -13.21
C VAL F 226 -15.60 -7.37 -12.97
N ASP F 227 -16.18 -8.57 -12.86
CA ASP F 227 -17.60 -8.67 -12.55
C ASP F 227 -17.86 -10.02 -11.90
N ILE F 228 -18.84 -10.05 -10.98
CA ILE F 228 -19.28 -11.31 -10.36
C ILE F 228 -20.29 -12.07 -11.19
N ASP F 229 -20.68 -11.53 -12.36
CA ASP F 229 -21.54 -12.20 -13.34
C ASP F 229 -20.71 -12.53 -14.57
N PRO F 230 -20.12 -13.74 -14.64
CA PRO F 230 -19.23 -14.08 -15.75
C PRO F 230 -19.93 -14.18 -17.11
N THR F 231 -21.26 -14.12 -17.15
CA THR F 231 -21.90 -14.04 -18.46
C THR F 231 -21.63 -12.71 -19.15
N LYS F 232 -21.12 -11.70 -18.42
CA LYS F 232 -20.82 -10.41 -19.04
C LYS F 232 -19.45 -10.36 -19.70
N PHE F 233 -18.64 -11.42 -19.59
CA PHE F 233 -17.25 -11.40 -20.04
C PHE F 233 -17.08 -11.42 -21.56
N PRO F 234 -17.85 -12.23 -22.32
CA PRO F 234 -17.62 -12.25 -23.78
C PRO F 234 -17.83 -10.89 -24.43
N THR F 235 -18.85 -10.16 -24.01
CA THR F 235 -19.08 -8.81 -24.53
C THR F 235 -17.96 -7.86 -24.10
N ALA F 236 -17.50 -7.97 -22.84
CA ALA F 236 -16.37 -7.15 -22.40
C ALA F 236 -15.13 -7.37 -23.26
N LYS F 237 -14.84 -8.64 -23.62
CA LYS F 237 -13.71 -8.91 -24.51
C LYS F 237 -13.92 -8.34 -25.89
N GLU F 238 -15.16 -8.37 -26.38
CA GLU F 238 -15.47 -7.79 -27.69
C GLU F 238 -15.17 -6.30 -27.70
N PHE F 239 -15.45 -5.61 -26.59
CA PHE F 239 -15.21 -4.17 -26.50
C PHE F 239 -13.75 -3.84 -26.23
N GLY F 240 -12.91 -4.85 -25.95
CA GLY F 240 -11.47 -4.65 -25.80
C GLY F 240 -10.82 -5.13 -24.51
N ALA F 241 -11.57 -5.75 -23.60
CA ALA F 241 -10.94 -6.31 -22.41
C ALA F 241 -9.91 -7.36 -22.76
N THR F 242 -8.75 -7.29 -22.10
CA THR F 242 -7.69 -8.29 -22.24
C THR F 242 -7.72 -9.34 -21.14
N ASP F 243 -8.42 -9.09 -20.04
CA ASP F 243 -8.57 -10.02 -18.94
C ASP F 243 -9.97 -9.87 -18.35
N CYS F 244 -10.52 -10.97 -17.83
CA CYS F 244 -11.80 -10.93 -17.13
C CYS F 244 -11.65 -11.64 -15.80
N ILE F 245 -12.20 -11.05 -14.74
CA ILE F 245 -11.99 -11.56 -13.38
C ILE F 245 -13.33 -11.60 -12.66
N ASN F 246 -13.72 -12.80 -12.22
CA ASN F 246 -14.83 -12.98 -11.30
C ASN F 246 -14.27 -12.98 -9.89
N PRO F 247 -14.58 -11.98 -9.06
CA PRO F 247 -14.07 -11.98 -7.68
C PRO F 247 -14.40 -13.25 -6.91
N LYS F 248 -15.45 -13.99 -7.30
CA LYS F 248 -15.84 -15.18 -6.58
C LYS F 248 -14.95 -16.37 -6.88
N ASP F 249 -14.12 -16.30 -7.91
CA ASP F 249 -13.14 -17.35 -8.16
C ASP F 249 -11.88 -17.18 -7.31
N HIS F 250 -11.88 -16.26 -6.35
CA HIS F 250 -10.69 -15.90 -5.61
C HIS F 250 -10.99 -15.76 -4.12
N GLU F 251 -10.08 -16.29 -3.30
CA GLU F 251 -10.20 -16.16 -1.85
C GLU F 251 -9.81 -14.77 -1.39
N LYS F 252 -8.76 -14.21 -1.96
CA LYS F 252 -8.28 -12.90 -1.53
C LYS F 252 -9.28 -11.81 -1.91
N PRO F 253 -9.28 -10.69 -1.20
CA PRO F 253 -10.12 -9.55 -1.64
C PRO F 253 -9.74 -9.16 -3.06
N ILE F 254 -10.71 -8.62 -3.81
CA ILE F 254 -10.48 -8.41 -5.24
C ILE F 254 -9.35 -7.42 -5.45
N GLN F 255 -9.24 -6.38 -4.60
CA GLN F 255 -8.15 -5.43 -4.77
C GLN F 255 -6.80 -6.11 -4.70
N GLN F 256 -6.66 -7.10 -3.80
CA GLN F 256 -5.40 -7.84 -3.72
C GLN F 256 -5.13 -8.66 -4.98
N VAL F 257 -6.17 -9.28 -5.53
CA VAL F 257 -6.01 -10.04 -6.77
C VAL F 257 -5.50 -9.13 -7.88
N ILE F 258 -6.12 -7.95 -8.03
CA ILE F 258 -5.72 -7.07 -9.12
C ILE F 258 -4.29 -6.61 -8.92
N VAL F 259 -3.91 -6.25 -7.69
CA VAL F 259 -2.53 -5.84 -7.46
C VAL F 259 -1.56 -6.95 -7.79
N GLU F 260 -1.88 -8.18 -7.37
CA GLU F 260 -1.01 -9.31 -7.69
C GLU F 260 -0.89 -9.51 -9.19
N MET F 261 -2.00 -9.37 -9.94
CA MET F 261 -1.92 -9.52 -11.40
C MET F 261 -1.02 -8.47 -12.06
N THR F 262 -0.91 -7.28 -11.45
CA THR F 262 -0.23 -6.13 -12.06
C THR F 262 0.99 -5.68 -11.26
N GLU F 263 1.38 -6.46 -10.26
CA GLU F 263 2.45 -6.17 -9.31
C GLU F 263 2.08 -5.05 -8.35
N TRP F 264 1.68 -3.89 -8.87
CA TRP F 264 1.44 -2.71 -8.02
C TRP F 264 0.04 -2.12 -8.16
N GLY F 265 -0.80 -2.65 -9.05
CA GLY F 265 -2.07 -2.03 -9.37
C GLY F 265 -2.12 -1.56 -10.81
N CYS F 266 -3.27 -1.02 -11.19
CA CYS F 266 -3.48 -0.52 -12.54
C CYS F 266 -3.30 1.00 -12.57
N ASP F 267 -2.79 1.53 -13.69
CA ASP F 267 -2.65 2.98 -13.83
C ASP F 267 -3.97 3.70 -13.56
N TYR F 268 -5.09 3.12 -13.99
CA TYR F 268 -6.42 3.70 -13.80
C TYR F 268 -7.42 2.61 -13.43
N THR F 269 -8.31 2.90 -12.49
CA THR F 269 -9.41 2.01 -12.19
C THR F 269 -10.73 2.78 -12.17
N PHE F 270 -11.82 2.09 -12.51
CA PHE F 270 -13.14 2.72 -12.65
C PHE F 270 -14.15 1.86 -11.92
N GLU F 271 -14.95 2.46 -11.04
CA GLU F 271 -16.04 1.74 -10.39
C GLU F 271 -17.33 2.16 -11.07
N CYS F 272 -18.03 1.19 -11.65
CA CYS F 272 -19.22 1.42 -12.48
C CYS F 272 -20.42 0.63 -11.95
N ILE F 273 -20.58 0.58 -10.64
CA ILE F 273 -21.65 -0.17 -9.97
C ILE F 273 -22.47 0.73 -9.07
N GLY F 274 -21.81 1.49 -8.20
CA GLY F 274 -22.48 2.17 -7.11
C GLY F 274 -22.40 1.47 -5.76
N ASN F 275 -21.41 0.61 -5.57
CA ASN F 275 -21.22 -0.15 -4.34
C ASN F 275 -19.98 0.41 -3.62
N THR F 276 -20.17 0.94 -2.41
CA THR F 276 -19.05 1.63 -1.75
C THR F 276 -17.91 0.70 -1.39
N ALA F 277 -18.18 -0.58 -1.15
CA ALA F 277 -17.10 -1.53 -0.90
C ALA F 277 -16.26 -1.73 -2.15
N VAL F 278 -16.90 -1.80 -3.31
CA VAL F 278 -16.14 -1.95 -4.54
C VAL F 278 -15.40 -0.65 -4.86
N MET F 279 -15.98 0.50 -4.48
CA MET F 279 -15.27 1.76 -4.68
C MET F 279 -13.94 1.74 -3.94
N ARG F 280 -13.98 1.31 -2.67
CA ARG F 280 -12.73 1.16 -1.92
C ARG F 280 -11.79 0.19 -2.62
N ALA F 281 -12.33 -0.93 -3.13
CA ALA F 281 -11.47 -1.92 -3.79
C ALA F 281 -10.78 -1.31 -5.01
N ALA F 282 -11.51 -0.53 -5.79
CA ALA F 282 -10.92 0.05 -7.00
C ALA F 282 -9.83 1.06 -6.66
N LEU F 283 -10.01 1.84 -5.60
CA LEU F 283 -8.95 2.76 -5.14
C LEU F 283 -7.73 1.96 -4.72
N GLU F 284 -7.92 0.88 -3.95
CA GLU F 284 -6.78 0.15 -3.40
C GLU F 284 -6.05 -0.71 -4.43
N CYS F 285 -6.60 -0.96 -5.62
CA CYS F 285 -5.79 -1.57 -6.66
C CYS F 285 -5.42 -0.59 -7.77
N ALA F 286 -5.61 0.71 -7.56
CA ALA F 286 -4.90 1.69 -8.36
C ALA F 286 -3.40 1.63 -8.05
N HIS F 287 -2.58 1.86 -9.09
CA HIS F 287 -1.13 1.69 -8.99
C HIS F 287 -0.52 2.53 -7.87
N ARG F 288 0.37 1.90 -7.09
CA ARG F 288 1.17 2.63 -6.11
C ARG F 288 1.90 3.81 -6.78
N GLY F 289 1.96 4.94 -6.08
CA GLY F 289 2.71 6.07 -6.61
C GLY F 289 1.98 7.06 -7.50
N TRP F 290 1.02 6.59 -8.32
CA TRP F 290 0.36 7.50 -9.27
C TRP F 290 -1.03 7.07 -9.72
N GLY F 291 -1.52 5.94 -9.23
CA GLY F 291 -2.76 5.39 -9.75
C GLY F 291 -3.95 6.29 -9.48
N THR F 292 -4.88 6.34 -10.44
CA THR F 292 -6.10 7.13 -10.34
C THR F 292 -7.31 6.20 -10.33
N SER F 293 -8.22 6.42 -9.40
CA SER F 293 -9.45 5.64 -9.37
C SER F 293 -10.64 6.58 -9.52
N VAL F 294 -11.56 6.30 -10.45
CA VAL F 294 -12.70 7.18 -10.74
C VAL F 294 -13.99 6.46 -10.33
N ILE F 295 -14.74 7.07 -9.42
CA ILE F 295 -16.10 6.64 -9.10
C ILE F 295 -17.04 7.12 -10.22
N VAL F 296 -17.63 6.17 -10.94
CA VAL F 296 -18.63 6.49 -11.96
C VAL F 296 -20.04 6.17 -11.45
N GLY F 297 -20.20 5.07 -10.66
CA GLY F 297 -21.50 4.66 -10.19
C GLY F 297 -22.05 5.49 -9.03
N VAL F 298 -23.35 5.33 -8.79
CA VAL F 298 -24.11 6.14 -7.84
C VAL F 298 -24.45 5.27 -6.62
N ALA F 299 -23.87 5.60 -5.48
CA ALA F 299 -24.11 4.86 -4.23
C ALA F 299 -25.39 5.33 -3.55
N ALA F 300 -25.95 4.45 -2.73
CA ALA F 300 -27.13 4.79 -1.93
C ALA F 300 -26.81 5.92 -0.96
N ALA F 301 -27.67 6.93 -0.92
CA ALA F 301 -27.39 8.15 -0.19
C ALA F 301 -27.09 7.88 1.28
N GLY F 302 -26.04 8.54 1.79
CA GLY F 302 -25.62 8.39 3.16
C GLY F 302 -24.43 7.46 3.35
N GLN F 303 -24.38 6.38 2.56
CA GLN F 303 -23.32 5.38 2.68
C GLN F 303 -21.96 5.99 2.37
N GLU F 304 -20.97 5.72 3.23
CA GLU F 304 -19.67 6.36 3.10
C GLU F 304 -18.66 5.45 2.41
N ILE F 305 -17.68 6.06 1.74
CA ILE F 305 -16.51 5.36 1.26
C ILE F 305 -15.39 5.62 2.26
N SER F 306 -14.48 4.65 2.38
CA SER F 306 -13.37 4.72 3.33
C SER F 306 -12.14 4.04 2.71
N THR F 307 -10.97 4.42 3.23
CA THR F 307 -9.70 3.74 2.97
C THR F 307 -8.71 4.25 4.02
N ARG F 308 -7.52 3.66 4.01
CA ARG F 308 -6.49 4.22 4.88
C ARG F 308 -5.80 5.39 4.18
N PRO F 309 -5.54 6.49 4.88
CA PRO F 309 -4.91 7.64 4.20
C PRO F 309 -3.54 7.32 3.61
N PHE F 310 -2.87 6.29 4.14
CA PHE F 310 -1.64 5.77 3.55
C PHE F 310 -1.79 5.47 2.06
N GLN F 311 -2.99 5.06 1.64
CA GLN F 311 -3.20 4.80 0.21
C GLN F 311 -3.01 6.05 -0.64
N LEU F 312 -3.39 7.22 -0.15
CA LEU F 312 -3.24 8.46 -0.92
C LEU F 312 -1.87 9.07 -0.71
N VAL F 313 -1.34 9.01 0.53
CA VAL F 313 0.02 9.48 0.77
C VAL F 313 1.00 8.74 -0.14
N THR F 314 0.78 7.45 -0.38
CA THR F 314 1.66 6.72 -1.29
C THR F 314 1.18 6.74 -2.75
N GLY F 315 0.42 7.76 -3.12
CA GLY F 315 0.35 8.19 -4.50
C GLY F 315 -0.96 7.96 -5.23
N ARG F 316 -1.94 7.29 -4.64
CA ARG F 316 -3.18 7.07 -5.37
C ARG F 316 -4.07 8.31 -5.28
N ARG F 317 -4.96 8.48 -6.28
CA ARG F 317 -5.83 9.64 -6.37
C ARG F 317 -7.27 9.17 -6.55
N TRP F 318 -8.17 9.67 -5.70
CA TRP F 318 -9.58 9.27 -5.67
C TRP F 318 -10.42 10.39 -6.25
N MET F 319 -11.17 10.09 -7.30
CA MET F 319 -12.00 11.13 -7.91
C MET F 319 -13.30 10.51 -8.40
N GLY F 320 -14.15 11.34 -8.98
CA GLY F 320 -15.44 10.85 -9.44
C GLY F 320 -15.85 11.65 -10.66
N THR F 321 -16.95 11.23 -11.28
CA THR F 321 -17.42 11.97 -12.45
C THR F 321 -18.93 12.00 -12.45
N ALA F 322 -19.48 13.05 -13.05
CA ALA F 322 -20.91 13.18 -13.32
C ALA F 322 -21.09 13.38 -14.82
N PHE F 323 -21.84 12.49 -15.47
CA PHE F 323 -22.05 12.57 -16.93
C PHE F 323 -20.72 12.67 -17.68
N GLY F 324 -19.72 11.92 -17.20
CA GLY F 324 -18.40 11.87 -17.84
C GLY F 324 -17.68 13.19 -17.97
N GLY F 325 -18.11 14.20 -17.20
CA GLY F 325 -17.50 15.51 -17.29
C GLY F 325 -17.80 16.30 -18.55
N TYR F 326 -18.69 15.80 -19.42
CA TYR F 326 -19.02 16.49 -20.66
C TYR F 326 -19.87 17.73 -20.36
N LYS F 327 -19.46 18.88 -20.90
CA LYS F 327 -20.32 20.07 -20.85
C LYS F 327 -21.46 19.84 -21.85
N SER F 328 -22.68 19.65 -21.34
CA SER F 328 -23.68 18.89 -22.10
C SER F 328 -24.03 19.54 -23.45
N ARG F 329 -24.52 20.78 -23.43
CA ARG F 329 -25.02 21.31 -24.69
C ARG F 329 -23.90 21.56 -25.70
N VAL F 330 -22.66 21.73 -25.22
CA VAL F 330 -21.54 21.95 -26.13
C VAL F 330 -21.05 20.63 -26.71
N GLN F 331 -20.94 19.59 -25.86
CA GLN F 331 -20.19 18.40 -26.24
C GLN F 331 -21.05 17.20 -26.62
N VAL F 332 -22.29 17.11 -26.14
CA VAL F 332 -23.17 16.05 -26.65
C VAL F 332 -23.28 16.10 -28.14
N PRO F 333 -23.42 17.27 -28.81
CA PRO F 333 -23.35 17.28 -30.28
C PRO F 333 -22.04 16.71 -30.83
N ASP F 334 -20.91 16.91 -30.14
CA ASP F 334 -19.63 16.35 -30.62
C ASP F 334 -19.64 14.84 -30.54
N LEU F 335 -20.24 14.29 -29.48
CA LEU F 335 -20.38 12.84 -29.37
C LEU F 335 -21.23 12.28 -30.50
N VAL F 336 -22.31 12.98 -30.87
CA VAL F 336 -23.14 12.52 -31.98
C VAL F 336 -22.34 12.53 -33.29
N THR F 337 -21.55 13.60 -33.50
CA THR F 337 -20.68 13.68 -34.66
C THR F 337 -19.68 12.53 -34.69
N ASP F 338 -19.09 12.20 -33.55
CA ASP F 338 -18.16 11.07 -33.55
C ASP F 338 -18.86 9.78 -33.91
N TYR F 339 -20.09 9.59 -33.40
CA TYR F 339 -20.89 8.45 -33.83
C TYR F 339 -21.14 8.46 -35.34
N MET F 340 -21.52 9.61 -35.88
CA MET F 340 -21.80 9.70 -37.31
C MET F 340 -20.55 9.45 -38.14
N SER F 341 -19.36 9.60 -37.55
CA SER F 341 -18.14 9.33 -38.32
C SER F 341 -17.79 7.85 -38.37
N GLY F 342 -18.59 7.00 -37.72
CA GLY F 342 -18.29 5.58 -37.65
C GLY F 342 -17.21 5.17 -36.67
N ALA F 343 -16.85 6.05 -35.74
CA ALA F 343 -15.72 5.79 -34.85
C ALA F 343 -16.08 5.02 -33.58
N THR F 344 -17.36 4.80 -33.30
CA THR F 344 -17.78 4.23 -32.03
C THR F 344 -18.47 2.88 -32.22
N LEU F 345 -18.66 2.21 -31.09
CA LEU F 345 -19.43 0.97 -31.00
C LEU F 345 -20.80 1.19 -30.40
N LEU F 346 -21.33 2.40 -30.50
CA LEU F 346 -22.59 2.73 -29.85
C LEU F 346 -23.69 1.74 -30.19
N ASP F 347 -23.71 1.24 -31.43
CA ASP F 347 -24.80 0.36 -31.83
C ASP F 347 -24.81 -0.94 -31.02
N LYS F 348 -23.64 -1.37 -30.52
CA LYS F 348 -23.51 -2.64 -29.83
C LYS F 348 -24.02 -2.61 -28.39
N TYR F 349 -24.37 -1.44 -27.85
CA TYR F 349 -24.92 -1.40 -26.50
C TYR F 349 -26.39 -1.75 -26.43
N ILE F 350 -27.09 -1.78 -27.56
CA ILE F 350 -28.53 -1.96 -27.54
C ILE F 350 -28.81 -3.44 -27.70
N THR F 351 -29.27 -4.06 -26.62
CA THR F 351 -29.57 -5.49 -26.66
C THR F 351 -31.04 -5.77 -26.93
N HIS F 352 -31.93 -4.83 -26.61
CA HIS F 352 -33.36 -5.02 -26.76
C HIS F 352 -33.99 -3.74 -27.31
N ASN F 353 -34.90 -3.89 -28.26
CA ASN F 353 -35.73 -2.79 -28.73
C ASN F 353 -37.17 -3.16 -28.43
N MET F 354 -37.79 -2.44 -27.49
CA MET F 354 -39.12 -2.80 -27.03
C MET F 354 -40.06 -1.60 -27.15
N LYS F 355 -41.36 -1.88 -27.05
CA LYS F 355 -42.37 -0.84 -27.05
C LYS F 355 -42.50 -0.22 -25.67
N PHE F 356 -42.91 1.04 -25.64
CA PHE F 356 -43.02 1.75 -24.37
C PHE F 356 -43.93 1.01 -23.39
N ASP F 357 -44.96 0.32 -23.90
CA ASP F 357 -45.90 -0.38 -23.03
C ASP F 357 -45.21 -1.44 -22.19
N GLN F 358 -44.09 -1.99 -22.66
CA GLN F 358 -43.33 -3.00 -21.94
C GLN F 358 -42.28 -2.38 -20.99
N ILE F 359 -42.47 -1.14 -20.54
CA ILE F 359 -41.42 -0.48 -19.75
C ILE F 359 -41.13 -1.25 -18.48
N ASN F 360 -42.16 -1.82 -17.83
CA ASN F 360 -41.89 -2.53 -16.59
C ASN F 360 -41.08 -3.80 -16.84
N GLU F 361 -41.28 -4.44 -18.01
CA GLU F 361 -40.42 -5.57 -18.34
C GLU F 361 -38.99 -5.12 -18.54
N ALA F 362 -38.78 -3.90 -19.06
CA ALA F 362 -37.41 -3.42 -19.22
C ALA F 362 -36.74 -3.24 -17.87
N PHE F 363 -37.49 -2.80 -16.86
CA PHE F 363 -36.92 -2.73 -15.52
C PHE F 363 -36.54 -4.11 -14.99
N GLU F 364 -37.34 -5.13 -15.34
CA GLU F 364 -37.01 -6.47 -14.88
C GLU F 364 -35.78 -7.02 -15.58
N LEU F 365 -35.65 -6.77 -16.89
CA LEU F 365 -34.42 -7.15 -17.58
C LEU F 365 -33.20 -6.47 -16.96
N LEU F 366 -33.31 -5.17 -16.68
CA LEU F 366 -32.18 -4.45 -16.09
C LEU F 366 -31.83 -5.02 -14.73
N HIS F 367 -32.85 -5.21 -13.87
CA HIS F 367 -32.62 -5.74 -12.53
C HIS F 367 -32.01 -7.14 -12.57
N ALA F 368 -32.28 -7.92 -13.63
CA ALA F 368 -31.70 -9.25 -13.70
C ALA F 368 -30.31 -9.24 -14.31
N GLY F 369 -29.83 -8.09 -14.79
CA GLY F 369 -28.62 -8.06 -15.59
C GLY F 369 -28.72 -8.74 -16.93
N GLU F 370 -29.92 -8.87 -17.49
CA GLU F 370 -30.16 -9.58 -18.74
C GLU F 370 -30.20 -8.65 -19.95
N CYS F 371 -29.76 -7.41 -19.80
CA CYS F 371 -29.66 -6.49 -20.92
C CYS F 371 -28.47 -5.58 -20.67
N LEU F 372 -27.98 -4.97 -21.74
CA LEU F 372 -27.13 -3.80 -21.59
C LEU F 372 -27.99 -2.54 -21.60
N ARG F 373 -28.64 -2.27 -22.73
CA ARG F 373 -29.58 -1.18 -22.84
C ARG F 373 -30.81 -1.66 -23.62
N CYS F 374 -31.99 -1.30 -23.11
CA CYS F 374 -33.27 -1.50 -23.79
C CYS F 374 -33.77 -0.14 -24.25
N VAL F 375 -33.96 0.01 -25.56
CA VAL F 375 -34.46 1.27 -26.11
C VAL F 375 -35.96 1.13 -26.34
N LEU F 376 -36.73 2.02 -25.73
CA LEU F 376 -38.19 2.05 -25.87
C LEU F 376 -38.62 3.05 -26.93
N THR F 377 -39.65 2.70 -27.69
CA THR F 377 -40.28 3.59 -28.67
C THR F 377 -41.78 3.53 -28.48
N PHE F 378 -42.46 4.59 -28.90
CA PHE F 378 -43.90 4.66 -28.66
C PHE F 378 -44.69 4.00 -29.80
ZN ZN G . 11.40 15.32 9.71
ZN ZN H . 14.14 3.73 -7.57
C1 PEG I . 10.01 26.74 -6.92
O1 PEG I . 9.21 26.21 -7.94
C2 PEG I . 10.84 25.67 -6.19
O2 PEG I . 11.63 24.99 -7.14
C3 PEG I . 12.77 24.35 -6.67
C4 PEG I . 12.74 22.89 -7.07
O4 PEG I . 12.54 22.75 -8.45
C1 PEG J . 16.37 -7.88 7.56
O1 PEG J . 17.25 -8.93 7.23
C2 PEG J . 16.02 -7.04 6.34
O2 PEG J . 14.96 -7.62 5.61
C3 PEG J . 14.49 -6.76 4.61
C4 PEG J . 13.70 -7.57 3.59
O4 PEG J . 14.30 -8.82 3.44
C1 PEG K . 21.95 14.21 -10.74
O1 PEG K . 23.13 14.13 -11.49
C2 PEG K . 21.83 13.05 -9.76
O2 PEG K . 21.32 11.91 -10.41
C3 PEG K . 21.39 10.71 -9.68
C4 PEG K . 20.98 9.57 -10.60
O4 PEG K . 21.77 8.43 -10.40
CL CL L . 20.56 -7.51 -3.30
ZN ZN M . -26.09 0.25 25.20
ZN ZN N . -26.10 14.63 40.37
C1 PEG O . -21.62 27.24 32.55
O1 PEG O . -22.44 27.55 33.66
C2 PEG O . -20.52 26.26 32.95
O2 PEG O . -21.09 25.10 33.51
C3 PEG O . -20.16 24.18 34.01
C4 PEG O . -20.78 22.78 34.04
O4 PEG O . -20.74 22.14 32.78
ZN ZN P . -4.51 -13.26 66.80
ZN ZN Q . 8.95 -11.79 52.02
C1 PEG R . -15.32 9.65 50.65
O1 PEG R . -16.17 10.14 51.65
C2 PEG R . -14.14 8.84 51.16
O2 PEG R . -14.05 7.69 50.37
C3 PEG R . -13.40 7.85 49.12
C4 PEG R . -13.54 6.56 48.34
O4 PEG R . -12.33 6.21 47.71
C1 PEG S . 14.46 -5.36 57.15
O1 PEG S . 15.30 -6.45 56.91
C2 PEG S . 13.92 -5.39 58.58
O2 PEG S . 14.48 -4.35 59.35
C3 PEG S . 13.75 -3.16 59.39
C4 PEG S . 14.36 -2.24 60.44
O4 PEG S . 15.70 -2.01 60.13
CL CL T . -24.17 9.67 58.23
ZN ZN U . 16.64 16.60 -37.35
ZN ZN V . 0.70 2.85 -36.95
C1 PEG W . -14.50 14.53 -28.51
O1 PEG W . -15.09 13.96 -29.64
C2 PEG W . -13.01 14.70 -28.71
O2 PEG W . -12.67 16.02 -28.36
C3 PEG W . -13.53 17.03 -28.82
C4 PEG W . -12.77 18.11 -29.58
O4 PEG W . -13.59 19.25 -29.66
C1 PEG X . 12.40 -5.63 -28.15
O1 PEG X . 12.24 -6.80 -28.89
C2 PEG X . 12.13 -4.40 -29.02
O2 PEG X . 12.91 -3.30 -28.65
C3 PEG X . 13.30 -3.30 -27.30
C4 PEG X . 14.44 -2.31 -27.09
O4 PEG X . 15.04 -2.60 -25.85
C1 PEG Y . 18.81 2.06 -20.00
O1 PEG Y . 20.08 2.47 -19.54
C2 PEG Y . 18.45 2.74 -21.32
O2 PEG Y . 17.56 3.78 -21.10
C3 PEG Y . 17.69 4.85 -22.01
C4 PEG Y . 16.62 5.91 -21.79
O4 PEG Y . 15.35 5.36 -22.02
ZN ZN Z . 28.68 -30.24 -49.79
ZN ZN AA . 36.28 -23.82 -31.42
C1 PEG BA . 31.04 -33.02 -23.98
O1 PEG BA . 31.60 -34.29 -23.73
C2 PEG BA . 31.52 -32.41 -25.30
O2 PEG BA . 30.94 -33.08 -26.40
C3 PEG BA . 30.51 -32.26 -27.46
C4 PEG BA . 29.88 -33.15 -28.52
O4 PEG BA . 28.54 -33.50 -28.20
C1 PEG CA . 25.70 -10.89 -28.99
O1 PEG CA . 25.50 -10.88 -30.38
C2 PEG CA . 26.79 -9.92 -28.53
O2 PEG CA . 27.86 -10.70 -28.06
C3 PEG CA . 28.99 -10.01 -27.62
C4 PEG CA . 29.77 -10.99 -26.74
O4 PEG CA . 31.08 -11.05 -27.22
ZN ZN DA . -28.17 7.64 -15.83
ZN ZN EA . -23.78 27.04 -16.05
C1 PEG FA . -14.39 10.33 -28.46
O1 PEG FA . -14.94 11.62 -28.50
C2 PEG FA . -15.51 9.28 -28.26
O2 PEG FA . -14.96 7.98 -28.35
C3 PEG FA . -15.90 7.03 -27.88
C4 PEG FA . -15.60 5.61 -28.32
O4 PEG FA . -15.04 5.55 -29.60
C1 PEG GA . -9.01 27.97 -10.78
O1 PEG GA . -10.27 28.50 -10.44
C2 PEG GA . -9.08 26.49 -10.47
O2 PEG GA . -7.91 25.82 -10.82
C3 PEG GA . -8.09 24.43 -10.79
C4 PEG GA . -7.82 23.88 -12.19
O4 PEG GA . -7.85 22.47 -12.11
#